data_9DDB
#
_entry.id   9DDB
#
_cell.length_a   1.00
_cell.length_b   1.00
_cell.length_c   1.00
_cell.angle_alpha   90.00
_cell.angle_beta   90.00
_cell.angle_gamma   90.00
#
_symmetry.space_group_name_H-M   'P 1'
#
loop_
_entity.id
_entity.type
_entity.pdbx_description
1 polymer 'Glycoprotein B'
2 branched 2-acetamido-2-deoxy-beta-D-glucopyranose-(1-4)-2-acetamido-2-deoxy-beta-D-glucopyranose
3 branched beta-D-mannopyranose-(1-4)-2-acetamido-2-deoxy-beta-D-glucopyranose-(1-4)-2-acetamido-2-deoxy-beta-D-glucopyranose
4 non-polymer 2-acetamido-2-deoxy-beta-D-glucopyranose
#
_entity_poly.entity_id   1
_entity_poly.type   'polypeptide(L)'
_entity_poly.pdbx_seq_one_letter_code
;MHQGAPSWGRRWFVVWALLGLTLGVLVASAAPSSPGTPGVAAATQAANGGPATPAPPALGAAPTGDPKPKKNKKPKNPTP
PRPAGDNATVAAGHATLREHLRDIKAENTDANFYVCPPPTGATVVQFEQPRRCPTRPEGQNYTEGIAVVFKENIAPYKFK
ATMYYKDVTVSQVWFGHRYSQFMGIFEDRAPVPFEEVIDKINAKGVCRSTAKYVRNNLETTAFHRDDHETDMELKPANAA
TRTSRGWHTTDLKYNPSRVEAFHRYGTTVNCIVEEVDARSVYPYDEFVLATGDFVYMSPFYGYREGSHTEHTSYAADRFK
QVDGFYARDLTTKARATAPTTRNLLTTPKFTVAWDWVPKRPSVCTMTKWQEVDEMLRSEYGGSFRFSSDAISTTFTTNLT
EYPLSRVDLGDCIGKDARDAMDRIFARRYNATHIKVGQPQYYLANGGFLIAYQPLLSNTLAELYVREHLREQSRKPPNPT
PPPPGASANASVERIKTTSSIEFARLQFTYNHIQRPVNDMLGRVAIAWCEEQNHELTLWNEARKLNPNAIASVTVGRRVS
ARMLGDVMAVSTCVPVAADNVIVQNSMRISSRPGACYSRPLVSFRYEDQGPLVEGQLGENNELRLTRDAIEPCTVGHRRY
FTFGGGYVYFEEYAYSHQLSRADITTVSTFIDLNITMLEDHEFVPLEVYTRHEIKDSGLLDYTEVQRRNQLHDLRFADID
TVIHADANGSGYIPEAPRDGQAYVRKDGEWVLLSTFLGRSLEVLFQGPGHHHHHHHHSAWSHPQFEKGGGSGGGGSGGSA
WSHPQFEK
;
_entity_poly.pdbx_strand_id   C,D,E
#
# COMPACT_ATOMS: atom_id res chain seq x y z
N THR A 109 -11.63 19.69 -23.30
CA THR A 109 -10.18 19.96 -23.08
C THR A 109 -9.45 18.69 -22.61
N ASP A 110 -8.18 18.58 -22.98
CA ASP A 110 -7.34 17.45 -22.62
C ASP A 110 -6.07 17.94 -21.93
N ALA A 111 -5.62 17.17 -20.95
CA ALA A 111 -4.41 17.51 -20.22
C ALA A 111 -3.17 17.17 -21.04
N ASN A 112 -2.05 17.76 -20.65
CA ASN A 112 -0.79 17.53 -21.34
C ASN A 112 -0.19 16.20 -20.92
N PHE A 113 0.40 15.49 -21.89
CA PHE A 113 1.02 14.21 -21.63
C PHE A 113 2.39 14.42 -20.98
N TYR A 114 3.03 13.31 -20.62
CA TYR A 114 4.34 13.37 -19.98
C TYR A 114 5.14 12.14 -20.37
N VAL A 115 6.37 12.33 -20.82
CA VAL A 115 7.27 11.25 -21.19
C VAL A 115 8.42 11.30 -20.18
N CYS A 116 8.29 10.51 -19.13
CA CYS A 116 9.28 10.47 -18.06
C CYS A 116 10.47 9.59 -18.45
N PRO A 117 11.70 10.10 -18.44
CA PRO A 117 12.85 9.26 -18.79
C PRO A 117 13.40 8.56 -17.56
N PRO A 118 14.15 7.48 -17.72
CA PRO A 118 14.71 6.80 -16.54
C PRO A 118 15.78 7.64 -15.87
N PRO A 119 15.63 7.97 -14.58
CA PRO A 119 16.68 8.77 -13.93
C PRO A 119 18.00 8.01 -13.87
N THR A 120 19.10 8.75 -14.01
CA THR A 120 20.44 8.17 -13.98
C THR A 120 21.12 8.30 -12.62
N GLY A 121 20.43 8.82 -11.61
CA GLY A 121 21.00 8.97 -10.30
C GLY A 121 21.71 10.29 -10.06
N ALA A 122 21.52 11.29 -10.93
CA ALA A 122 22.18 12.58 -10.72
C ALA A 122 21.71 13.21 -9.42
N THR A 123 20.40 13.12 -9.15
CA THR A 123 19.80 13.66 -7.93
C THR A 123 19.34 12.48 -7.09
N VAL A 124 19.82 12.42 -5.85
CA VAL A 124 19.50 11.35 -4.93
C VAL A 124 18.70 11.92 -3.76
N VAL A 125 17.64 11.24 -3.33
CA VAL A 125 16.76 11.78 -2.26
C VAL A 125 16.36 10.66 -1.30
N GLN A 126 17.01 10.57 -0.14
CA GLN A 126 16.60 9.58 0.89
C GLN A 126 15.21 10.02 1.39
N PHE A 127 14.45 9.09 1.96
CA PHE A 127 13.08 9.40 2.45
C PHE A 127 13.03 9.03 3.94
N GLU A 128 12.49 9.90 4.80
CA GLU A 128 12.48 9.70 6.28
C GLU A 128 11.98 8.29 6.65
N GLN A 129 12.50 7.71 7.74
CA GLN A 129 12.08 6.37 8.24
C GLN A 129 11.41 6.50 9.61
N PRO A 130 10.49 5.58 10.01
CA PRO A 130 9.79 5.72 11.27
C PRO A 130 10.76 5.92 12.41
N ARG A 131 10.45 6.81 13.34
CA ARG A 131 11.32 7.08 14.51
C ARG A 131 10.89 6.12 15.63
N ARG A 132 11.41 6.30 16.86
CA ARG A 132 11.01 5.46 18.02
C ARG A 132 10.31 6.38 19.03
N CYS A 133 8.99 6.25 19.15
CA CYS A 133 8.18 7.12 20.05
C CYS A 133 8.25 6.58 21.49
N PRO A 134 8.13 7.41 22.53
CA PRO A 134 8.15 6.94 23.90
C PRO A 134 6.81 6.31 24.24
N THR A 135 6.81 5.10 24.81
CA THR A 135 5.57 4.45 25.22
C THR A 135 4.83 5.28 26.26
N ARG A 136 5.55 6.00 27.11
CA ARG A 136 4.98 6.85 28.15
C ARG A 136 5.72 8.18 28.12
N PRO A 137 5.02 9.31 28.36
CA PRO A 137 5.74 10.60 28.33
C PRO A 137 6.69 10.77 29.50
N GLU A 138 7.99 10.75 29.22
CA GLU A 138 9.02 10.90 30.23
C GLU A 138 9.80 12.20 30.08
N GLY A 139 9.47 13.05 29.11
CA GLY A 139 10.17 14.30 28.94
C GLY A 139 9.89 15.26 30.08
N GLN A 140 10.67 16.33 30.10
CA GLN A 140 10.56 17.36 31.13
C GLN A 140 10.61 18.73 30.48
N ASN A 141 10.01 19.71 31.15
CA ASN A 141 9.96 21.10 30.70
C ASN A 141 9.34 21.21 29.30
N TYR A 142 8.11 20.72 29.19
CA TYR A 142 7.37 20.77 27.94
C TYR A 142 6.92 22.20 27.66
N THR A 143 6.87 22.56 26.39
CA THR A 143 6.44 23.90 26.00
C THR A 143 6.21 23.95 24.50
N GLU A 144 5.14 24.64 24.11
CA GLU A 144 4.78 24.80 22.71
C GLU A 144 5.42 26.09 22.18
N GLY A 145 5.22 26.37 20.90
CA GLY A 145 5.77 27.56 20.31
C GLY A 145 5.88 27.44 18.81
N ILE A 146 6.33 28.53 18.20
CA ILE A 146 6.51 28.63 16.76
C ILE A 146 7.97 28.35 16.45
N ALA A 147 8.21 27.50 15.46
CA ALA A 147 9.55 27.13 15.04
C ALA A 147 9.70 27.28 13.54
N VAL A 148 10.93 27.57 13.11
CA VAL A 148 11.27 27.74 11.71
C VAL A 148 12.58 27.02 11.46
N VAL A 149 12.51 25.83 10.88
CA VAL A 149 13.70 25.05 10.60
C VAL A 149 14.37 25.58 9.35
N PHE A 150 15.71 25.50 9.33
CA PHE A 150 16.52 25.96 8.21
C PHE A 150 17.44 24.84 7.74
N LYS A 151 17.58 24.72 6.42
CA LYS A 151 18.43 23.72 5.80
C LYS A 151 19.67 24.41 5.25
N GLU A 152 20.82 23.76 5.37
CA GLU A 152 22.07 24.33 4.89
C GLU A 152 21.97 24.69 3.42
N ASN A 153 22.39 25.91 3.09
CA ASN A 153 22.34 26.40 1.71
C ASN A 153 23.34 25.60 0.87
N ILE A 154 22.82 24.67 0.06
CA ILE A 154 23.68 23.87 -0.79
C ILE A 154 24.26 24.69 -1.93
N ALA A 155 23.62 25.82 -2.29
CA ALA A 155 24.09 26.68 -3.37
C ALA A 155 24.19 25.87 -4.66
N PRO A 156 23.06 25.45 -5.24
CA PRO A 156 23.11 24.66 -6.47
C PRO A 156 23.45 25.53 -7.67
N TYR A 157 24.59 25.24 -8.29
CA TYR A 157 25.07 25.94 -9.47
C TYR A 157 24.92 25.01 -10.66
N LYS A 158 24.17 25.45 -11.67
CA LYS A 158 23.91 24.67 -12.87
C LYS A 158 24.55 25.31 -14.09
N PHE A 159 25.02 24.46 -15.00
CA PHE A 159 25.65 24.91 -16.23
C PHE A 159 25.59 23.77 -17.23
N LYS A 160 25.29 24.12 -18.49
CA LYS A 160 25.19 23.12 -19.55
C LYS A 160 26.60 22.70 -19.96
N ALA A 161 27.08 21.61 -19.36
CA ALA A 161 28.41 21.09 -19.65
C ALA A 161 28.34 20.16 -20.85
N THR A 162 29.14 20.45 -21.88
CA THR A 162 29.16 19.65 -23.09
C THR A 162 30.12 18.48 -22.92
N MET A 163 29.62 17.28 -23.22
CA MET A 163 30.39 16.05 -23.12
C MET A 163 30.76 15.59 -24.52
N TYR A 164 31.99 15.10 -24.67
CA TYR A 164 32.52 14.61 -25.94
C TYR A 164 33.16 13.26 -25.71
N TYR A 165 32.83 12.28 -26.56
CA TYR A 165 33.40 10.95 -26.45
C TYR A 165 33.26 10.25 -27.78
N LYS A 166 34.03 9.16 -27.94
CA LYS A 166 34.04 8.37 -29.16
C LYS A 166 33.78 6.91 -28.80
N ASP A 167 32.77 6.31 -29.43
CA ASP A 167 32.41 4.93 -29.21
C ASP A 167 33.06 4.07 -30.29
N VAL A 168 33.90 3.12 -29.87
CA VAL A 168 34.61 2.23 -30.79
C VAL A 168 33.99 0.85 -30.67
N THR A 169 33.73 0.23 -31.82
CA THR A 169 33.15 -1.10 -31.89
C THR A 169 33.77 -1.85 -33.06
N VAL A 170 33.70 -3.17 -32.99
CA VAL A 170 34.26 -4.05 -34.03
C VAL A 170 33.15 -4.97 -34.52
N SER A 171 33.08 -5.12 -35.85
CA SER A 171 32.08 -5.95 -36.49
C SER A 171 32.53 -7.42 -36.64
N GLN A 172 33.62 -7.80 -36.00
CA GLN A 172 34.10 -9.18 -36.09
C GLN A 172 33.09 -10.13 -35.49
N VAL A 173 32.98 -11.30 -36.11
CA VAL A 173 32.05 -12.34 -35.64
C VAL A 173 32.57 -13.71 -36.05
N ILE A 185 33.73 -6.77 -30.93
CA ILE A 185 34.39 -7.37 -29.78
C ILE A 185 35.33 -6.36 -29.14
N PHE A 186 35.38 -6.34 -27.81
CA PHE A 186 36.23 -5.43 -27.04
C PHE A 186 35.87 -3.97 -27.35
N GLU A 187 34.62 -3.64 -27.09
CA GLU A 187 34.09 -2.31 -27.31
C GLU A 187 34.16 -1.50 -26.02
N ASP A 188 34.55 -0.24 -26.14
CA ASP A 188 34.66 0.64 -24.98
C ASP A 188 34.54 2.08 -25.43
N ARG A 189 34.35 2.96 -24.45
CA ARG A 189 34.22 4.40 -24.69
C ARG A 189 35.51 5.10 -24.30
N ALA A 190 36.07 5.87 -25.24
CA ALA A 190 37.30 6.60 -25.05
C ALA A 190 37.07 8.10 -25.14
N PRO A 191 37.94 8.91 -24.52
CA PRO A 191 37.76 10.36 -24.59
C PRO A 191 38.43 10.98 -25.81
N VAL A 192 37.81 12.02 -26.34
CA VAL A 192 38.35 12.70 -27.52
C VAL A 192 39.43 13.67 -27.04
N PRO A 193 40.56 13.82 -27.73
CA PRO A 193 41.58 14.77 -27.27
C PRO A 193 41.09 16.21 -27.36
N PHE A 194 41.91 17.12 -26.83
CA PHE A 194 41.58 18.54 -26.81
C PHE A 194 41.73 19.18 -28.18
N GLU A 195 42.80 18.85 -28.92
CA GLU A 195 43.01 19.47 -30.23
C GLU A 195 41.89 19.12 -31.19
N GLU A 196 41.38 17.89 -31.12
CA GLU A 196 40.30 17.49 -32.03
C GLU A 196 39.04 18.30 -31.75
N VAL A 197 38.74 18.56 -30.47
CA VAL A 197 37.53 19.32 -30.13
C VAL A 197 37.66 20.77 -30.57
N ILE A 198 38.82 21.39 -30.34
CA ILE A 198 39.00 22.79 -30.70
C ILE A 198 39.30 22.99 -32.17
N ASP A 199 39.82 21.97 -32.86
CA ASP A 199 40.18 22.08 -34.28
C ASP A 199 39.14 21.48 -35.21
N LYS A 200 38.71 20.23 -34.97
CA LYS A 200 37.75 19.59 -35.86
C LYS A 200 36.31 19.92 -35.48
N ILE A 201 35.91 19.62 -34.24
CA ILE A 201 34.54 19.86 -33.82
C ILE A 201 34.23 21.35 -33.71
N ASN A 202 35.16 22.14 -33.17
CA ASN A 202 34.89 23.57 -33.01
C ASN A 202 35.16 24.37 -34.28
N ALA A 203 36.40 24.40 -34.73
CA ALA A 203 36.75 25.18 -35.92
C ALA A 203 36.26 24.57 -37.22
N LYS A 204 35.75 23.33 -37.21
CA LYS A 204 35.27 22.70 -38.45
C LYS A 204 33.93 21.99 -38.31
N GLY A 205 33.41 21.78 -37.12
CA GLY A 205 32.13 21.10 -36.98
C GLY A 205 32.14 19.67 -37.47
N VAL A 206 33.28 18.98 -37.33
CA VAL A 206 33.43 17.60 -37.77
C VAL A 206 34.20 16.83 -36.71
N CYS A 207 34.13 15.51 -36.81
CA CYS A 207 34.81 14.60 -35.88
C CYS A 207 35.82 13.77 -36.64
N ARG A 208 36.98 13.55 -36.04
CA ARG A 208 38.01 12.75 -36.68
C ARG A 208 37.55 11.30 -36.79
N SER A 209 37.68 10.72 -37.98
CA SER A 209 37.26 9.35 -38.19
C SER A 209 38.06 8.39 -37.31
N THR A 210 39.37 8.59 -37.23
CA THR A 210 40.22 7.74 -36.43
C THR A 210 40.09 8.08 -34.95
N ALA A 211 40.31 7.08 -34.10
CA ALA A 211 40.23 7.25 -32.66
C ALA A 211 41.25 6.34 -32.00
N LYS A 212 41.66 6.72 -30.80
CA LYS A 212 42.65 5.98 -30.02
C LYS A 212 41.98 5.40 -28.78
N TYR A 213 42.16 4.09 -28.56
CA TYR A 213 41.61 3.40 -27.42
C TYR A 213 42.67 2.47 -26.85
N VAL A 214 42.57 2.21 -25.55
CA VAL A 214 43.52 1.36 -24.84
C VAL A 214 43.06 -0.10 -24.92
N ARG A 215 44.01 -0.99 -25.16
CA ARG A 215 43.74 -2.43 -25.25
C ARG A 215 44.99 -3.16 -24.82
N ASN A 216 44.84 -4.05 -23.83
CA ASN A 216 45.96 -4.83 -23.30
C ASN A 216 47.05 -3.90 -22.77
N ASN A 217 46.65 -2.79 -22.15
CA ASN A 217 47.57 -1.81 -21.59
C ASN A 217 48.46 -1.20 -22.66
N LEU A 218 47.94 -1.07 -23.87
CA LEU A 218 48.68 -0.50 -25.00
C LEU A 218 47.72 0.28 -25.87
N GLU A 219 48.16 1.46 -26.31
CA GLU A 219 47.32 2.30 -27.15
C GLU A 219 47.06 1.60 -28.48
N THR A 220 45.81 1.68 -28.94
CA THR A 220 45.37 1.08 -30.18
C THR A 220 44.53 2.07 -30.96
N THR A 221 44.63 2.00 -32.28
CA THR A 221 43.90 2.87 -33.18
C THR A 221 42.71 2.14 -33.79
N ALA A 222 41.68 2.92 -34.13
CA ALA A 222 40.45 2.39 -34.72
C ALA A 222 40.09 3.25 -35.93
N PHE A 223 39.15 2.75 -36.72
CA PHE A 223 38.69 3.44 -37.94
C PHE A 223 37.18 3.36 -38.02
N HIS A 224 36.62 4.08 -39.00
CA HIS A 224 35.19 4.14 -39.24
C HIS A 224 34.82 3.17 -40.35
N ARG A 225 34.17 2.06 -39.97
CA ARG A 225 33.74 1.02 -40.91
C ARG A 225 34.90 0.52 -41.76
N ASP A 226 36.05 0.34 -41.12
CA ASP A 226 37.26 -0.16 -41.79
C ASP A 226 37.68 0.75 -42.95
N ASP A 227 37.45 2.06 -42.81
CA ASP A 227 37.80 3.05 -43.81
C ASP A 227 39.03 3.82 -43.35
N HIS A 228 39.41 4.85 -44.11
CA HIS A 228 40.56 5.69 -43.79
C HIS A 228 40.09 6.97 -43.12
N GLU A 229 41.05 7.80 -42.72
CA GLU A 229 40.72 9.06 -42.06
C GLU A 229 40.01 9.99 -43.03
N THR A 230 38.83 10.46 -42.64
CA THR A 230 38.03 11.36 -43.45
C THR A 230 37.18 12.21 -42.52
N ASP A 231 37.00 13.49 -42.88
CA ASP A 231 36.20 14.38 -42.06
C ASP A 231 34.73 13.99 -42.14
N MET A 232 34.09 13.88 -40.97
CA MET A 232 32.68 13.53 -40.86
C MET A 232 32.00 14.55 -39.98
N GLU A 233 30.89 15.10 -40.46
CA GLU A 233 30.16 16.10 -39.71
C GLU A 233 29.33 15.46 -38.59
N LEU A 234 28.93 16.30 -37.63
CA LEU A 234 28.14 15.87 -36.49
C LEU A 234 26.69 16.26 -36.74
N LYS A 235 25.81 15.25 -36.81
CA LYS A 235 24.38 15.46 -37.06
C LYS A 235 23.61 15.45 -35.74
N PRO A 236 22.53 16.21 -35.60
CA PRO A 236 21.79 16.22 -34.33
C PRO A 236 21.18 14.86 -34.00
N ALA A 237 20.83 14.69 -32.73
CA ALA A 237 20.23 13.44 -32.28
C ALA A 237 18.82 13.26 -32.83
N ASN A 238 18.43 12.00 -32.99
CA ASN A 238 17.09 11.66 -33.48
C ASN A 238 16.07 11.61 -32.35
N ALA A 239 16.53 11.60 -31.09
CA ALA A 239 15.60 11.56 -29.96
C ALA A 239 14.83 12.86 -29.84
N ALA A 240 15.48 13.98 -30.17
CA ALA A 240 14.85 15.31 -30.11
C ALA A 240 14.40 15.64 -28.68
N THR A 241 15.20 15.24 -27.70
CA THR A 241 14.89 15.50 -26.30
C THR A 241 15.44 16.86 -25.88
N ARG A 242 14.93 17.36 -24.76
CA ARG A 242 15.37 18.65 -24.23
C ARG A 242 16.68 18.57 -23.45
N THR A 243 17.21 17.37 -23.21
CA THR A 243 18.45 17.26 -22.47
C THR A 243 19.59 17.97 -23.19
N SER A 244 19.70 17.73 -24.50
CA SER A 244 20.74 18.36 -25.32
C SER A 244 20.50 17.93 -26.75
N ARG A 245 21.28 18.52 -27.66
CA ARG A 245 21.17 18.16 -29.06
C ARG A 245 21.69 16.74 -29.29
N GLY A 246 22.65 16.31 -28.49
CA GLY A 246 23.19 14.96 -28.61
C GLY A 246 23.73 14.62 -29.98
N TRP A 247 24.51 15.51 -30.57
CA TRP A 247 25.05 15.29 -31.91
C TRP A 247 25.80 13.96 -32.00
N HIS A 248 25.45 13.18 -33.01
CA HIS A 248 26.07 11.89 -33.29
C HIS A 248 26.31 11.80 -34.79
N THR A 249 27.46 11.22 -35.17
CA THR A 249 27.78 11.12 -36.60
C THR A 249 27.05 9.96 -37.26
N THR A 250 27.10 8.77 -36.66
CA THR A 250 26.46 7.58 -37.21
C THR A 250 25.28 7.18 -36.32
N ASP A 251 24.12 6.98 -36.95
CA ASP A 251 22.92 6.61 -36.22
C ASP A 251 22.92 5.10 -35.91
N THR A 267 36.60 -2.32 -37.64
CA THR A 267 36.25 -1.38 -36.57
C THR A 267 35.17 -0.42 -37.02
N THR A 268 34.43 0.14 -36.05
CA THR A 268 33.35 1.09 -36.33
C THR A 268 33.35 2.12 -35.20
N VAL A 269 34.01 3.25 -35.45
CA VAL A 269 34.10 4.34 -34.49
C VAL A 269 32.92 5.28 -34.71
N ASN A 270 32.44 5.89 -33.62
CA ASN A 270 31.32 6.82 -33.68
C ASN A 270 31.59 7.96 -32.72
N CYS A 271 31.60 9.18 -33.24
CA CYS A 271 31.83 10.39 -32.45
C CYS A 271 30.48 10.97 -32.06
N ILE A 272 30.29 11.19 -30.75
CA ILE A 272 29.04 11.72 -30.22
C ILE A 272 29.36 12.92 -29.31
N VAL A 273 28.58 13.98 -29.46
CA VAL A 273 28.70 15.19 -28.66
C VAL A 273 27.33 15.51 -28.08
N GLU A 274 27.29 15.75 -26.76
CA GLU A 274 26.05 16.06 -26.07
C GLU A 274 26.25 17.23 -25.12
N GLU A 275 25.34 18.20 -25.21
CA GLU A 275 25.37 19.39 -24.35
C GLU A 275 24.50 19.17 -23.11
N VAL A 276 24.77 18.09 -22.39
CA VAL A 276 24.00 17.72 -21.19
C VAL A 276 24.16 18.77 -20.11
N ASP A 277 23.28 18.71 -19.10
CA ASP A 277 23.30 19.63 -17.98
C ASP A 277 24.17 19.08 -16.86
N ALA A 278 24.58 19.98 -15.97
CA ALA A 278 25.42 19.62 -14.83
C ALA A 278 24.98 20.43 -13.63
N ARG A 279 25.37 19.94 -12.45
CA ARG A 279 25.04 20.60 -11.19
C ARG A 279 26.20 20.49 -10.22
N SER A 280 26.37 21.51 -9.39
CA SER A 280 27.41 21.58 -8.38
C SER A 280 26.77 21.87 -7.04
N VAL A 281 27.54 21.66 -5.97
CA VAL A 281 27.09 21.87 -4.60
C VAL A 281 27.89 23.01 -3.98
N TYR A 282 27.56 23.36 -2.73
CA TYR A 282 28.24 24.45 -2.04
C TYR A 282 29.76 24.31 -2.01
N PRO A 283 30.36 23.15 -1.76
CA PRO A 283 31.83 23.08 -1.75
C PRO A 283 32.46 23.51 -3.06
N TYR A 284 31.80 23.23 -4.19
CA TYR A 284 32.23 23.56 -5.54
C TYR A 284 33.48 22.82 -5.98
N ASP A 285 34.03 21.92 -5.16
CA ASP A 285 35.21 21.18 -5.55
C ASP A 285 34.88 20.09 -6.57
N GLU A 286 33.66 19.56 -6.52
CA GLU A 286 33.22 18.51 -7.42
C GLU A 286 31.79 18.80 -7.86
N PHE A 287 31.50 18.52 -9.13
CA PHE A 287 30.18 18.70 -9.71
C PHE A 287 29.77 17.42 -10.38
N VAL A 288 28.45 17.22 -10.50
CA VAL A 288 27.87 16.02 -11.10
C VAL A 288 27.15 16.41 -12.38
N LEU A 289 27.34 15.61 -13.42
CA LEU A 289 26.70 15.83 -14.71
C LEU A 289 25.33 15.15 -14.73
N ALA A 290 24.56 15.42 -15.79
CA ALA A 290 23.24 14.81 -15.90
C ALA A 290 23.36 13.29 -16.00
N THR A 291 24.47 12.79 -16.55
CA THR A 291 24.67 11.36 -16.66
C THR A 291 24.77 10.71 -15.29
N GLY A 292 25.22 11.45 -14.28
CA GLY A 292 25.37 10.95 -12.94
C GLY A 292 26.80 10.66 -12.54
N ASP A 293 27.72 10.64 -13.50
CA ASP A 293 29.12 10.37 -13.18
C ASP A 293 29.73 11.60 -12.52
N PHE A 294 30.15 11.44 -11.27
CA PHE A 294 30.75 12.55 -10.53
C PHE A 294 32.04 13.00 -11.19
N VAL A 295 32.24 14.32 -11.23
CA VAL A 295 33.44 14.93 -11.79
C VAL A 295 34.24 15.48 -10.62
N TYR A 296 35.50 15.06 -10.50
CA TYR A 296 36.37 15.47 -9.42
C TYR A 296 37.16 16.74 -9.73
N MET A 297 36.62 17.61 -10.58
CA MET A 297 37.26 18.86 -10.96
C MET A 297 36.27 19.99 -10.71
N SER A 298 36.73 21.04 -10.03
CA SER A 298 35.85 22.16 -9.75
C SER A 298 35.49 22.88 -11.05
N PRO A 299 34.24 23.33 -11.22
CA PRO A 299 33.89 24.03 -12.46
C PRO A 299 34.63 25.35 -12.64
N PHE A 300 35.09 25.95 -11.55
CA PHE A 300 35.82 27.22 -11.61
C PHE A 300 37.32 27.03 -11.71
N TYR A 301 37.81 25.80 -11.80
CA TYR A 301 39.24 25.56 -11.89
C TYR A 301 39.80 26.15 -13.18
N GLY A 302 41.02 26.63 -13.10
CA GLY A 302 41.69 27.22 -14.25
C GLY A 302 42.87 28.06 -13.80
N TYR A 303 43.56 28.61 -14.81
CA TYR A 303 44.72 29.46 -14.57
C TYR A 303 44.56 30.85 -15.20
N ARG A 304 43.41 31.13 -15.82
CA ARG A 304 43.21 32.45 -16.42
C ARG A 304 43.20 33.54 -15.35
N GLU A 305 42.62 33.25 -14.18
CA GLU A 305 42.55 34.19 -13.08
C GLU A 305 42.69 33.42 -11.78
N GLY A 306 42.58 34.14 -10.66
CA GLY A 306 42.69 33.53 -9.36
C GLY A 306 41.40 32.85 -8.93
N SER A 307 40.96 31.87 -9.71
CA SER A 307 39.73 31.13 -9.44
C SER A 307 40.04 29.96 -8.51
N HIS A 308 39.11 29.01 -8.39
CA HIS A 308 39.28 27.86 -7.51
C HIS A 308 40.36 26.92 -8.04
N THR A 309 41.63 27.33 -7.89
CA THR A 309 42.78 26.55 -8.31
C THR A 309 43.44 25.83 -7.14
N GLU A 310 42.79 25.81 -5.98
CA GLU A 310 43.34 25.18 -4.79
C GLU A 310 43.10 23.66 -4.72
N HIS A 311 42.22 23.11 -5.57
CA HIS A 311 41.95 21.69 -5.54
C HIS A 311 41.69 21.14 -6.93
N THR A 312 42.29 19.97 -7.20
CA THR A 312 42.14 19.28 -8.47
C THR A 312 42.66 17.86 -8.33
N SER A 313 41.82 16.88 -8.66
CA SER A 313 42.21 15.47 -8.56
C SER A 313 42.93 14.97 -9.79
N TYR A 314 42.53 15.43 -10.97
CA TYR A 314 43.17 14.99 -12.21
C TYR A 314 44.49 15.73 -12.41
N ALA A 315 45.34 15.13 -13.25
CA ALA A 315 46.64 15.72 -13.55
C ALA A 315 46.48 16.98 -14.39
N ALA A 316 47.56 17.76 -14.46
CA ALA A 316 47.52 18.99 -15.24
C ALA A 316 47.29 18.70 -16.72
N ASP A 317 47.93 17.65 -17.25
CA ASP A 317 47.75 17.30 -18.65
C ASP A 317 46.33 16.89 -18.97
N ARG A 318 45.58 16.40 -17.97
CA ARG A 318 44.20 15.98 -18.20
C ARG A 318 43.23 17.14 -18.31
N PHE A 319 43.66 18.37 -18.00
CA PHE A 319 42.80 19.55 -18.07
C PHE A 319 43.50 20.63 -18.88
N LYS A 320 42.70 21.38 -19.63
CA LYS A 320 43.21 22.47 -20.45
C LYS A 320 42.15 23.56 -20.55
N GLN A 321 42.59 24.81 -20.45
CA GLN A 321 41.73 25.99 -20.53
C GLN A 321 42.19 26.83 -21.70
N VAL A 322 41.23 27.27 -22.52
CA VAL A 322 41.50 28.10 -23.69
C VAL A 322 40.94 29.49 -23.45
N ASP A 323 41.78 30.51 -23.57
CA ASP A 323 41.38 31.89 -23.36
C ASP A 323 40.87 32.47 -24.67
N GLY A 324 39.79 33.26 -24.56
CA GLY A 324 39.21 33.86 -25.75
C GLY A 324 38.61 32.86 -26.71
N PHE A 325 38.25 31.67 -26.22
CA PHE A 325 37.67 30.64 -27.07
C PHE A 325 36.29 31.08 -27.58
N TYR A 326 35.91 30.55 -28.74
CA TYR A 326 34.64 30.84 -29.37
C TYR A 326 33.89 29.55 -29.62
N ALA A 327 32.65 29.48 -29.15
CA ALA A 327 31.80 28.32 -29.31
C ALA A 327 30.92 28.52 -30.55
N ARG A 328 30.14 27.50 -30.87
CA ARG A 328 29.25 27.56 -32.03
C ARG A 328 28.28 26.40 -31.96
N ASP A 329 27.26 26.47 -32.81
CA ASP A 329 26.23 25.45 -32.91
C ASP A 329 26.58 24.58 -34.11
N LEU A 330 26.72 23.27 -33.89
CA LEU A 330 27.07 22.37 -34.99
C LEU A 330 25.98 22.30 -36.04
N THR A 331 24.74 22.68 -35.71
CA THR A 331 23.66 22.63 -36.69
C THR A 331 23.74 23.82 -37.65
N THR A 332 24.00 25.02 -37.12
CA THR A 332 24.10 26.22 -37.93
C THR A 332 25.54 26.62 -38.23
N LYS A 333 26.46 26.39 -37.29
CA LYS A 333 27.88 26.74 -37.47
C LYS A 333 28.04 28.24 -37.72
N ALA A 334 27.29 29.05 -36.98
CA ALA A 334 27.34 30.50 -37.12
C ALA A 334 28.36 31.17 -36.20
N ARG A 335 29.12 30.39 -35.41
CA ARG A 335 30.12 30.92 -34.49
C ARG A 335 29.49 31.72 -33.36
N ALA A 336 30.15 31.78 -32.21
CA ALA A 336 29.63 32.51 -31.07
C ALA A 336 29.61 34.01 -31.36
N THR A 337 28.63 34.70 -30.78
CA THR A 337 28.50 36.13 -30.98
C THR A 337 29.56 36.92 -30.22
N ALA A 338 29.97 36.45 -29.05
CA ALA A 338 30.97 37.11 -28.22
C ALA A 338 31.95 36.07 -27.70
N PRO A 339 33.14 36.49 -27.25
CA PRO A 339 34.12 35.52 -26.74
C PRO A 339 33.56 34.76 -25.54
N THR A 340 33.91 33.48 -25.47
CA THR A 340 33.45 32.61 -24.38
C THR A 340 34.56 31.61 -24.07
N THR A 341 35.35 31.90 -23.05
CA THR A 341 36.42 31.00 -22.66
C THR A 341 35.84 29.64 -22.31
N ARG A 342 36.46 28.59 -22.83
CA ARG A 342 36.00 27.22 -22.63
C ARG A 342 37.03 26.38 -21.91
N ASN A 343 36.56 25.56 -20.98
CA ASN A 343 37.39 24.65 -20.20
C ASN A 343 37.26 23.27 -20.82
N LEU A 344 38.28 22.43 -20.61
CA LEU A 344 38.28 21.08 -21.16
C LEU A 344 38.94 20.12 -20.17
N LEU A 345 38.27 18.98 -19.95
CA LEU A 345 38.74 17.94 -19.05
C LEU A 345 38.58 16.60 -19.75
N THR A 346 39.64 15.79 -19.71
CA THR A 346 39.65 14.47 -20.33
C THR A 346 39.59 13.42 -19.24
N THR A 347 38.47 12.71 -19.16
CA THR A 347 38.27 11.66 -18.18
C THR A 347 38.66 10.31 -18.79
N PRO A 348 38.79 9.27 -17.97
CA PRO A 348 39.18 7.97 -18.53
C PRO A 348 38.17 7.40 -19.51
N LYS A 349 36.93 7.86 -19.50
CA LYS A 349 35.88 7.38 -20.40
C LYS A 349 35.30 8.45 -21.32
N PHE A 350 35.50 9.73 -21.05
CA PHE A 350 34.94 10.76 -21.90
C PHE A 350 35.60 12.10 -21.61
N THR A 351 35.30 13.08 -22.46
CA THR A 351 35.81 14.44 -22.36
C THR A 351 34.63 15.37 -22.11
N VAL A 352 34.83 16.39 -21.28
CA VAL A 352 33.80 17.34 -20.94
C VAL A 352 34.32 18.76 -21.08
N ALA A 353 33.45 19.66 -21.53
CA ALA A 353 33.77 21.07 -21.73
C ALA A 353 32.58 21.90 -21.29
N TRP A 354 32.85 23.12 -20.86
CA TRP A 354 31.79 24.01 -20.40
C TRP A 354 32.31 25.44 -20.34
N ASP A 355 31.37 26.37 -20.24
CA ASP A 355 31.73 27.78 -20.14
C ASP A 355 32.38 28.03 -18.79
N TRP A 356 33.55 28.67 -18.82
CA TRP A 356 34.31 28.95 -17.60
C TRP A 356 33.95 30.33 -17.06
N VAL A 357 33.21 30.35 -15.95
CA VAL A 357 32.81 31.59 -15.29
C VAL A 357 33.94 31.91 -14.31
N PRO A 358 34.34 33.19 -14.13
CA PRO A 358 35.43 33.45 -13.18
C PRO A 358 35.16 32.97 -11.76
N LYS A 359 34.09 33.46 -11.13
CA LYS A 359 33.77 33.03 -9.77
C LYS A 359 32.38 33.52 -9.37
N ARG A 360 31.52 32.61 -8.93
CA ARG A 360 30.19 33.00 -8.51
C ARG A 360 30.29 33.81 -7.22
N PRO A 361 29.47 34.85 -7.04
CA PRO A 361 29.56 35.64 -5.80
C PRO A 361 29.06 34.84 -4.61
N SER A 362 29.39 35.34 -3.43
CA SER A 362 28.99 34.68 -2.19
C SER A 362 27.48 34.72 -2.02
N VAL A 363 26.96 33.99 -1.05
CA VAL A 363 25.48 33.91 -0.79
C VAL A 363 25.27 33.66 0.71
N CYS A 364 24.02 33.64 1.20
CA CYS A 364 23.73 33.32 2.63
C CYS A 364 24.24 31.87 2.80
N THR A 365 24.71 31.47 3.98
CA THR A 365 25.23 30.10 4.22
C THR A 365 24.11 29.29 4.81
N MET A 366 22.98 29.92 5.10
CA MET A 366 21.82 29.32 5.74
C MET A 366 20.60 29.72 4.94
N THR A 367 19.60 28.83 4.88
CA THR A 367 18.38 29.10 4.12
C THR A 367 17.18 28.45 4.79
N LYS A 368 16.00 29.05 4.59
CA LYS A 368 14.77 28.53 5.15
C LYS A 368 14.38 27.21 4.50
N TRP A 369 13.68 26.38 5.26
CA TRP A 369 13.22 25.07 4.80
C TRP A 369 11.73 24.85 5.05
N GLN A 370 11.21 25.33 6.17
CA GLN A 370 9.80 25.14 6.49
C GLN A 370 9.42 26.03 7.66
N GLU A 371 8.24 26.64 7.57
CA GLU A 371 7.71 27.52 8.61
C GLU A 371 6.68 26.69 9.38
N VAL A 372 7.16 25.94 10.38
CA VAL A 372 6.28 25.10 11.17
C VAL A 372 5.26 25.95 11.92
N ASP A 373 4.00 25.50 11.88
CA ASP A 373 2.93 26.23 12.55
C ASP A 373 2.99 26.03 14.06
N GLU A 374 3.39 24.85 14.52
CA GLU A 374 3.48 24.55 15.94
C GLU A 374 4.54 23.48 16.17
N MET A 375 5.42 23.72 17.13
CA MET A 375 6.48 22.79 17.47
C MET A 375 6.58 22.69 18.99
N LEU A 376 6.75 21.47 19.48
CA LEU A 376 6.85 21.18 20.91
C LEU A 376 8.28 20.78 21.25
N ARG A 377 8.83 21.43 22.27
CA ARG A 377 10.19 21.15 22.73
C ARG A 377 10.12 20.27 23.97
N SER A 378 10.94 19.24 24.00
CA SER A 378 10.99 18.30 25.11
C SER A 378 12.43 18.09 25.56
N GLU A 379 12.69 18.34 26.84
CA GLU A 379 14.01 18.18 27.43
C GLU A 379 14.10 16.80 28.07
N TYR A 380 15.05 16.00 27.62
CA TYR A 380 15.22 14.65 28.14
C TYR A 380 16.62 14.17 27.86
N GLY A 381 17.25 13.55 28.86
CA GLY A 381 18.60 13.03 28.70
C GLY A 381 19.63 14.09 28.37
N GLY A 382 19.50 15.28 28.95
CA GLY A 382 20.45 16.35 28.68
C GLY A 382 20.43 16.87 27.27
N SER A 383 19.32 16.70 26.55
CA SER A 383 19.21 17.17 25.18
C SER A 383 17.74 17.39 24.85
N PHE A 384 17.47 18.47 24.13
CA PHE A 384 16.10 18.79 23.76
C PHE A 384 15.61 17.85 22.67
N ARG A 385 14.30 17.75 22.54
CA ARG A 385 13.63 16.90 21.56
C ARG A 385 12.52 17.74 20.93
N PHE A 386 12.73 18.16 19.68
CA PHE A 386 11.76 18.96 18.94
C PHE A 386 10.89 18.05 18.08
N SER A 387 9.58 18.27 18.13
CA SER A 387 8.63 17.48 17.35
C SER A 387 7.53 18.39 16.82
N SER A 388 7.03 18.06 15.63
CA SER A 388 5.98 18.83 14.99
C SER A 388 5.13 17.89 14.16
N ASP A 389 3.91 18.34 13.84
CA ASP A 389 2.99 17.54 13.05
C ASP A 389 3.34 17.51 11.57
N ALA A 390 3.80 18.64 11.02
CA ALA A 390 4.13 18.75 9.61
C ALA A 390 5.62 18.60 9.32
N ILE A 391 6.33 17.80 10.11
CA ILE A 391 7.76 17.58 9.90
C ILE A 391 8.05 16.09 9.77
N SER A 392 7.46 15.29 10.65
CA SER A 392 7.65 13.84 10.67
C SER A 392 9.08 13.44 11.00
N THR A 393 9.82 14.32 11.67
CA THR A 393 11.20 14.04 12.05
C THR A 393 11.49 14.81 13.34
N THR A 394 12.21 14.15 14.25
CA THR A 394 12.57 14.73 15.54
C THR A 394 14.03 15.19 15.51
N PHE A 395 14.28 16.33 16.14
CA PHE A 395 15.60 16.93 16.22
C PHE A 395 16.14 16.85 17.65
N THR A 396 17.47 16.90 17.74
CA THR A 396 18.18 16.85 19.01
C THR A 396 19.20 17.97 19.06
N THR A 397 19.29 18.65 20.21
CA THR A 397 20.20 19.76 20.41
C THR A 397 21.09 19.49 21.64
N ASN A 398 21.85 20.52 22.03
CA ASN A 398 22.75 20.44 23.17
C ASN A 398 22.27 21.26 24.37
N LEU A 399 21.03 21.75 24.35
CA LEU A 399 20.41 22.54 25.41
C LEU A 399 20.98 23.95 25.53
N THR A 400 21.95 24.35 24.71
CA THR A 400 22.56 25.66 24.76
C THR A 400 22.25 26.43 23.48
N GLU A 401 21.87 27.69 23.63
CA GLU A 401 21.56 28.51 22.47
C GLU A 401 22.82 28.76 21.66
N TYR A 402 22.75 28.50 20.37
CA TYR A 402 23.90 28.71 19.51
C TYR A 402 24.14 30.20 19.32
N PRO A 403 25.36 30.72 19.55
CA PRO A 403 25.58 32.16 19.35
C PRO A 403 25.58 32.53 17.89
N LEU A 404 24.38 32.67 17.31
CA LEU A 404 24.28 33.01 15.90
C LEU A 404 24.86 34.38 15.60
N SER A 405 24.89 35.28 16.59
CA SER A 405 25.42 36.62 16.39
C SER A 405 26.93 36.64 16.16
N ARG A 406 27.63 35.53 16.43
CA ARG A 406 29.08 35.52 16.22
C ARG A 406 29.46 35.59 14.73
N VAL A 407 28.53 35.26 13.83
CA VAL A 407 28.79 35.29 12.40
C VAL A 407 27.98 36.43 11.77
N ASP A 408 28.51 36.97 10.68
CA ASP A 408 27.83 38.06 9.98
C ASP A 408 26.51 37.62 9.36
N LEU A 409 26.30 36.32 9.20
CA LEU A 409 25.06 35.80 8.63
C LEU A 409 23.88 35.95 9.57
N GLY A 410 24.10 36.38 10.82
CA GLY A 410 22.99 36.53 11.76
C GLY A 410 21.94 37.50 11.26
N ASP A 411 22.35 38.54 10.52
CA ASP A 411 21.38 39.49 9.99
C ASP A 411 20.58 38.87 8.86
N CYS A 412 21.24 38.09 8.00
CA CYS A 412 20.55 37.45 6.90
C CYS A 412 19.53 36.43 7.39
N ILE A 413 19.88 35.67 8.43
CA ILE A 413 18.96 34.68 8.98
C ILE A 413 18.11 35.25 10.11
N GLY A 414 18.65 36.19 10.90
CA GLY A 414 17.88 36.76 11.98
C GLY A 414 16.63 37.47 11.49
N LYS A 415 16.78 38.33 10.47
CA LYS A 415 15.63 39.03 9.93
C LYS A 415 14.67 38.05 9.26
N ASP A 416 15.21 37.09 8.50
CA ASP A 416 14.37 36.10 7.85
C ASP A 416 13.64 35.25 8.87
N ALA A 417 14.33 34.86 9.94
CA ALA A 417 13.70 34.04 10.98
C ALA A 417 12.72 34.85 11.80
N ARG A 418 13.10 36.07 12.19
CA ARG A 418 12.22 36.91 12.99
C ARG A 418 10.94 37.25 12.23
N ASP A 419 11.06 37.54 10.93
CA ASP A 419 9.87 37.86 10.14
C ASP A 419 8.91 36.68 10.09
N ALA A 420 9.43 35.46 10.09
CA ALA A 420 8.58 34.29 10.04
C ALA A 420 7.79 34.13 11.35
N MET A 421 8.39 34.47 12.49
CA MET A 421 7.68 34.34 13.76
C MET A 421 6.45 35.24 13.79
N ASP A 422 6.61 36.49 13.36
CA ASP A 422 5.48 37.42 13.35
C ASP A 422 4.39 36.95 12.38
N ARG A 423 4.79 36.43 11.22
CA ARG A 423 3.80 35.96 10.24
C ARG A 423 2.96 34.83 10.82
N ILE A 424 3.61 33.82 11.38
CA ILE A 424 2.87 32.70 11.97
C ILE A 424 2.15 33.13 13.24
N PHE A 425 2.82 33.92 14.09
CA PHE A 425 2.19 34.37 15.32
C PHE A 425 0.98 35.24 15.05
N ALA A 426 1.09 36.15 14.07
CA ALA A 426 -0.02 37.03 13.73
C ALA A 426 -1.13 36.29 12.99
N ARG A 427 -0.91 35.04 12.57
CA ARG A 427 -1.93 34.30 11.85
C ARG A 427 -3.00 33.76 12.80
N ARG A 428 -2.57 32.99 13.81
CA ARG A 428 -3.51 32.39 14.76
C ARG A 428 -3.11 32.47 16.22
N TYR A 429 -1.83 32.66 16.56
CA TYR A 429 -1.40 32.71 17.95
C TYR A 429 -1.46 34.10 18.56
N ASN A 430 -1.83 35.14 17.80
CA ASN A 430 -1.87 36.48 18.39
C ASN A 430 -3.06 36.68 19.32
N ALA A 431 -4.11 35.87 19.19
CA ALA A 431 -5.30 35.99 20.03
C ALA A 431 -5.45 34.88 21.05
N THR A 432 -4.50 33.93 21.14
CA THR A 432 -4.60 32.84 22.10
C THR A 432 -3.29 32.47 22.78
N HIS A 433 -2.18 33.13 22.48
CA HIS A 433 -0.90 32.81 23.09
C HIS A 433 -0.11 34.09 23.33
N ILE A 434 0.85 34.00 24.25
CA ILE A 434 1.72 35.11 24.62
C ILE A 434 3.16 34.69 24.39
N LYS A 435 3.96 35.61 23.85
CA LYS A 435 5.36 35.31 23.57
C LYS A 435 6.16 35.19 24.86
N VAL A 436 6.96 34.14 24.96
CA VAL A 436 7.78 33.87 26.14
C VAL A 436 9.20 34.32 25.78
N GLY A 437 9.51 35.57 26.10
CA GLY A 437 10.83 36.10 25.82
C GLY A 437 11.13 36.22 24.34
N GLN A 438 12.41 36.40 24.06
CA GLN A 438 12.88 36.54 22.69
C GLN A 438 13.14 35.17 22.06
N PRO A 439 13.28 35.11 20.73
CA PRO A 439 13.53 33.82 20.09
C PRO A 439 14.85 33.22 20.54
N GLN A 440 15.01 31.93 20.23
CA GLN A 440 16.20 31.17 20.59
C GLN A 440 16.61 30.29 19.42
N TYR A 441 17.91 30.21 19.16
CA TYR A 441 18.46 29.42 18.07
C TYR A 441 19.29 28.28 18.63
N TYR A 442 19.10 27.08 18.07
CA TYR A 442 19.83 25.89 18.48
C TYR A 442 20.18 25.05 17.28
N LEU A 443 21.37 24.46 17.29
CA LEU A 443 21.80 23.59 16.21
C LEU A 443 21.17 22.22 16.43
N ALA A 444 21.02 21.46 15.34
CA ALA A 444 20.42 20.14 15.40
C ALA A 444 21.27 19.15 14.62
N ASN A 445 21.14 17.87 15.03
CA ASN A 445 21.89 16.81 14.37
C ASN A 445 21.49 16.73 12.91
N GLY A 446 22.51 16.59 12.04
CA GLY A 446 22.31 16.52 10.61
C GLY A 446 22.57 17.82 9.88
N GLY A 447 22.84 18.91 10.59
CA GLY A 447 23.11 20.20 9.99
C GLY A 447 21.94 21.15 9.92
N PHE A 448 20.83 20.85 10.58
CA PHE A 448 19.65 21.71 10.56
C PHE A 448 19.72 22.74 11.68
N LEU A 449 19.40 23.99 11.34
CA LEU A 449 19.37 25.10 12.28
C LEU A 449 17.91 25.39 12.57
N ILE A 450 17.55 25.43 13.85
CA ILE A 450 16.17 25.66 14.28
C ILE A 450 16.11 26.91 15.14
N ALA A 451 15.14 27.77 14.84
CA ALA A 451 14.89 29.00 15.58
C ALA A 451 13.57 28.81 16.28
N TYR A 452 13.58 28.79 17.61
CA TYR A 452 12.38 28.58 18.41
C TYR A 452 11.87 29.86 19.03
N GLN A 453 10.59 29.82 19.41
CA GLN A 453 9.89 30.94 20.04
C GLN A 453 8.89 30.30 21.00
N PRO A 454 9.28 30.08 22.25
CA PRO A 454 8.34 29.43 23.19
C PRO A 454 7.07 30.24 23.38
N LEU A 455 5.95 29.52 23.49
CA LEU A 455 4.64 30.11 23.67
C LEU A 455 3.87 29.31 24.73
N LEU A 456 2.90 29.97 25.34
CA LEU A 456 2.05 29.35 26.35
C LEU A 456 0.63 29.85 26.14
N SER A 457 -0.34 28.95 26.31
CA SER A 457 -1.73 29.32 26.12
C SER A 457 -2.16 30.36 27.14
N ASN A 458 -3.17 31.16 26.75
CA ASN A 458 -3.66 32.20 27.65
C ASN A 458 -4.20 31.61 28.94
N THR A 459 -4.92 30.48 28.84
CA THR A 459 -5.45 29.84 30.04
C THR A 459 -4.33 29.40 30.96
N LEU A 460 -3.21 28.92 30.39
CA LEU A 460 -2.09 28.49 31.22
C LEU A 460 -1.44 29.67 31.92
N ALA A 461 -1.54 30.87 31.34
CA ALA A 461 -0.96 32.04 31.96
C ALA A 461 -1.62 32.36 33.29
N GLU A 462 -2.92 32.05 33.42
CA GLU A 462 -3.63 32.33 34.67
C GLU A 462 -3.01 31.57 35.83
N LEU A 463 -2.49 30.37 35.57
CA LEU A 463 -1.86 29.59 36.63
C LEU A 463 -0.50 30.17 37.01
N TYR A 464 0.27 30.61 36.01
CA TYR A 464 1.59 31.18 36.28
C TYR A 464 1.48 32.49 37.04
N VAL A 465 0.59 33.39 36.60
CA VAL A 465 0.43 34.66 37.28
C VAL A 465 -0.12 34.45 38.68
N ARG A 466 -1.03 33.48 38.85
CA ARG A 466 -1.58 33.24 40.18
C ARG A 466 -0.49 32.79 41.14
N GLU A 467 0.37 31.88 40.71
CA GLU A 467 1.45 31.41 41.57
C GLU A 467 2.47 32.52 41.79
N HIS A 468 2.70 33.35 40.76
CA HIS A 468 3.66 34.44 40.89
C HIS A 468 3.21 35.43 41.97
N LEU A 469 1.91 35.75 42.00
CA LEU A 469 1.41 36.67 43.00
C LEU A 469 1.47 36.04 44.39
N ARG A 470 1.33 34.72 44.49
CA ARG A 470 1.40 34.05 45.77
C ARG A 470 2.78 34.23 46.40
N GLU A 471 3.83 34.08 45.61
CA GLU A 471 5.18 34.24 46.13
C GLU A 471 5.49 35.72 46.39
N GLN A 472 4.85 36.62 45.65
CA GLN A 472 5.09 38.04 45.85
C GLN A 472 4.64 38.50 47.24
N SER A 473 3.59 37.88 47.78
CA SER A 473 3.09 38.23 49.10
C SER A 473 4.12 37.93 50.18
N ILE A 501 3.45 39.19 34.87
CA ILE A 501 3.48 39.20 33.41
C ILE A 501 4.86 38.84 32.89
N GLU A 502 5.88 38.92 33.75
CA GLU A 502 7.26 38.60 33.36
C GLU A 502 7.41 37.09 33.24
N PHE A 503 6.84 36.56 32.16
CA PHE A 503 6.91 35.12 31.92
C PHE A 503 8.32 34.66 31.63
N ALA A 504 9.18 35.56 31.15
CA ALA A 504 10.56 35.21 30.87
C ALA A 504 11.28 34.80 32.15
N ARG A 505 12.04 33.71 32.08
CA ARG A 505 12.79 33.17 33.21
C ARG A 505 11.88 32.65 34.32
N LEU A 506 10.57 32.57 34.07
CA LEU A 506 9.61 32.09 35.05
C LEU A 506 9.03 30.74 34.67
N GLN A 507 9.19 30.31 33.41
CA GLN A 507 8.67 29.03 32.97
C GLN A 507 9.39 27.89 33.71
N PHE A 508 8.63 26.82 33.99
CA PHE A 508 9.12 25.63 34.68
C PHE A 508 9.50 25.89 36.13
N THR A 509 9.16 27.06 36.67
CA THR A 509 9.50 27.35 38.07
C THR A 509 8.62 26.56 39.03
N TYR A 510 7.33 26.46 38.73
CA TYR A 510 6.38 25.74 39.57
C TYR A 510 6.28 24.29 39.08
N ASN A 511 6.83 23.37 39.87
CA ASN A 511 6.80 21.96 39.48
C ASN A 511 5.38 21.41 39.45
N HIS A 512 4.55 21.77 40.44
CA HIS A 512 3.19 21.25 40.47
C HIS A 512 2.39 21.74 39.25
N ILE A 513 2.58 23.00 38.86
CA ILE A 513 1.87 23.51 37.69
C ILE A 513 2.43 22.88 36.43
N GLN A 514 3.73 22.56 36.42
CA GLN A 514 4.37 21.95 35.26
C GLN A 514 4.11 20.45 35.18
N ARG A 515 3.65 19.82 36.26
CA ARG A 515 3.39 18.39 36.23
C ARG A 515 2.28 18.00 35.25
N PRO A 516 1.11 18.63 35.26
CA PRO A 516 0.07 18.20 34.29
C PRO A 516 0.40 18.56 32.85
N VAL A 517 0.95 19.74 32.60
CA VAL A 517 1.26 20.13 31.22
C VAL A 517 2.31 19.19 30.64
N ASN A 518 3.26 18.73 31.47
CA ASN A 518 4.28 17.81 30.97
C ASN A 518 3.65 16.52 30.47
N ASP A 519 2.54 16.09 31.09
CA ASP A 519 1.85 14.88 30.69
C ASP A 519 0.84 15.16 29.58
N MET A 520 0.14 16.29 29.65
CA MET A 520 -0.84 16.61 28.62
C MET A 520 -0.17 16.78 27.26
N LEU A 521 0.87 17.61 27.21
CA LEU A 521 1.58 17.81 25.95
C LEU A 521 2.30 16.54 25.53
N GLY A 522 2.64 15.67 26.49
CA GLY A 522 3.31 14.43 26.14
C GLY A 522 2.46 13.56 25.23
N ARG A 523 1.16 13.50 25.51
CA ARG A 523 0.27 12.70 24.66
C ARG A 523 0.22 13.29 23.25
N VAL A 524 0.23 14.62 23.15
CA VAL A 524 0.20 15.26 21.84
C VAL A 524 1.45 14.87 21.05
N ALA A 525 2.61 14.93 21.69
CA ALA A 525 3.85 14.56 21.01
C ALA A 525 3.81 13.08 20.65
N ILE A 526 3.34 12.24 21.58
CA ILE A 526 3.25 10.81 21.30
C ILE A 526 2.21 10.55 20.22
N ALA A 527 1.10 11.31 20.25
CA ALA A 527 0.07 11.14 19.23
C ALA A 527 0.62 11.46 17.85
N TRP A 528 1.37 12.57 17.73
CA TRP A 528 1.96 12.91 16.45
C TRP A 528 2.95 11.86 16.01
N CYS A 529 3.79 11.39 16.93
CA CYS A 529 4.76 10.36 16.61
C CYS A 529 4.08 9.07 16.17
N GLU A 530 2.99 8.70 16.87
CA GLU A 530 2.26 7.49 16.51
C GLU A 530 1.64 7.61 15.13
N GLU A 531 0.95 8.72 14.87
CA GLU A 531 0.32 8.89 13.56
C GLU A 531 1.37 9.14 12.49
N GLN A 532 2.46 9.83 12.82
CA GLN A 532 3.50 10.07 11.82
C GLN A 532 4.11 8.76 11.36
N ASN A 533 4.34 7.83 12.30
CA ASN A 533 4.88 6.53 11.92
C ASN A 533 3.86 5.76 11.08
N HIS A 534 2.57 5.98 11.32
CA HIS A 534 1.54 5.30 10.55
C HIS A 534 1.62 5.71 9.08
N GLU A 535 1.89 6.99 8.83
CA GLU A 535 2.01 7.46 7.44
C GLU A 535 3.38 7.12 6.87
N LEU A 536 4.43 7.27 7.67
CA LEU A 536 5.78 6.96 7.19
C LEU A 536 5.91 5.50 6.78
N THR A 537 5.42 4.60 7.63
CA THR A 537 5.50 3.17 7.31
C THR A 537 4.66 2.83 6.08
N LEU A 538 3.61 3.60 5.80
CA LEU A 538 2.76 3.38 4.64
C LEU A 538 3.30 4.11 3.42
N TRP A 539 3.81 5.33 3.61
CA TRP A 539 4.36 6.11 2.51
C TRP A 539 5.55 5.41 1.89
N ASN A 540 6.43 4.84 2.73
CA ASN A 540 7.60 4.15 2.22
C ASN A 540 7.21 2.97 1.35
N GLU A 541 6.21 2.20 1.77
CA GLU A 541 5.77 1.07 0.97
C GLU A 541 5.18 1.54 -0.35
N ALA A 542 4.40 2.63 -0.31
CA ALA A 542 3.82 3.16 -1.54
C ALA A 542 4.91 3.62 -2.49
N ARG A 543 5.96 4.25 -1.96
CA ARG A 543 7.06 4.70 -2.79
C ARG A 543 7.72 3.51 -3.50
N LYS A 544 7.93 2.42 -2.75
CA LYS A 544 8.51 1.22 -3.35
C LYS A 544 7.56 0.60 -4.35
N LEU A 545 6.26 0.63 -4.07
CA LEU A 545 5.29 0.03 -4.97
C LEU A 545 5.23 0.79 -6.29
N ASN A 546 5.00 2.10 -6.23
CA ASN A 546 4.91 2.95 -7.43
C ASN A 546 5.63 4.27 -7.15
N PRO A 547 6.96 4.31 -7.29
CA PRO A 547 7.67 5.56 -7.01
C PRO A 547 7.25 6.73 -7.90
N ASN A 548 6.83 6.46 -9.14
CA ASN A 548 6.43 7.56 -10.02
C ASN A 548 5.26 8.35 -9.44
N ALA A 549 4.23 7.65 -8.96
CA ALA A 549 3.09 8.34 -8.38
C ALA A 549 3.49 9.09 -7.12
N ILE A 550 4.27 8.46 -6.25
CA ILE A 550 4.71 9.12 -5.03
C ILE A 550 5.67 10.26 -5.37
N ALA A 551 6.49 10.10 -6.40
CA ALA A 551 7.42 11.15 -6.77
C ALA A 551 6.68 12.40 -7.23
N SER A 552 5.63 12.22 -8.03
CA SER A 552 4.88 13.36 -8.54
C SER A 552 4.18 14.13 -7.42
N VAL A 553 3.55 13.41 -6.48
CA VAL A 553 2.85 14.07 -5.38
C VAL A 553 3.78 14.65 -4.33
N THR A 554 5.08 14.31 -4.38
CA THR A 554 6.03 14.82 -3.40
C THR A 554 6.81 16.04 -3.89
N VAL A 555 6.86 16.28 -5.19
CA VAL A 555 7.57 17.43 -5.76
C VAL A 555 6.62 18.39 -6.47
N GLY A 556 5.33 18.30 -6.20
CA GLY A 556 4.34 19.18 -6.79
C GLY A 556 4.17 19.13 -8.30
N ARG A 557 4.88 18.24 -9.00
CA ARG A 557 4.75 18.16 -10.44
C ARG A 557 5.13 16.76 -10.88
N ARG A 558 4.67 16.37 -12.08
CA ARG A 558 4.99 15.06 -12.61
C ARG A 558 6.50 14.94 -12.75
N VAL A 559 7.06 13.94 -12.06
CA VAL A 559 8.51 13.72 -12.07
C VAL A 559 8.77 12.22 -12.04
N SER A 560 9.82 11.81 -12.76
CA SER A 560 10.20 10.41 -12.82
C SER A 560 10.98 10.03 -11.57
N ALA A 561 11.06 8.72 -11.32
CA ALA A 561 11.79 8.22 -10.16
C ALA A 561 11.88 6.71 -10.23
N ARG A 562 12.98 6.18 -9.71
CA ARG A 562 13.20 4.73 -9.66
C ARG A 562 13.98 4.45 -8.39
N MET A 563 13.73 3.27 -7.81
CA MET A 563 14.38 2.88 -6.56
C MET A 563 15.78 2.37 -6.84
N LEU A 564 16.78 3.11 -6.37
CA LEU A 564 18.19 2.73 -6.51
C LEU A 564 18.65 2.03 -5.24
N GLY A 565 17.93 0.97 -4.89
CA GLY A 565 18.23 0.22 -3.69
C GLY A 565 17.47 0.78 -2.51
N ASP A 566 18.12 1.62 -1.71
CA ASP A 566 17.52 2.26 -0.55
C ASP A 566 17.52 3.78 -0.66
N VAL A 567 17.72 4.31 -1.86
CA VAL A 567 17.74 5.75 -2.11
C VAL A 567 16.92 6.03 -3.36
N MET A 568 16.15 7.12 -3.31
CA MET A 568 15.27 7.52 -4.40
C MET A 568 15.99 8.39 -5.42
N ALA A 569 15.76 8.10 -6.70
CA ALA A 569 16.32 8.85 -7.81
C ALA A 569 15.24 9.78 -8.36
N VAL A 570 15.67 10.84 -9.04
CA VAL A 570 14.73 11.81 -9.59
C VAL A 570 15.26 12.37 -10.91
N SER A 571 14.34 12.63 -11.84
CA SER A 571 14.66 13.20 -13.15
C SER A 571 13.40 13.88 -13.67
N THR A 572 13.60 14.90 -14.51
CA THR A 572 12.49 15.66 -15.06
C THR A 572 11.78 14.91 -16.18
N CYS A 573 10.48 15.16 -16.30
CA CYS A 573 9.62 14.57 -17.32
C CYS A 573 9.27 15.67 -18.31
N VAL A 574 9.33 15.33 -19.60
CA VAL A 574 9.06 16.30 -20.66
C VAL A 574 7.56 16.41 -20.94
N PRO A 575 6.93 17.57 -20.80
CA PRO A 575 5.50 17.66 -21.11
C PRO A 575 5.27 17.93 -22.58
N VAL A 576 4.28 17.22 -23.15
CA VAL A 576 3.92 17.35 -24.56
C VAL A 576 2.41 17.48 -24.66
N ALA A 577 1.95 18.40 -25.51
CA ALA A 577 0.53 18.62 -25.70
C ALA A 577 -0.13 17.39 -26.30
N ALA A 578 -1.42 17.21 -25.97
CA ALA A 578 -2.18 16.06 -26.47
C ALA A 578 -2.38 16.10 -27.98
N ASP A 579 -2.20 17.26 -28.62
CA ASP A 579 -2.39 17.36 -30.06
C ASP A 579 -1.22 16.77 -30.86
N ASN A 580 -0.14 16.39 -30.20
CA ASN A 580 1.04 15.83 -30.86
C ASN A 580 1.21 14.34 -30.59
N VAL A 581 0.11 13.62 -30.33
CA VAL A 581 0.16 12.19 -30.05
C VAL A 581 -0.96 11.50 -30.81
N ILE A 582 -0.64 10.33 -31.36
CA ILE A 582 -1.59 9.51 -32.12
C ILE A 582 -1.53 8.09 -31.55
N VAL A 583 -2.70 7.51 -31.31
CA VAL A 583 -2.81 6.17 -30.74
C VAL A 583 -3.12 5.19 -31.86
N GLN A 584 -2.40 4.06 -31.88
CA GLN A 584 -2.61 3.05 -32.89
C GLN A 584 -3.98 2.40 -32.70
N ASN A 585 -4.69 2.19 -33.82
CA ASN A 585 -6.01 1.58 -33.74
C ASN A 585 -5.94 0.14 -33.27
N SER A 586 -5.08 -0.67 -33.87
CA SER A 586 -4.93 -2.08 -33.53
C SER A 586 -3.68 -2.28 -32.69
N MET A 587 -3.86 -2.47 -31.38
CA MET A 587 -2.71 -2.70 -30.51
C MET A 587 -2.15 -4.09 -30.71
N ARG A 588 -2.93 -5.01 -31.27
CA ARG A 588 -2.46 -6.38 -31.49
C ARG A 588 -1.28 -6.38 -32.44
N ILE A 589 -0.34 -7.27 -32.20
CA ILE A 589 0.87 -7.42 -33.01
C ILE A 589 0.74 -8.71 -33.82
N SER A 590 1.02 -8.63 -35.11
CA SER A 590 0.92 -9.78 -36.01
C SER A 590 2.19 -10.62 -36.06
N SER A 591 3.27 -10.18 -35.42
CA SER A 591 4.51 -10.95 -35.45
C SER A 591 4.44 -12.20 -34.59
N ARG A 592 3.48 -12.29 -33.67
CA ARG A 592 3.37 -13.46 -32.80
C ARG A 592 1.93 -13.66 -32.35
N PRO A 593 1.20 -14.67 -32.84
CA PRO A 593 -0.18 -14.86 -32.40
C PRO A 593 -0.25 -15.25 -30.92
N GLY A 594 -1.37 -14.89 -30.30
CA GLY A 594 -1.58 -15.20 -28.90
C GLY A 594 -0.71 -14.39 -27.95
N ALA A 595 -0.10 -13.30 -28.43
CA ALA A 595 0.76 -12.47 -27.59
C ALA A 595 0.89 -11.12 -28.26
N CYS A 596 0.58 -10.06 -27.53
CA CYS A 596 0.66 -8.70 -28.07
C CYS A 596 0.83 -7.72 -26.92
N TYR A 597 0.91 -6.44 -27.26
CA TYR A 597 1.09 -5.40 -26.27
C TYR A 597 -0.14 -5.30 -25.36
N SER A 598 0.12 -5.21 -24.05
CA SER A 598 -0.94 -5.10 -23.06
C SER A 598 -1.52 -3.70 -22.95
N ARG A 599 -0.86 -2.70 -23.54
CA ARG A 599 -1.31 -1.31 -23.52
C ARG A 599 -1.28 -0.78 -24.94
N PRO A 600 -2.09 0.25 -25.24
CA PRO A 600 -2.10 0.78 -26.61
C PRO A 600 -0.77 1.40 -27.01
N LEU A 601 -0.46 1.28 -28.30
CA LEU A 601 0.75 1.86 -28.86
C LEU A 601 0.45 3.29 -29.30
N VAL A 602 1.46 4.16 -29.18
CA VAL A 602 1.29 5.56 -29.54
C VAL A 602 2.50 6.06 -30.31
N SER A 603 2.25 7.10 -31.11
CA SER A 603 3.24 7.79 -31.92
C SER A 603 3.11 9.26 -31.57
N PHE A 604 4.24 9.95 -31.45
CA PHE A 604 4.19 11.36 -31.08
C PHE A 604 5.44 12.09 -31.53
N ARG A 605 5.39 13.41 -31.37
CA ARG A 605 6.47 14.33 -31.70
C ARG A 605 6.65 15.25 -30.50
N TYR A 606 7.91 15.51 -30.14
CA TYR A 606 8.18 16.35 -28.98
C TYR A 606 7.65 17.76 -29.13
N GLU A 607 7.46 18.23 -30.37
CA GLU A 607 6.94 19.57 -30.60
C GLU A 607 6.20 19.60 -31.92
N ASP A 608 5.47 20.69 -32.14
CA ASP A 608 4.70 20.86 -33.37
C ASP A 608 5.62 20.80 -34.58
N GLN A 609 5.23 20.01 -35.57
CA GLN A 609 5.96 19.80 -36.81
C GLN A 609 7.29 19.08 -36.60
N GLY A 610 7.51 18.51 -35.42
CA GLY A 610 8.75 17.81 -35.14
C GLY A 610 8.72 16.40 -35.69
N PRO A 611 9.86 15.73 -35.59
CA PRO A 611 9.94 14.35 -36.09
C PRO A 611 9.05 13.41 -35.30
N LEU A 612 8.52 12.41 -35.99
CA LEU A 612 7.65 11.42 -35.38
C LEU A 612 8.47 10.27 -34.83
N VAL A 613 8.10 9.83 -33.62
CA VAL A 613 8.78 8.73 -32.93
C VAL A 613 7.74 7.75 -32.45
N GLU A 614 8.18 6.51 -32.26
CA GLU A 614 7.33 5.42 -31.79
C GLU A 614 7.45 5.25 -30.28
N GLY A 615 6.36 4.82 -29.67
CA GLY A 615 6.36 4.62 -28.24
C GLY A 615 5.13 3.86 -27.80
N GLN A 616 4.98 3.72 -26.48
CA GLN A 616 3.87 3.02 -25.88
C GLN A 616 3.21 3.90 -24.84
N LEU A 617 1.90 3.73 -24.68
CA LEU A 617 1.12 4.51 -23.72
C LEU A 617 1.20 3.85 -22.36
N GLY A 618 1.65 4.61 -21.37
CA GLY A 618 1.78 4.12 -20.01
C GLY A 618 0.68 4.65 -19.10
N GLU A 619 0.70 4.16 -17.87
CA GLU A 619 -0.29 4.55 -16.88
C GLU A 619 -0.18 6.04 -16.54
N ASN A 620 -1.33 6.64 -16.27
CA ASN A 620 -1.45 8.05 -15.88
C ASN A 620 -0.84 8.98 -16.93
N ASN A 621 -1.29 8.80 -18.18
CA ASN A 621 -0.84 9.62 -19.31
C ASN A 621 0.67 9.64 -19.45
N GLU A 622 1.34 8.55 -19.07
CA GLU A 622 2.79 8.47 -19.17
C GLU A 622 3.18 7.82 -20.49
N LEU A 623 4.15 8.42 -21.17
CA LEU A 623 4.64 7.91 -22.45
C LEU A 623 6.00 7.24 -22.27
N ARG A 624 6.13 6.02 -22.77
CA ARG A 624 7.35 5.24 -22.68
C ARG A 624 7.99 5.16 -24.05
N LEU A 625 9.28 5.45 -24.12
CA LEU A 625 10.00 5.41 -25.39
C LEU A 625 10.02 4.01 -25.98
N THR A 626 10.32 3.01 -25.15
CA THR A 626 10.40 1.63 -25.62
C THR A 626 9.07 0.92 -25.44
N ARG A 627 8.72 0.09 -26.43
CA ARG A 627 7.49 -0.69 -26.43
C ARG A 627 7.85 -2.09 -25.94
N ASP A 628 7.59 -2.36 -24.67
CA ASP A 628 7.89 -3.66 -24.08
C ASP A 628 6.76 -4.23 -23.22
N ALA A 629 5.71 -3.45 -22.93
CA ALA A 629 4.61 -3.97 -22.12
C ALA A 629 3.77 -4.94 -22.93
N ILE A 630 4.10 -6.22 -22.86
CA ILE A 630 3.40 -7.28 -23.57
C ILE A 630 2.99 -8.36 -22.59
N GLU A 631 2.02 -9.18 -23.02
CA GLU A 631 1.51 -10.27 -22.21
C GLU A 631 0.81 -11.26 -23.12
N PRO A 632 0.47 -12.46 -22.61
CA PRO A 632 -0.22 -13.43 -23.47
C PRO A 632 -1.67 -13.01 -23.68
N CYS A 633 -1.88 -12.18 -24.70
CA CYS A 633 -3.21 -11.67 -25.03
C CYS A 633 -4.25 -12.79 -25.08
N THR A 634 -5.26 -12.64 -24.23
CA THR A 634 -6.36 -13.60 -24.11
C THR A 634 -7.50 -13.20 -25.04
N VAL A 635 -8.66 -13.83 -24.84
CA VAL A 635 -9.86 -13.56 -25.63
C VAL A 635 -10.87 -12.87 -24.73
N GLY A 636 -11.78 -12.14 -25.36
CA GLY A 636 -12.79 -11.41 -24.60
C GLY A 636 -12.17 -10.37 -23.69
N HIS A 637 -11.16 -9.66 -24.20
CA HIS A 637 -10.46 -8.64 -23.43
C HIS A 637 -11.17 -7.30 -23.54
N ARG A 638 -11.41 -6.67 -22.39
CA ARG A 638 -12.05 -5.37 -22.30
C ARG A 638 -11.26 -4.54 -21.32
N ARG A 639 -10.74 -3.40 -21.77
CA ARG A 639 -9.95 -2.55 -20.89
C ARG A 639 -10.06 -1.09 -21.34
N TYR A 640 -9.70 -0.20 -20.41
CA TYR A 640 -9.69 1.23 -20.63
C TYR A 640 -8.32 1.75 -20.28
N PHE A 641 -7.88 2.79 -20.98
CA PHE A 641 -6.58 3.40 -20.75
C PHE A 641 -6.72 4.91 -20.76
N THR A 642 -5.99 5.57 -19.85
CA THR A 642 -6.04 7.02 -19.77
C THR A 642 -5.42 7.62 -21.01
N PHE A 643 -6.12 8.57 -21.64
CA PHE A 643 -5.65 9.22 -22.85
C PHE A 643 -6.09 10.68 -22.78
N GLY A 644 -5.15 11.56 -22.41
CA GLY A 644 -5.48 12.97 -22.31
C GLY A 644 -6.49 13.22 -21.21
N GLY A 645 -7.46 14.09 -21.50
CA GLY A 645 -8.49 14.41 -20.52
C GLY A 645 -9.52 13.33 -20.33
N GLY A 646 -9.55 12.31 -21.20
CA GLY A 646 -10.51 11.23 -21.10
C GLY A 646 -9.85 9.87 -21.22
N TYR A 647 -10.65 8.85 -21.46
CA TYR A 647 -10.18 7.48 -21.61
C TYR A 647 -10.40 6.99 -23.03
N VAL A 648 -9.74 5.88 -23.36
CA VAL A 648 -9.84 5.24 -24.67
C VAL A 648 -10.34 3.83 -24.42
N TYR A 649 -11.42 3.45 -25.09
CA TYR A 649 -12.01 2.12 -24.92
C TYR A 649 -11.42 1.15 -25.93
N PHE A 650 -10.98 -0.01 -25.45
CA PHE A 650 -10.41 -1.04 -26.29
C PHE A 650 -11.05 -2.37 -25.92
N GLU A 651 -11.58 -3.06 -26.93
CA GLU A 651 -12.23 -4.35 -26.76
C GLU A 651 -11.61 -5.34 -27.73
N GLU A 652 -11.26 -6.52 -27.23
CA GLU A 652 -10.64 -7.56 -28.05
C GLU A 652 -9.36 -7.06 -28.72
N TYR A 653 -8.66 -6.14 -28.06
CA TYR A 653 -7.42 -5.58 -28.58
C TYR A 653 -7.66 -4.88 -29.91
N ALA A 654 -8.61 -3.94 -29.91
CA ALA A 654 -8.96 -3.17 -31.10
C ALA A 654 -9.59 -1.87 -30.64
N TYR A 655 -9.13 -0.76 -31.20
CA TYR A 655 -9.67 0.55 -30.85
C TYR A 655 -11.15 0.63 -31.21
N SER A 656 -11.99 0.84 -30.19
CA SER A 656 -13.43 0.95 -30.39
C SER A 656 -13.84 2.41 -30.54
N HIS A 657 -13.60 3.22 -29.51
CA HIS A 657 -13.93 4.64 -29.53
C HIS A 657 -13.37 5.29 -28.29
N GLN A 658 -13.25 6.62 -28.34
CA GLN A 658 -12.73 7.42 -27.24
C GLN A 658 -13.90 8.07 -26.52
N LEU A 659 -13.98 7.83 -25.21
CA LEU A 659 -15.04 8.37 -24.38
C LEU A 659 -14.47 9.38 -23.40
N SER A 660 -15.21 10.47 -23.16
CA SER A 660 -14.78 11.51 -22.26
C SER A 660 -14.78 11.01 -20.82
N ARG A 661 -14.32 11.88 -19.91
CA ARG A 661 -14.27 11.53 -18.50
C ARG A 661 -15.65 11.40 -17.89
N ALA A 662 -16.62 12.16 -18.41
CA ALA A 662 -17.98 12.11 -17.88
C ALA A 662 -18.76 10.88 -18.32
N ASP A 663 -18.22 10.07 -19.22
CA ASP A 663 -18.91 8.87 -19.69
C ASP A 663 -18.72 7.66 -18.78
N ILE A 664 -17.96 7.80 -17.69
CA ILE A 664 -17.71 6.71 -16.75
C ILE A 664 -18.08 7.21 -15.35
N THR A 665 -18.79 6.37 -14.60
CA THR A 665 -19.18 6.73 -13.24
C THR A 665 -17.94 6.97 -12.40
N THR A 666 -18.01 7.95 -11.50
CA THR A 666 -16.90 8.31 -10.63
C THR A 666 -17.30 8.23 -9.17
N VAL A 667 -16.48 7.54 -8.38
CA VAL A 667 -16.71 7.39 -6.95
C VAL A 667 -15.69 8.30 -6.28
N SER A 668 -16.06 9.59 -6.15
CA SER A 668 -15.17 10.58 -5.54
C SER A 668 -15.12 10.43 -4.03
N THR A 669 -16.28 10.38 -3.39
CA THR A 669 -16.32 10.24 -1.94
C THR A 669 -15.75 8.89 -1.52
N PHE A 670 -15.36 8.80 -0.25
CA PHE A 670 -14.78 7.55 0.26
C PHE A 670 -15.77 6.40 0.17
N ILE A 671 -17.03 6.65 0.52
CA ILE A 671 -18.09 5.64 0.49
C ILE A 671 -19.19 6.16 -0.43
N ASP A 672 -19.58 5.34 -1.40
CA ASP A 672 -20.63 5.68 -2.37
C ASP A 672 -21.48 4.44 -2.60
N LEU A 673 -22.64 4.39 -1.94
CA LEU A 673 -23.56 3.27 -2.05
C LEU A 673 -24.63 3.46 -3.12
N ASN A 674 -24.65 4.60 -3.81
CA ASN A 674 -25.65 4.87 -4.83
C ASN A 674 -25.29 4.33 -6.21
N ILE A 675 -24.28 3.46 -6.32
CA ILE A 675 -23.91 2.91 -7.62
C ILE A 675 -25.05 2.02 -8.11
N THR A 676 -25.26 2.01 -9.43
CA THR A 676 -26.31 1.21 -10.05
C THR A 676 -25.81 -0.18 -10.46
N MET A 677 -24.87 -0.73 -9.70
CA MET A 677 -24.29 -2.03 -9.97
C MET A 677 -25.36 -3.14 -9.98
N LEU A 678 -25.13 -4.14 -10.84
CA LEU A 678 -26.02 -5.28 -11.00
C LEU A 678 -25.21 -6.58 -10.94
N GLU A 679 -25.93 -7.69 -10.90
CA GLU A 679 -25.32 -9.01 -10.84
C GLU A 679 -24.77 -9.37 -12.22
N ASP A 680 -23.45 -9.40 -12.34
CA ASP A 680 -22.82 -9.73 -13.62
C ASP A 680 -22.84 -11.23 -13.87
N HIS A 681 -23.09 -11.60 -15.12
CA HIS A 681 -23.11 -13.00 -15.56
C HIS A 681 -21.90 -13.21 -16.45
N GLU A 682 -21.03 -14.15 -16.05
CA GLU A 682 -19.82 -14.43 -16.82
C GLU A 682 -20.15 -15.01 -18.18
N PHE A 683 -19.91 -14.23 -19.24
CA PHE A 683 -20.16 -14.66 -20.62
C PHE A 683 -18.84 -15.18 -21.21
N VAL A 684 -18.45 -16.35 -20.74
CA VAL A 684 -17.21 -17.00 -21.18
C VAL A 684 -17.33 -17.35 -22.66
N PRO A 685 -16.43 -16.89 -23.54
CA PRO A 685 -16.54 -17.27 -24.95
C PRO A 685 -16.37 -18.78 -25.12
N LEU A 686 -17.13 -19.34 -26.05
CA LEU A 686 -17.07 -20.77 -26.29
C LEU A 686 -15.72 -21.22 -26.84
N GLU A 687 -14.96 -20.33 -27.48
CA GLU A 687 -13.67 -20.72 -28.04
C GLU A 687 -12.70 -21.19 -26.97
N VAL A 688 -12.78 -20.66 -25.75
CA VAL A 688 -11.86 -21.07 -24.71
C VAL A 688 -12.11 -22.52 -24.29
N TYR A 689 -13.36 -22.96 -24.33
CA TYR A 689 -13.68 -24.32 -23.93
C TYR A 689 -13.22 -25.36 -24.97
N THR A 690 -12.98 -24.95 -26.21
CA THR A 690 -12.53 -25.86 -27.27
C THR A 690 -11.05 -25.71 -27.59
N ARG A 691 -10.57 -24.47 -27.75
CA ARG A 691 -9.17 -24.22 -28.07
C ARG A 691 -8.26 -24.18 -26.84
N HIS A 692 -8.79 -24.54 -25.66
CA HIS A 692 -8.06 -24.58 -24.39
C HIS A 692 -7.13 -23.39 -24.18
N GLU A 693 -7.56 -22.20 -24.60
CA GLU A 693 -6.75 -21.00 -24.44
C GLU A 693 -7.07 -20.37 -23.09
N ILE A 694 -6.59 -19.15 -22.85
CA ILE A 694 -6.78 -18.44 -21.60
C ILE A 694 -7.81 -17.32 -21.81
N LYS A 695 -8.52 -16.99 -20.73
CA LYS A 695 -9.55 -15.97 -20.73
C LYS A 695 -9.02 -14.72 -20.01
N ASP A 696 -9.52 -13.57 -20.42
CA ASP A 696 -9.10 -12.30 -19.83
C ASP A 696 -9.46 -12.24 -18.35
N SER A 697 -8.58 -11.58 -17.58
CA SER A 697 -8.79 -11.41 -16.14
C SER A 697 -8.40 -10.03 -15.64
N GLY A 698 -8.11 -9.08 -16.54
CA GLY A 698 -7.72 -7.77 -16.09
C GLY A 698 -6.34 -7.80 -15.43
N LEU A 699 -5.98 -6.66 -14.84
CA LEU A 699 -4.70 -6.59 -14.17
C LEU A 699 -4.73 -7.53 -12.96
N LEU A 700 -3.60 -8.20 -12.72
CA LEU A 700 -3.54 -9.16 -11.63
C LEU A 700 -3.65 -8.51 -10.26
N ASP A 701 -4.42 -9.16 -9.39
CA ASP A 701 -4.62 -8.77 -8.01
C ASP A 701 -3.37 -9.17 -7.24
N TYR A 702 -3.18 -8.58 -6.04
CA TYR A 702 -2.00 -8.94 -5.26
C TYR A 702 -2.00 -10.44 -4.97
N THR A 703 -3.16 -11.01 -4.69
CA THR A 703 -3.22 -12.44 -4.46
C THR A 703 -3.03 -13.20 -5.77
N GLU A 704 -3.50 -12.62 -6.88
CA GLU A 704 -3.33 -13.27 -8.18
C GLU A 704 -1.87 -13.27 -8.60
N VAL A 705 -1.21 -12.11 -8.51
CA VAL A 705 0.21 -12.06 -8.88
C VAL A 705 1.01 -12.90 -7.90
N GLN A 706 0.62 -12.89 -6.62
CA GLN A 706 1.28 -13.72 -5.62
C GLN A 706 0.99 -15.19 -5.85
N ARG A 707 -0.01 -15.50 -6.68
CA ARG A 707 -0.39 -16.86 -7.04
C ARG A 707 0.14 -17.26 -8.41
N ARG A 708 0.29 -16.28 -9.32
CA ARG A 708 0.81 -16.59 -10.65
C ARG A 708 2.24 -17.12 -10.56
N ASN A 709 3.06 -16.52 -9.69
CA ASN A 709 4.42 -17.01 -9.54
C ASN A 709 4.44 -18.42 -8.98
N GLN A 710 3.42 -18.79 -8.20
CA GLN A 710 3.37 -20.15 -7.66
C GLN A 710 3.28 -21.15 -8.79
N LEU A 711 2.46 -20.87 -9.80
CA LEU A 711 2.36 -21.77 -10.94
C LEU A 711 3.70 -21.85 -11.65
N HIS A 712 4.41 -20.71 -11.74
CA HIS A 712 5.71 -20.69 -12.38
C HIS A 712 6.70 -21.56 -11.62
N ASP A 713 6.65 -21.50 -10.28
CA ASP A 713 7.55 -22.32 -9.46
C ASP A 713 7.37 -23.80 -9.77
N LEU A 714 6.12 -24.21 -10.03
CA LEU A 714 5.88 -25.60 -10.36
C LEU A 714 6.39 -25.95 -11.76
N ARG A 715 6.39 -24.97 -12.66
CA ARG A 715 6.88 -25.21 -14.02
C ARG A 715 8.36 -25.54 -14.03
N PHE A 716 9.15 -24.81 -13.24
CA PHE A 716 10.59 -25.10 -13.22
C PHE A 716 10.86 -26.47 -12.61
N ALA A 717 10.07 -26.86 -11.61
CA ALA A 717 10.25 -28.18 -11.01
C ALA A 717 10.04 -29.28 -12.03
N ASP A 718 9.00 -29.14 -12.86
CA ASP A 718 8.74 -30.13 -13.90
C ASP A 718 9.88 -30.15 -14.91
N ILE A 719 10.36 -28.96 -15.31
CA ILE A 719 11.45 -28.89 -16.27
C ILE A 719 12.72 -29.48 -15.67
N ASP A 720 13.01 -29.14 -14.40
CA ASP A 720 14.19 -29.66 -13.75
C ASP A 720 14.11 -31.17 -13.57
N THR A 721 12.93 -31.67 -13.21
CA THR A 721 12.73 -33.11 -13.01
C THR A 721 12.82 -33.85 -14.34
N THR B 109 27.74 8.70 14.82
CA THR B 109 27.12 7.55 15.53
C THR B 109 26.33 6.68 14.57
N ASP B 110 26.27 5.38 14.84
CA ASP B 110 25.56 4.41 14.03
C ASP B 110 24.58 3.63 14.89
N ALA B 111 23.43 3.31 14.31
CA ALA B 111 22.41 2.56 15.02
C ALA B 111 22.77 1.07 15.07
N ASN B 112 22.13 0.36 15.98
CA ASN B 112 22.37 -1.06 16.15
C ASN B 112 21.65 -1.86 15.06
N PHE B 113 22.31 -2.89 14.57
CA PHE B 113 21.74 -3.75 13.55
C PHE B 113 20.74 -4.71 14.17
N TYR B 114 20.07 -5.50 13.33
CA TYR B 114 19.09 -6.46 13.79
C TYR B 114 19.08 -7.66 12.86
N VAL B 115 19.15 -8.86 13.43
CA VAL B 115 19.12 -10.11 12.66
C VAL B 115 17.82 -10.80 13.08
N CYS B 116 16.77 -10.58 12.30
CA CYS B 116 15.46 -11.13 12.58
C CYS B 116 15.38 -12.58 12.11
N PRO B 117 15.05 -13.54 12.97
CA PRO B 117 14.95 -14.94 12.52
C PRO B 117 13.54 -15.24 12.05
N PRO B 118 13.34 -16.29 11.24
CA PRO B 118 11.98 -16.60 10.78
C PRO B 118 11.11 -17.11 11.93
N PRO B 119 9.97 -16.48 12.20
CA PRO B 119 9.13 -16.98 13.29
C PRO B 119 8.59 -18.37 12.99
N THR B 120 8.48 -19.19 14.03
CA THR B 120 7.98 -20.56 13.89
C THR B 120 6.51 -20.70 14.24
N GLY B 121 5.82 -19.60 14.55
CA GLY B 121 4.41 -19.65 14.88
C GLY B 121 4.11 -19.83 16.35
N ALA B 122 5.11 -19.66 17.23
CA ALA B 122 4.86 -19.81 18.66
C ALA B 122 3.85 -18.78 19.13
N THR B 123 3.96 -17.56 18.66
CA THR B 123 3.05 -16.46 18.99
C THR B 123 2.26 -16.12 17.73
N VAL B 124 0.94 -16.17 17.85
CA VAL B 124 0.03 -15.89 16.73
C VAL B 124 -0.75 -14.63 17.06
N VAL B 125 -0.91 -13.74 16.09
CA VAL B 125 -1.61 -12.44 16.34
C VAL B 125 -2.52 -12.09 15.16
N GLN B 126 -3.83 -12.34 15.29
CA GLN B 126 -4.79 -11.92 14.25
C GLN B 126 -4.81 -10.39 14.24
N PHE B 127 -5.21 -9.77 13.13
CA PHE B 127 -5.23 -8.29 13.00
C PHE B 127 -6.67 -7.88 12.65
N GLU B 128 -7.22 -6.87 13.33
CA GLU B 128 -8.65 -6.44 13.14
C GLU B 128 -8.99 -6.28 11.66
N GLN B 129 -10.26 -6.56 11.29
CA GLN B 129 -10.74 -6.42 9.89
C GLN B 129 -11.83 -5.33 9.83
N PRO B 130 -12.03 -4.64 8.67
CA PRO B 130 -13.00 -3.57 8.59
C PRO B 130 -14.35 -4.02 9.10
N ARG B 131 -15.05 -3.16 9.84
CA ARG B 131 -16.38 -3.50 10.38
C ARG B 131 -17.44 -3.07 9.36
N ARG B 132 -18.72 -3.07 9.72
CA ARG B 132 -19.79 -2.58 8.82
C ARG B 132 -20.43 -1.36 9.49
N CYS B 133 -20.16 -0.15 8.97
CA CYS B 133 -20.68 1.10 9.55
C CYS B 133 -22.12 1.35 9.07
N PRO B 134 -22.97 2.04 9.85
CA PRO B 134 -24.33 2.31 9.42
C PRO B 134 -24.32 3.45 8.40
N THR B 135 -25.00 3.29 7.26
CA THR B 135 -25.09 4.35 6.27
C THR B 135 -25.76 5.59 6.84
N ARG B 136 -26.70 5.41 7.76
CA ARG B 136 -27.42 6.50 8.40
C ARG B 136 -27.47 6.22 9.89
N PRO B 137 -27.35 7.25 10.76
CA PRO B 137 -27.40 6.97 12.20
C PRO B 137 -28.77 6.53 12.68
N GLU B 138 -28.89 5.27 13.06
CA GLU B 138 -30.15 4.70 13.54
C GLU B 138 -30.10 4.32 15.02
N GLY B 139 -28.99 4.57 15.70
CA GLY B 139 -28.90 4.24 17.10
C GLY B 139 -29.79 5.13 17.95
N GLN B 140 -29.94 4.74 19.21
CA GLN B 140 -30.75 5.47 20.17
C GLN B 140 -30.00 5.60 21.48
N ASN B 141 -30.34 6.65 22.23
CA ASN B 141 -29.74 6.94 23.53
C ASN B 141 -28.23 7.09 23.42
N TYR B 142 -27.81 8.02 22.58
CA TYR B 142 -26.40 8.31 22.38
C TYR B 142 -25.84 9.03 23.59
N THR B 143 -24.58 8.78 23.91
CA THR B 143 -23.94 9.42 25.05
C THR B 143 -22.43 9.17 25.00
N GLU B 144 -21.67 10.21 25.32
CA GLU B 144 -20.21 10.13 25.34
C GLU B 144 -19.76 9.76 26.76
N GLY B 145 -18.46 9.60 26.95
CA GLY B 145 -17.94 9.27 28.25
C GLY B 145 -16.56 8.66 28.14
N ILE B 146 -16.00 8.36 29.31
CA ILE B 146 -14.68 7.76 29.45
C ILE B 146 -14.85 6.26 29.63
N ALA B 147 -14.08 5.49 28.88
CA ALA B 147 -14.13 4.03 28.94
C ALA B 147 -12.74 3.46 29.11
N VAL B 148 -12.68 2.30 29.76
CA VAL B 148 -11.42 1.59 30.01
C VAL B 148 -11.65 0.12 29.72
N VAL B 149 -11.23 -0.34 28.55
CA VAL B 149 -11.40 -1.73 28.18
C VAL B 149 -10.36 -2.59 28.88
N PHE B 150 -10.75 -3.82 29.22
CA PHE B 150 -9.89 -4.78 29.89
C PHE B 150 -9.84 -6.08 29.10
N LYS B 151 -8.65 -6.66 29.01
CA LYS B 151 -8.43 -7.92 28.32
C LYS B 151 -8.20 -9.02 29.35
N GLU B 152 -8.74 -10.21 29.09
CA GLU B 152 -8.60 -11.32 30.01
C GLU B 152 -7.13 -11.59 30.30
N ASN B 153 -6.81 -11.73 31.59
CA ASN B 153 -5.43 -11.98 32.01
C ASN B 153 -5.03 -13.37 31.56
N ILE B 154 -4.21 -13.44 30.52
CA ILE B 154 -3.76 -14.72 29.99
C ILE B 154 -2.76 -15.38 30.95
N ALA B 155 -2.10 -14.59 31.80
CA ALA B 155 -1.12 -15.10 32.75
C ALA B 155 -0.01 -15.84 32.01
N PRO B 156 0.82 -15.13 31.24
CA PRO B 156 1.89 -15.80 30.50
C PRO B 156 3.02 -16.24 31.41
N TYR B 157 3.23 -17.56 31.47
CA TYR B 157 4.28 -18.17 32.29
C TYR B 157 5.36 -18.68 31.34
N LYS B 158 6.58 -18.19 31.51
CA LYS B 158 7.71 -18.56 30.67
C LYS B 158 8.74 -19.35 31.47
N PHE B 159 9.37 -20.31 30.79
CA PHE B 159 10.40 -21.15 31.39
C PHE B 159 11.24 -21.74 30.28
N LYS B 160 12.55 -21.78 30.49
CA LYS B 160 13.48 -22.32 29.50
C LYS B 160 13.40 -23.84 29.54
N ALA B 161 12.57 -24.40 28.65
CA ALA B 161 12.38 -25.83 28.57
C ALA B 161 13.43 -26.44 27.65
N THR B 162 14.20 -27.38 28.16
CA THR B 162 15.26 -28.03 27.39
C THR B 162 14.68 -29.18 26.57
N MET B 163 14.98 -29.18 25.27
CA MET B 163 14.51 -30.20 24.35
C MET B 163 15.68 -31.11 24.00
N TYR B 164 15.39 -32.41 23.91
CA TYR B 164 16.38 -33.42 23.59
C TYR B 164 15.82 -34.34 22.51
N TYR B 165 16.62 -34.58 21.46
CA TYR B 165 16.20 -35.45 20.38
C TYR B 165 17.43 -35.96 19.66
N LYS B 166 17.22 -37.01 18.86
CA LYS B 166 18.29 -37.64 18.08
C LYS B 166 17.86 -37.70 16.63
N ASP B 167 18.69 -37.17 15.74
CA ASP B 167 18.44 -37.17 14.30
C ASP B 167 19.17 -38.35 13.68
N VAL B 168 18.43 -39.26 13.05
CA VAL B 168 18.98 -40.44 12.40
C VAL B 168 18.90 -40.25 10.89
N THR B 169 19.99 -40.56 10.21
CA THR B 169 20.09 -40.44 8.76
C THR B 169 20.93 -41.60 8.23
N VAL B 170 20.75 -41.90 6.95
CA VAL B 170 21.45 -42.97 6.28
C VAL B 170 22.17 -42.40 5.06
N SER B 171 23.42 -42.81 4.87
CA SER B 171 24.24 -42.35 3.76
C SER B 171 24.08 -43.22 2.52
N GLN B 172 23.10 -44.12 2.49
CA GLN B 172 22.89 -44.98 1.33
C GLN B 172 22.52 -44.15 0.12
N VAL B 173 23.01 -44.59 -1.05
CA VAL B 173 22.73 -43.90 -2.30
C VAL B 173 22.81 -44.89 -3.46
N ILE B 185 18.38 -42.30 3.57
CA ILE B 185 17.02 -42.69 3.23
C ILE B 185 16.25 -43.05 4.49
N PHE B 186 14.97 -42.65 4.52
CA PHE B 186 14.10 -42.92 5.66
C PHE B 186 14.66 -42.27 6.93
N GLU B 187 14.82 -40.95 6.87
CA GLU B 187 15.33 -40.17 7.97
C GLU B 187 14.18 -39.58 8.77
N ASP B 188 14.31 -39.61 10.10
CA ASP B 188 13.28 -39.10 10.97
C ASP B 188 13.91 -38.71 12.30
N ARG B 189 13.13 -37.97 13.10
CA ARG B 189 13.56 -37.51 14.42
C ARG B 189 12.88 -38.35 15.48
N ALA B 190 13.68 -38.92 16.38
CA ALA B 190 13.21 -39.78 17.45
C ALA B 190 13.54 -39.17 18.82
N PRO B 191 12.78 -39.51 19.86
CA PRO B 191 13.05 -38.95 21.19
C PRO B 191 14.08 -39.78 21.96
N VAL B 192 14.88 -39.09 22.75
CA VAL B 192 15.91 -39.74 23.56
C VAL B 192 15.25 -40.29 24.83
N PRO B 193 15.57 -41.49 25.30
CA PRO B 193 14.94 -41.99 26.53
C PRO B 193 15.32 -41.15 27.75
N PHE B 194 14.67 -41.47 28.87
CA PHE B 194 14.92 -40.75 30.11
C PHE B 194 16.24 -41.15 30.76
N GLU B 195 16.57 -42.44 30.77
CA GLU B 195 17.82 -42.87 31.41
C GLU B 195 19.04 -42.27 30.70
N GLU B 196 18.99 -42.15 29.38
CA GLU B 196 20.12 -41.56 28.66
C GLU B 196 20.34 -40.11 29.04
N VAL B 197 19.24 -39.35 29.22
CA VAL B 197 19.36 -37.95 29.56
C VAL B 197 19.90 -37.78 30.98
N ILE B 198 19.40 -38.57 31.92
CA ILE B 198 19.84 -38.44 33.32
C ILE B 198 21.18 -39.13 33.57
N ASP B 199 21.56 -40.12 32.76
CA ASP B 199 22.80 -40.85 32.95
C ASP B 199 23.94 -40.39 32.04
N LYS B 200 23.69 -40.29 30.73
CA LYS B 200 24.75 -39.89 29.82
C LYS B 200 24.87 -38.37 29.69
N ILE B 201 23.78 -37.71 29.30
CA ILE B 201 23.82 -36.26 29.11
C ILE B 201 23.97 -35.52 30.42
N ASN B 202 23.27 -35.95 31.47
CA ASN B 202 23.36 -35.25 32.75
C ASN B 202 24.56 -35.66 33.58
N ALA B 203 24.62 -36.93 33.99
CA ALA B 203 25.73 -37.39 34.83
C ALA B 203 27.05 -37.55 34.08
N LYS B 204 27.05 -37.45 32.74
CA LYS B 204 28.29 -37.59 31.98
C LYS B 204 28.49 -36.55 30.88
N GLY B 205 27.50 -35.74 30.55
CA GLY B 205 27.67 -34.75 29.51
C GLY B 205 27.97 -35.33 28.14
N VAL B 206 27.43 -36.52 27.84
CA VAL B 206 27.65 -37.18 26.56
C VAL B 206 26.32 -37.76 26.09
N CYS B 207 26.29 -38.11 24.81
CA CYS B 207 25.11 -38.68 24.17
C CYS B 207 25.44 -40.08 23.66
N ARG B 208 24.49 -41.00 23.84
CA ARG B 208 24.69 -42.36 23.38
C ARG B 208 24.78 -42.40 21.85
N SER B 209 25.80 -43.07 21.34
CA SER B 209 25.97 -43.16 19.89
C SER B 209 24.80 -43.87 19.24
N THR B 210 24.36 -44.97 19.84
CA THR B 210 23.24 -45.73 19.30
C THR B 210 21.91 -45.03 19.60
N ALA B 211 20.93 -45.25 18.74
CA ALA B 211 19.61 -44.67 18.88
C ALA B 211 18.59 -45.64 18.34
N LYS B 212 17.36 -45.51 18.86
CA LYS B 212 16.25 -46.37 18.45
C LYS B 212 15.20 -45.54 17.72
N TYR B 213 14.81 -46.01 16.53
CA TYR B 213 13.81 -45.34 15.71
C TYR B 213 12.85 -46.38 15.17
N VAL B 214 11.62 -45.95 14.91
CA VAL B 214 10.57 -46.83 14.39
C VAL B 214 10.61 -46.85 12.88
N ARG B 215 10.46 -48.05 12.31
CA ARG B 215 10.47 -48.24 10.87
C ARG B 215 9.60 -49.45 10.56
N ASN B 216 8.60 -49.26 9.68
CA ASN B 216 7.69 -50.33 9.29
C ASN B 216 6.95 -50.87 10.52
N ASN B 217 6.61 -49.98 11.44
CA ASN B 217 5.90 -50.35 12.68
C ASN B 217 6.72 -51.33 13.52
N LEU B 218 8.05 -51.21 13.47
CA LEU B 218 8.95 -52.07 14.22
C LEU B 218 10.16 -51.26 14.66
N GLU B 219 10.56 -51.46 15.92
CA GLU B 219 11.71 -50.74 16.45
C GLU B 219 12.98 -51.11 15.68
N THR B 220 13.79 -50.11 15.37
CA THR B 220 15.03 -50.30 14.63
C THR B 220 16.14 -49.50 15.31
N THR B 221 17.35 -50.04 15.26
CA THR B 221 18.52 -49.42 15.85
C THR B 221 19.37 -48.74 14.78
N ALA B 222 20.09 -47.69 15.19
CA ALA B 222 20.96 -46.93 14.32
C ALA B 222 22.31 -46.74 15.00
N PHE B 223 23.30 -46.30 14.22
CA PHE B 223 24.65 -46.07 14.71
C PHE B 223 25.18 -44.75 14.17
N HIS B 224 26.35 -44.36 14.67
CA HIS B 224 27.02 -43.12 14.29
C HIS B 224 28.08 -43.43 13.23
N ARG B 225 27.78 -43.04 11.99
CA ARG B 225 28.69 -43.25 10.86
C ARG B 225 29.09 -44.72 10.72
N ASP B 226 28.12 -45.61 10.92
CA ASP B 226 28.34 -47.06 10.81
C ASP B 226 29.41 -47.55 11.79
N ASP B 227 29.48 -46.91 12.96
CA ASP B 227 30.44 -47.26 13.99
C ASP B 227 29.71 -48.00 15.12
N HIS B 228 30.43 -48.29 16.20
CA HIS B 228 29.88 -48.98 17.35
C HIS B 228 29.54 -47.97 18.45
N GLU B 229 28.95 -48.47 19.54
CA GLU B 229 28.57 -47.60 20.64
C GLU B 229 29.80 -47.00 21.30
N THR B 230 29.84 -45.67 21.38
CA THR B 230 30.95 -44.95 21.98
C THR B 230 30.42 -43.64 22.54
N ASP B 231 30.96 -43.23 23.69
CA ASP B 231 30.52 -41.99 24.30
C ASP B 231 30.99 -40.80 23.48
N MET B 232 30.06 -39.88 23.20
CA MET B 232 30.35 -38.68 22.42
C MET B 232 29.83 -37.47 23.20
N GLU B 233 30.68 -36.47 23.36
CA GLU B 233 30.29 -35.28 24.10
C GLU B 233 29.42 -34.37 23.25
N LEU B 234 28.74 -33.46 23.94
CA LEU B 234 27.84 -32.49 23.31
C LEU B 234 28.55 -31.15 23.22
N LYS B 235 28.77 -30.68 21.98
CA LYS B 235 29.46 -29.41 21.74
C LYS B 235 28.44 -28.30 21.51
N PRO B 236 28.72 -27.05 21.91
CA PRO B 236 27.74 -25.97 21.70
C PRO B 236 27.47 -25.71 20.22
N ALA B 237 26.35 -25.03 19.97
CA ALA B 237 25.96 -24.71 18.60
C ALA B 237 26.89 -23.66 17.99
N ASN B 238 27.02 -23.74 16.67
CA ASN B 238 27.84 -22.79 15.93
C ASN B 238 27.07 -21.52 15.57
N ALA B 239 25.74 -21.53 15.72
CA ALA B 239 24.95 -20.34 15.41
C ALA B 239 25.21 -19.23 16.42
N ALA B 240 25.45 -19.59 17.68
CA ALA B 240 25.72 -18.63 18.74
C ALA B 240 24.55 -17.67 18.95
N THR B 241 23.34 -18.18 18.82
CA THR B 241 22.13 -17.39 18.99
C THR B 241 21.72 -17.36 20.46
N ARG B 242 20.86 -16.39 20.79
CA ARG B 242 20.37 -16.24 22.16
C ARG B 242 19.25 -17.21 22.50
N THR B 243 18.72 -17.95 21.52
CA THR B 243 17.62 -18.87 21.81
C THR B 243 18.05 -19.91 22.83
N SER B 244 19.22 -20.50 22.62
CA SER B 244 19.76 -21.52 23.51
C SER B 244 21.15 -21.90 23.02
N ARG B 245 21.83 -22.72 23.82
CA ARG B 245 23.16 -23.17 23.42
C ARG B 245 23.06 -24.11 22.23
N GLY B 246 21.96 -24.86 22.13
CA GLY B 246 21.75 -25.77 21.01
C GLY B 246 22.85 -26.78 20.84
N TRP B 247 23.27 -27.43 21.92
CA TRP B 247 24.36 -28.41 21.86
C TRP B 247 24.08 -29.49 20.82
N HIS B 248 25.06 -29.73 19.95
CA HIS B 248 24.99 -30.75 18.91
C HIS B 248 26.32 -31.49 18.89
N THR B 249 26.27 -32.80 18.68
CA THR B 249 27.51 -33.58 18.67
C THR B 249 28.24 -33.47 17.33
N THR B 250 27.52 -33.66 16.23
CA THR B 250 28.10 -33.60 14.89
C THR B 250 27.58 -32.38 14.16
N ASP B 251 28.49 -31.59 13.60
CA ASP B 251 28.12 -30.38 12.88
C ASP B 251 27.67 -30.71 11.46
N THR B 267 24.37 -45.74 8.60
CA THR B 267 23.55 -44.83 9.39
C THR B 267 24.42 -43.71 9.98
N THR B 268 23.79 -42.58 10.29
CA THR B 268 24.47 -41.41 10.86
C THR B 268 23.52 -40.76 11.85
N VAL B 269 23.69 -41.10 13.13
CA VAL B 269 22.86 -40.56 14.20
C VAL B 269 23.53 -39.30 14.73
N ASN B 270 22.72 -38.35 15.17
CA ASN B 270 23.22 -37.08 15.71
C ASN B 270 22.35 -36.69 16.90
N CYS B 271 22.97 -36.50 18.06
CA CYS B 271 22.30 -36.12 19.27
C CYS B 271 22.39 -34.61 19.43
N ILE B 272 21.23 -33.95 19.59
CA ILE B 272 21.17 -32.50 19.73
C ILE B 272 20.34 -32.15 20.96
N VAL B 273 20.82 -31.18 21.73
CA VAL B 273 20.18 -30.70 22.94
C VAL B 273 20.07 -29.19 22.82
N GLU B 274 18.87 -28.65 23.06
CA GLU B 274 18.61 -27.22 22.96
C GLU B 274 17.79 -26.75 24.15
N GLU B 275 18.25 -25.69 24.81
CA GLU B 275 17.56 -25.09 25.95
C GLU B 275 16.63 -23.97 25.49
N VAL B 276 15.74 -24.30 24.55
CA VAL B 276 14.80 -23.34 23.99
C VAL B 276 13.84 -22.82 25.04
N ASP B 277 13.14 -21.73 24.72
CA ASP B 277 12.18 -21.11 25.62
C ASP B 277 10.79 -21.69 25.39
N ALA B 278 9.92 -21.52 26.38
CA ALA B 278 8.56 -22.02 26.30
C ALA B 278 7.63 -21.01 26.96
N ARG B 279 6.34 -21.12 26.64
CA ARG B 279 5.33 -20.22 27.18
C ARG B 279 4.05 -21.01 27.43
N SER B 280 3.33 -20.58 28.48
CA SER B 280 2.07 -21.18 28.87
C SER B 280 1.01 -20.09 28.96
N VAL B 281 -0.25 -20.52 29.03
CA VAL B 281 -1.38 -19.58 29.10
C VAL B 281 -2.09 -19.79 30.43
N TYR B 282 -3.13 -18.98 30.69
CA TYR B 282 -3.87 -19.07 31.94
C TYR B 282 -4.37 -20.47 32.28
N PRO B 283 -4.93 -21.26 31.36
CA PRO B 283 -5.38 -22.61 31.75
C PRO B 283 -4.28 -23.47 32.33
N TYR B 284 -3.05 -23.32 31.85
CA TYR B 284 -1.85 -24.05 32.29
C TYR B 284 -1.90 -25.54 31.95
N ASP B 285 -2.95 -26.02 31.28
CA ASP B 285 -3.00 -27.44 30.94
C ASP B 285 -2.08 -27.78 29.78
N GLU B 286 -1.81 -26.81 28.90
CA GLU B 286 -0.93 -27.00 27.75
C GLU B 286 -0.06 -25.78 27.58
N PHE B 287 1.20 -26.00 27.21
CA PHE B 287 2.16 -24.93 26.97
C PHE B 287 2.79 -25.15 25.61
N VAL B 288 3.27 -24.07 25.01
CA VAL B 288 3.89 -24.08 23.69
C VAL B 288 5.35 -23.71 23.82
N LEU B 289 6.20 -24.45 23.11
CA LEU B 289 7.63 -24.23 23.10
C LEU B 289 7.99 -23.19 22.03
N ALA B 290 9.25 -22.76 22.04
CA ALA B 290 9.69 -21.79 21.05
C ALA B 290 9.57 -22.36 19.64
N THR B 291 9.72 -23.68 19.51
CA THR B 291 9.60 -24.32 18.19
C THR B 291 8.20 -24.15 17.63
N GLY B 292 7.19 -24.02 18.49
CA GLY B 292 5.81 -23.87 18.08
C GLY B 292 4.97 -25.12 18.25
N ASP B 293 5.60 -26.27 18.49
CA ASP B 293 4.86 -27.51 18.68
C ASP B 293 4.18 -27.48 20.04
N PHE B 294 2.85 -27.51 20.03
CA PHE B 294 2.10 -27.49 21.28
C PHE B 294 2.37 -28.74 22.11
N VAL B 295 2.50 -28.55 23.42
CA VAL B 295 2.74 -29.63 24.36
C VAL B 295 1.45 -29.82 25.15
N TYR B 296 0.91 -31.04 25.13
CA TYR B 296 -0.34 -31.36 25.82
C TYR B 296 -0.13 -31.80 27.26
N MET B 297 0.93 -31.34 27.91
CA MET B 297 1.23 -31.68 29.29
C MET B 297 1.43 -30.39 30.07
N SER B 298 0.75 -30.27 31.21
CA SER B 298 0.88 -29.06 32.01
C SER B 298 2.30 -28.95 32.58
N PRO B 299 2.90 -27.75 32.60
CA PRO B 299 4.25 -27.63 33.15
C PRO B 299 4.34 -27.98 34.62
N PHE B 300 3.24 -27.86 35.37
CA PHE B 300 3.21 -28.16 36.78
C PHE B 300 2.83 -29.62 37.08
N TYR B 301 2.63 -30.44 36.04
CA TYR B 301 2.27 -31.82 36.27
C TYR B 301 3.39 -32.58 36.98
N GLY B 302 2.99 -33.52 37.83
CA GLY B 302 3.94 -34.32 38.57
C GLY B 302 3.26 -34.99 39.73
N TYR B 303 4.06 -35.78 40.46
CA TYR B 303 3.60 -36.52 41.63
C TYR B 303 4.38 -36.17 42.88
N ARG B 304 5.34 -35.25 42.81
CA ARG B 304 6.11 -34.87 43.99
C ARG B 304 5.23 -34.22 45.04
N GLU B 305 4.27 -33.40 44.59
CA GLU B 305 3.35 -32.71 45.48
C GLU B 305 1.99 -32.64 44.81
N GLY B 306 1.05 -31.98 45.47
CA GLY B 306 -0.29 -31.84 44.94
C GLY B 306 -0.38 -30.73 43.90
N SER B 307 0.38 -30.87 42.82
CA SER B 307 0.42 -29.89 41.75
C SER B 307 -0.69 -30.21 40.73
N HIS B 308 -0.63 -29.60 39.55
CA HIS B 308 -1.64 -29.81 38.52
C HIS B 308 -1.57 -31.22 37.95
N THR B 309 -2.04 -32.20 38.73
CA THR B 309 -2.08 -33.59 38.34
C THR B 309 -3.47 -34.02 37.87
N GLU B 310 -4.38 -33.07 37.67
CA GLU B 310 -5.74 -33.37 37.25
C GLU B 310 -5.89 -33.56 35.75
N HIS B 311 -4.90 -33.20 34.94
CA HIS B 311 -4.99 -33.36 33.50
C HIS B 311 -3.66 -33.73 32.88
N THR B 312 -3.72 -34.68 31.95
CA THR B 312 -2.54 -35.17 31.23
C THR B 312 -2.98 -36.00 30.03
N SER B 313 -2.53 -35.63 28.84
CA SER B 313 -2.91 -36.36 27.64
C SER B 313 -2.00 -37.55 27.36
N TYR B 314 -0.71 -37.44 27.66
CA TYR B 314 0.21 -38.52 27.43
C TYR B 314 0.10 -39.58 28.52
N ALA B 315 0.57 -40.78 28.21
CA ALA B 315 0.52 -41.87 29.16
C ALA B 315 1.51 -41.64 30.30
N ALA B 316 1.33 -42.41 31.37
CA ALA B 316 2.22 -42.28 32.53
C ALA B 316 3.66 -42.62 32.17
N ASP B 317 3.85 -43.67 31.37
CA ASP B 317 5.19 -44.07 30.95
C ASP B 317 5.87 -43.00 30.11
N ARG B 318 5.11 -42.15 29.43
CA ARG B 318 5.68 -41.10 28.60
C ARG B 318 6.20 -39.91 29.40
N PHE B 319 5.93 -39.85 30.70
CA PHE B 319 6.38 -38.76 31.56
C PHE B 319 7.06 -39.33 32.81
N LYS B 320 8.10 -38.63 33.26
CA LYS B 320 8.84 -39.05 34.44
C LYS B 320 9.36 -37.80 35.15
N GLN B 321 9.28 -37.81 36.48
CA GLN B 321 9.75 -36.72 37.32
C GLN B 321 10.81 -37.26 38.26
N VAL B 322 11.92 -36.54 38.37
CA VAL B 322 13.05 -36.92 39.23
C VAL B 322 13.13 -35.93 40.37
N ASP B 323 13.10 -36.45 41.60
CA ASP B 323 13.19 -35.61 42.79
C ASP B 323 14.64 -35.40 43.17
N GLY B 324 14.96 -34.18 43.60
CA GLY B 324 16.32 -33.86 43.96
C GLY B 324 17.30 -33.91 42.82
N PHE B 325 16.81 -33.76 41.58
CA PHE B 325 17.68 -33.81 40.42
C PHE B 325 18.61 -32.61 40.40
N TYR B 326 19.77 -32.79 39.77
CA TYR B 326 20.79 -31.77 39.64
C TYR B 326 21.11 -31.54 38.17
N ALA B 327 21.03 -30.28 37.74
CA ALA B 327 21.31 -29.90 36.37
C ALA B 327 22.76 -29.45 36.27
N ARG B 328 23.20 -29.15 35.05
CA ARG B 328 24.57 -28.70 34.82
C ARG B 328 24.67 -28.12 33.42
N ASP B 329 25.78 -27.46 33.17
CA ASP B 329 26.08 -26.87 31.86
C ASP B 329 27.02 -27.82 31.13
N LEU B 330 26.62 -28.24 29.94
CA LEU B 330 27.45 -29.17 29.18
C LEU B 330 28.77 -28.55 28.75
N THR B 331 28.88 -27.22 28.74
CA THR B 331 30.12 -26.57 28.35
C THR B 331 31.14 -26.61 29.48
N THR B 332 30.69 -26.33 30.71
CA THR B 332 31.57 -26.33 31.89
C THR B 332 31.46 -27.61 32.71
N LYS B 333 30.27 -28.20 32.78
CA LYS B 333 30.04 -29.43 33.54
C LYS B 333 30.40 -29.24 35.01
N ALA B 334 30.02 -28.09 35.57
CA ALA B 334 30.29 -27.76 36.96
C ALA B 334 29.18 -28.18 37.92
N ARG B 335 28.12 -28.84 37.43
CA ARG B 335 27.01 -29.29 38.26
C ARG B 335 26.22 -28.13 38.84
N ALA B 336 24.93 -28.35 39.10
CA ALA B 336 24.10 -27.30 39.66
C ALA B 336 24.54 -26.95 41.08
N THR B 337 24.35 -25.68 41.43
CA THR B 337 24.75 -25.21 42.76
C THR B 337 23.80 -25.70 43.85
N ALA B 338 22.51 -25.83 43.55
CA ALA B 338 21.50 -26.28 44.48
C ALA B 338 20.60 -27.30 43.80
N PRO B 339 19.86 -28.10 44.59
CA PRO B 339 18.97 -29.10 43.97
C PRO B 339 17.92 -28.44 43.08
N THR B 340 17.61 -29.09 41.97
CA THR B 340 16.63 -28.57 41.01
C THR B 340 15.88 -29.77 40.41
N THR B 341 14.70 -30.06 40.95
CA THR B 341 13.90 -31.18 40.43
C THR B 341 13.61 -30.92 38.96
N ARG B 342 13.81 -31.95 38.14
CA ARG B 342 13.60 -31.87 36.70
C ARG B 342 12.51 -32.82 36.23
N ASN B 343 11.68 -32.33 35.32
CA ASN B 343 10.60 -33.09 34.72
C ASN B 343 11.06 -33.58 33.35
N LEU B 344 10.47 -34.67 32.87
CA LEU B 344 10.84 -35.23 31.58
C LEU B 344 9.60 -35.78 30.89
N LEU B 345 9.47 -35.43 29.61
CA LEU B 345 8.36 -35.88 28.77
C LEU B 345 8.92 -36.34 27.44
N THR B 346 8.47 -37.51 26.99
CA THR B 346 8.91 -38.11 25.74
C THR B 346 7.77 -38.01 24.72
N THR B 347 7.97 -37.18 23.71
CA THR B 347 6.98 -36.99 22.66
C THR B 347 7.28 -37.93 21.50
N PRO B 348 6.36 -38.08 20.56
CA PRO B 348 6.62 -38.99 19.43
C PRO B 348 7.80 -38.56 18.57
N LYS B 349 8.21 -37.28 18.62
CA LYS B 349 9.32 -36.78 17.83
C LYS B 349 10.49 -36.24 18.65
N PHE B 350 10.31 -35.96 19.93
CA PHE B 350 11.41 -35.43 20.72
C PHE B 350 11.07 -35.55 22.21
N THR B 351 12.08 -35.27 23.04
CA THR B 351 11.98 -35.31 24.49
C THR B 351 12.21 -33.89 25.01
N VAL B 352 11.46 -33.52 26.05
CA VAL B 352 11.57 -32.19 26.65
C VAL B 352 11.70 -32.31 28.16
N ALA B 353 12.50 -31.40 28.74
CA ALA B 353 12.73 -31.35 30.17
C ALA B 353 12.77 -29.90 30.60
N TRP B 354 12.41 -29.64 31.86
CA TRP B 354 12.40 -28.28 32.38
C TRP B 354 12.34 -28.32 33.90
N ASP B 355 12.63 -27.16 34.50
CA ASP B 355 12.60 -27.06 35.95
C ASP B 355 11.15 -27.14 36.42
N TRP B 356 10.88 -28.02 37.38
CA TRP B 356 9.53 -28.24 37.89
C TRP B 356 9.29 -27.34 39.10
N VAL B 357 8.46 -26.31 38.90
CA VAL B 357 8.09 -25.38 39.96
C VAL B 357 6.86 -25.99 40.63
N PRO B 358 6.69 -25.93 41.97
CA PRO B 358 5.50 -26.53 42.58
C PRO B 358 4.19 -25.98 42.05
N LYS B 359 3.97 -24.66 42.20
CA LYS B 359 2.73 -24.06 41.71
C LYS B 359 2.82 -22.54 41.75
N ARG B 360 2.56 -21.89 40.62
CA ARG B 360 2.61 -20.44 40.58
C ARG B 360 1.44 -19.87 41.41
N PRO B 361 1.64 -18.78 42.15
CA PRO B 361 0.54 -18.23 42.93
C PRO B 361 -0.54 -17.64 42.04
N SER B 362 -1.71 -17.41 42.64
CA SER B 362 -2.83 -16.85 41.91
C SER B 362 -2.52 -15.41 41.48
N VAL B 363 -3.37 -14.84 40.62
CA VAL B 363 -3.18 -13.45 40.10
C VAL B 363 -4.57 -12.84 39.81
N CYS B 364 -4.67 -11.58 39.41
CA CYS B 364 -5.96 -10.94 39.04
C CYS B 364 -6.44 -11.77 37.83
N THR B 365 -7.74 -11.93 37.60
CA THR B 365 -8.28 -12.73 36.47
C THR B 365 -8.59 -11.76 35.35
N MET B 366 -8.44 -10.46 35.61
CA MET B 366 -8.77 -9.39 34.69
C MET B 366 -7.60 -8.41 34.68
N THR B 367 -7.34 -7.80 33.53
CA THR B 367 -6.23 -6.85 33.40
C THR B 367 -6.57 -5.74 32.41
N LYS B 368 -5.95 -4.58 32.62
CA LYS B 368 -6.18 -3.43 31.75
C LYS B 368 -5.59 -3.67 30.37
N TRP B 369 -6.20 -3.05 29.37
CA TRP B 369 -5.76 -3.15 27.99
C TRP B 369 -5.59 -1.79 27.31
N GLN B 370 -6.43 -0.82 27.62
CA GLN B 370 -6.32 0.50 27.01
C GLN B 370 -7.22 1.47 27.75
N GLU B 371 -6.71 2.68 27.97
CA GLU B 371 -7.45 3.75 28.65
C GLU B 371 -7.95 4.69 27.57
N VAL B 372 -9.12 4.36 27.01
CA VAL B 372 -9.71 5.16 25.95
C VAL B 372 -10.01 6.56 26.45
N ASP B 373 -9.65 7.56 25.65
CA ASP B 373 -9.88 8.96 26.01
C ASP B 373 -11.35 9.33 25.85
N GLU B 374 -12.03 8.77 24.86
CA GLU B 374 -13.43 9.05 24.62
C GLU B 374 -14.08 7.87 23.94
N MET B 375 -15.24 7.45 24.45
CA MET B 375 -15.99 6.33 23.90
C MET B 375 -17.46 6.71 23.84
N LEU B 376 -18.11 6.36 22.74
CA LEU B 376 -19.53 6.65 22.53
C LEU B 376 -20.33 5.35 22.59
N ARG B 377 -21.39 5.35 23.39
CA ARG B 377 -22.26 4.20 23.55
C ARG B 377 -23.52 4.41 22.71
N SER B 378 -23.91 3.38 21.98
CA SER B 378 -25.08 3.42 21.11
C SER B 378 -25.96 2.21 21.36
N GLU B 379 -27.22 2.45 21.69
CA GLU B 379 -28.20 1.40 21.96
C GLU B 379 -28.97 1.13 20.69
N TYR B 380 -28.93 -0.11 20.21
CA TYR B 380 -29.64 -0.47 18.99
C TYR B 380 -29.83 -1.98 18.96
N GLY B 381 -31.04 -2.40 18.59
CA GLY B 381 -31.36 -3.81 18.51
C GLY B 381 -31.23 -4.55 19.82
N GLY B 382 -31.61 -3.90 20.92
CA GLY B 382 -31.53 -4.54 22.22
C GLY B 382 -30.12 -4.82 22.69
N SER B 383 -29.13 -4.10 22.18
CA SER B 383 -27.74 -4.30 22.58
C SER B 383 -26.97 -3.02 22.33
N PHE B 384 -26.08 -2.69 23.27
CA PHE B 384 -25.28 -1.49 23.14
C PHE B 384 -24.20 -1.67 22.08
N ARG B 385 -23.70 -0.54 21.59
CA ARG B 385 -22.66 -0.50 20.57
C ARG B 385 -21.64 0.54 20.99
N PHE B 386 -20.47 0.07 21.44
CA PHE B 386 -19.39 0.93 21.90
C PHE B 386 -18.42 1.19 20.75
N SER B 387 -18.04 2.44 20.56
CA SER B 387 -17.11 2.83 19.50
C SER B 387 -16.18 3.91 20.02
N SER B 388 -14.94 3.88 19.54
CA SER B 388 -13.93 4.85 19.93
C SER B 388 -12.98 5.08 18.77
N ASP B 389 -12.27 6.20 18.82
CA ASP B 389 -11.33 6.55 17.76
C ASP B 389 -10.03 5.75 17.83
N ALA B 390 -9.53 5.49 19.03
CA ALA B 390 -8.28 4.77 19.22
C ALA B 390 -8.47 3.29 19.54
N ILE B 391 -9.52 2.67 19.00
CA ILE B 391 -9.78 1.24 19.24
C ILE B 391 -9.92 0.51 17.90
N SER B 392 -10.66 1.10 16.97
CA SER B 392 -10.89 0.52 15.65
C SER B 392 -11.67 -0.78 15.72
N THR B 393 -12.45 -0.98 16.79
CA THR B 393 -13.25 -2.18 16.97
C THR B 393 -14.47 -1.83 17.80
N THR B 394 -15.61 -2.36 17.40
CA THR B 394 -16.88 -2.11 18.09
C THR B 394 -17.24 -3.29 18.97
N PHE B 395 -17.79 -2.99 20.15
CA PHE B 395 -18.20 -3.99 21.12
C PHE B 395 -19.71 -4.04 21.23
N THR B 396 -20.21 -5.18 21.69
CA THR B 396 -21.64 -5.44 21.87
C THR B 396 -21.85 -6.02 23.26
N THR B 397 -22.89 -5.53 23.94
CA THR B 397 -23.24 -5.98 25.29
C THR B 397 -24.69 -6.45 25.32
N ASN B 398 -25.19 -6.72 26.53
CA ASN B 398 -26.54 -7.19 26.76
C ASN B 398 -27.45 -6.14 27.40
N LEU B 399 -27.00 -4.88 27.49
CA LEU B 399 -27.73 -3.75 28.06
C LEU B 399 -27.86 -3.83 29.58
N THR B 400 -27.33 -4.85 30.23
CA THR B 400 -27.42 -5.00 31.69
C THR B 400 -26.03 -4.92 32.29
N GLU B 401 -25.92 -4.16 33.38
CA GLU B 401 -24.63 -4.01 34.05
C GLU B 401 -24.22 -5.34 34.66
N TYR B 402 -23.00 -5.77 34.38
CA TYR B 402 -22.51 -7.02 34.92
C TYR B 402 -22.23 -6.86 36.42
N PRO B 403 -22.77 -7.75 37.28
CA PRO B 403 -22.50 -7.58 38.72
C PRO B 403 -21.05 -7.96 39.06
N LEU B 404 -20.13 -7.02 38.81
CA LEU B 404 -18.73 -7.28 39.08
C LEU B 404 -18.47 -7.49 40.57
N SER B 405 -19.32 -6.94 41.44
CA SER B 405 -19.14 -7.10 42.88
C SER B 405 -19.37 -8.54 43.35
N ARG B 406 -19.95 -9.40 42.53
CA ARG B 406 -20.19 -10.78 42.96
C ARG B 406 -18.90 -11.57 43.13
N VAL B 407 -17.80 -11.13 42.52
CA VAL B 407 -16.51 -11.81 42.60
C VAL B 407 -15.56 -10.95 43.43
N ASP B 408 -14.62 -11.62 44.10
CA ASP B 408 -13.64 -10.93 44.91
C ASP B 408 -12.71 -10.05 44.08
N LEU B 409 -12.63 -10.29 42.76
CA LEU B 409 -11.77 -9.50 41.89
C LEU B 409 -12.29 -8.08 41.67
N GLY B 410 -13.49 -7.77 42.17
CA GLY B 410 -14.02 -6.42 41.99
C GLY B 410 -13.13 -5.36 42.58
N ASP B 411 -12.44 -5.67 43.68
CA ASP B 411 -11.54 -4.68 44.29
C ASP B 411 -10.29 -4.51 43.43
N CYS B 412 -9.77 -5.61 42.87
CA CYS B 412 -8.58 -5.52 42.04
C CYS B 412 -8.86 -4.72 40.77
N ILE B 413 -10.03 -4.93 40.17
CA ILE B 413 -10.39 -4.21 38.95
C ILE B 413 -11.14 -2.92 39.23
N GLY B 414 -11.94 -2.89 40.31
CA GLY B 414 -12.67 -1.67 40.63
C GLY B 414 -11.75 -0.51 40.91
N LYS B 415 -10.74 -0.73 41.76
CA LYS B 415 -9.80 0.35 42.06
C LYS B 415 -8.99 0.71 40.83
N ASP B 416 -8.54 -0.29 40.07
CA ASP B 416 -7.78 -0.02 38.86
C ASP B 416 -8.62 0.72 37.84
N ALA B 417 -9.88 0.32 37.69
CA ALA B 417 -10.77 0.98 36.74
C ALA B 417 -11.15 2.37 37.21
N ARG B 418 -11.51 2.50 38.51
CA ARG B 418 -11.91 3.79 39.04
C ARG B 418 -10.77 4.80 38.96
N ASP B 419 -9.54 4.37 39.25
CA ASP B 419 -8.41 5.28 39.18
C ASP B 419 -8.19 5.79 37.76
N ALA B 420 -8.49 4.96 36.76
CA ALA B 420 -8.32 5.39 35.38
C ALA B 420 -9.33 6.46 35.00
N MET B 421 -10.55 6.39 35.53
CA MET B 421 -11.56 7.40 35.20
C MET B 421 -11.12 8.77 35.67
N ASP B 422 -10.61 8.86 36.90
CA ASP B 422 -10.16 10.14 37.43
C ASP B 422 -8.98 10.68 36.65
N ARG B 423 -8.05 9.79 36.26
CA ARG B 423 -6.88 10.23 35.50
C ARG B 423 -7.29 10.85 34.17
N ILE B 424 -8.14 10.16 33.42
CA ILE B 424 -8.59 10.68 32.14
C ILE B 424 -9.53 11.87 32.33
N PHE B 425 -10.45 11.76 33.30
CA PHE B 425 -11.38 12.85 33.55
C PHE B 425 -10.65 14.11 34.00
N ALA B 426 -9.68 13.97 34.89
CA ALA B 426 -8.91 15.11 35.37
C ALA B 426 -7.97 15.67 34.32
N ARG B 427 -7.77 14.96 33.20
CA ARG B 427 -6.85 15.44 32.17
C ARG B 427 -7.50 16.55 31.33
N ARG B 428 -8.67 16.28 30.74
CA ARG B 428 -9.34 17.25 29.90
C ARG B 428 -10.84 17.38 30.13
N TYR B 429 -11.53 16.39 30.70
CA TYR B 429 -12.97 16.46 30.90
C TYR B 429 -13.38 17.10 32.22
N ASN B 430 -12.44 17.50 33.08
CA ASN B 430 -12.82 18.11 34.34
C ASN B 430 -13.33 19.54 34.17
N ALA B 431 -12.99 20.22 33.08
CA ALA B 431 -13.40 21.59 32.85
C ALA B 431 -14.46 21.73 31.74
N THR B 432 -14.92 20.63 31.14
CA THR B 432 -15.92 20.72 30.09
C THR B 432 -17.00 19.65 30.14
N HIS B 433 -16.97 18.74 31.12
CA HIS B 433 -17.98 17.69 31.22
C HIS B 433 -18.30 17.42 32.68
N ILE B 434 -19.47 16.82 32.90
CA ILE B 434 -19.97 16.48 34.23
C ILE B 434 -20.22 14.98 34.27
N LYS B 435 -19.85 14.35 35.39
CA LYS B 435 -20.04 12.91 35.53
C LYS B 435 -21.52 12.57 35.68
N VAL B 436 -21.97 11.58 34.92
CA VAL B 436 -23.36 11.14 34.95
C VAL B 436 -23.41 9.87 35.80
N GLY B 437 -23.66 10.06 37.09
CA GLY B 437 -23.74 8.93 38.00
C GLY B 437 -22.41 8.23 38.19
N GLN B 438 -22.51 7.02 38.75
CA GLN B 438 -21.34 6.19 39.02
C GLN B 438 -20.97 5.38 37.78
N PRO B 439 -19.76 4.80 37.75
CA PRO B 439 -19.37 3.99 36.59
C PRO B 439 -20.26 2.78 36.43
N GLN B 440 -20.16 2.17 35.25
CA GLN B 440 -20.94 0.97 34.91
C GLN B 440 -20.05 -0.01 34.17
N TYR B 441 -20.21 -1.29 34.50
CA TYR B 441 -19.43 -2.37 33.91
C TYR B 441 -20.34 -3.28 33.08
N TYR B 442 -19.88 -3.62 31.87
CA TYR B 442 -20.63 -4.49 30.98
C TYR B 442 -19.68 -5.44 30.27
N LEU B 443 -20.12 -6.68 30.08
CA LEU B 443 -19.32 -7.66 29.37
C LEU B 443 -19.48 -7.42 27.87
N ALA B 444 -18.49 -7.86 27.10
CA ALA B 444 -18.52 -7.67 25.66
C ALA B 444 -18.15 -8.98 24.96
N ASN B 445 -18.63 -9.10 23.71
CA ASN B 445 -18.35 -10.28 22.92
C ASN B 445 -16.85 -10.43 22.71
N GLY B 446 -16.36 -11.65 22.88
CA GLY B 446 -14.95 -11.95 22.73
C GLY B 446 -14.19 -12.04 24.04
N GLY B 447 -14.83 -11.76 25.17
CA GLY B 447 -14.19 -11.82 26.46
C GLY B 447 -13.67 -10.51 27.01
N PHE B 448 -14.00 -9.38 26.38
CA PHE B 448 -13.53 -8.07 26.84
C PHE B 448 -14.50 -7.48 27.86
N LEU B 449 -13.94 -6.94 28.94
CA LEU B 449 -14.70 -6.30 30.00
C LEU B 449 -14.50 -4.79 29.84
N ILE B 450 -15.60 -4.05 29.77
CA ILE B 450 -15.57 -2.60 29.57
C ILE B 450 -16.23 -1.90 30.76
N ALA B 451 -15.56 -0.89 31.27
CA ALA B 451 -16.05 -0.07 32.38
C ALA B 451 -16.33 1.31 31.79
N TYR B 452 -17.60 1.71 31.80
CA TYR B 452 -18.02 2.98 31.23
C TYR B 452 -18.31 4.02 32.30
N GLN B 453 -18.28 5.27 31.87
CA GLN B 453 -18.54 6.43 32.73
C GLN B 453 -19.22 7.46 31.82
N PRO B 454 -20.56 7.45 31.74
CA PRO B 454 -21.24 8.40 30.85
C PRO B 454 -20.94 9.85 31.24
N LEU B 455 -20.79 10.68 30.20
CA LEU B 455 -20.50 12.10 30.36
C LEU B 455 -21.35 12.89 29.38
N LEU B 456 -21.57 14.16 29.72
CA LEU B 456 -22.33 15.07 28.87
C LEU B 456 -21.65 16.44 28.91
N SER B 457 -21.63 17.10 27.76
CA SER B 457 -20.99 18.40 27.67
C SER B 457 -21.70 19.42 28.55
N ASN B 458 -20.95 20.43 28.99
CA ASN B 458 -21.53 21.46 29.85
C ASN B 458 -22.65 22.20 29.13
N THR B 459 -22.47 22.47 27.84
CA THR B 459 -23.52 23.16 27.08
C THR B 459 -24.77 22.31 27.01
N LEU B 460 -24.63 20.99 26.89
CA LEU B 460 -25.80 20.12 26.84
C LEU B 460 -26.52 20.10 28.18
N ALA B 461 -25.81 20.35 29.28
CA ALA B 461 -26.45 20.36 30.59
C ALA B 461 -27.47 21.49 30.70
N GLU B 462 -27.24 22.60 30.01
CA GLU B 462 -28.18 23.71 30.07
C GLU B 462 -29.55 23.31 29.54
N LEU B 463 -29.60 22.40 28.57
CA LEU B 463 -30.87 21.96 28.03
C LEU B 463 -31.58 21.02 29.00
N TYR B 464 -30.81 20.14 29.65
CA TYR B 464 -31.40 19.20 30.60
C TYR B 464 -31.95 19.92 31.82
N VAL B 465 -31.16 20.84 32.39
CA VAL B 465 -31.61 21.56 33.57
C VAL B 465 -32.80 22.46 33.22
N ARG B 466 -32.80 23.05 32.02
CA ARG B 466 -33.91 23.91 31.63
C ARG B 466 -35.20 23.10 31.55
N GLU B 467 -35.15 21.92 30.95
CA GLU B 467 -36.35 21.09 30.85
C GLU B 467 -36.74 20.55 32.22
N HIS B 468 -35.75 20.25 33.07
CA HIS B 468 -36.03 19.75 34.40
C HIS B 468 -36.81 20.79 35.21
N LEU B 469 -36.41 22.05 35.13
CA LEU B 469 -37.11 23.11 35.85
C LEU B 469 -38.51 23.30 35.29
N ARG B 470 -38.70 23.09 33.99
CA ARG B 470 -40.02 23.24 33.39
C ARG B 470 -41.01 22.26 34.01
N GLU B 471 -40.59 21.00 34.17
CA GLU B 471 -41.47 20.00 34.76
C GLU B 471 -41.65 20.22 36.25
N GLN B 472 -40.66 20.83 36.91
CA GLN B 472 -40.76 21.09 38.34
C GLN B 472 -41.88 22.08 38.65
N SER B 473 -42.15 23.00 37.75
CA SER B 473 -43.21 23.99 37.95
C SER B 473 -44.58 23.31 37.99
N ILE B 501 -29.74 19.38 38.77
CA ILE B 501 -28.37 18.89 38.77
C ILE B 501 -28.32 17.37 38.86
N GLU B 502 -29.43 16.74 39.26
CA GLU B 502 -29.52 15.29 39.39
C GLU B 502 -29.61 14.68 37.98
N PHE B 503 -28.48 14.70 37.28
CA PHE B 503 -28.44 14.14 35.93
C PHE B 503 -28.65 12.63 35.94
N ALA B 504 -28.34 11.97 37.05
CA ALA B 504 -28.53 10.53 37.13
C ALA B 504 -30.01 10.18 36.99
N ARG B 505 -30.29 9.16 36.18
CA ARG B 505 -31.64 8.68 35.91
C ARG B 505 -32.49 9.71 35.16
N LEU B 506 -31.86 10.79 34.67
CA LEU B 506 -32.55 11.84 33.93
C LEU B 506 -32.17 11.84 32.46
N GLN B 507 -31.08 11.17 32.09
CA GLN B 507 -30.65 11.12 30.70
C GLN B 507 -31.68 10.39 29.85
N PHE B 508 -31.83 10.85 28.60
CA PHE B 508 -32.77 10.30 27.63
C PHE B 508 -34.22 10.49 28.01
N THR B 509 -34.52 11.31 29.04
CA THR B 509 -35.90 11.52 29.43
C THR B 509 -36.63 12.40 28.42
N TYR B 510 -35.97 13.44 27.92
CA TYR B 510 -36.57 14.36 26.95
C TYR B 510 -36.23 13.88 25.55
N ASN B 511 -37.24 13.37 24.84
CA ASN B 511 -37.02 12.86 23.49
C ASN B 511 -36.62 13.97 22.53
N HIS B 512 -37.28 15.14 22.62
CA HIS B 512 -36.94 16.23 21.71
C HIS B 512 -35.50 16.70 21.91
N ILE B 513 -35.05 16.77 23.16
CA ILE B 513 -33.67 17.18 23.41
C ILE B 513 -32.72 16.09 22.97
N GLN B 514 -33.13 14.83 23.07
CA GLN B 514 -32.29 13.70 22.67
C GLN B 514 -32.30 13.47 21.16
N ARG B 515 -33.26 14.06 20.44
CA ARG B 515 -33.31 13.86 18.99
C ARG B 515 -32.09 14.44 18.27
N PRO B 516 -31.67 15.69 18.50
CA PRO B 516 -30.50 16.18 17.77
C PRO B 516 -29.19 15.53 18.19
N VAL B 517 -28.98 15.30 19.48
CA VAL B 517 -27.73 14.68 19.92
C VAL B 517 -27.60 13.28 19.35
N ASN B 518 -28.72 12.56 19.21
CA ASN B 518 -28.66 11.22 18.65
C ASN B 518 -28.14 11.25 17.22
N ASP B 519 -28.44 12.32 16.48
CA ASP B 519 -27.99 12.47 15.11
C ASP B 519 -26.60 13.10 15.05
N MET B 520 -26.34 14.09 15.91
CA MET B 520 -25.03 14.74 15.90
C MET B 520 -23.93 13.74 16.25
N LEU B 521 -24.10 13.03 17.36
CA LEU B 521 -23.09 12.03 17.75
C LEU B 521 -23.05 10.88 16.76
N GLY B 522 -24.15 10.64 16.05
CA GLY B 522 -24.17 9.56 15.07
C GLY B 522 -23.15 9.78 13.98
N ARG B 523 -23.02 11.03 13.52
CA ARG B 523 -22.04 11.33 12.47
C ARG B 523 -20.63 11.10 12.99
N VAL B 524 -20.39 11.44 14.26
CA VAL B 524 -19.06 11.23 14.84
C VAL B 524 -18.73 9.74 14.85
N ALA B 525 -19.69 8.91 15.28
CA ALA B 525 -19.46 7.47 15.29
C ALA B 525 -19.28 6.96 13.87
N ILE B 526 -20.10 7.45 12.94
CA ILE B 526 -19.97 7.02 11.56
C ILE B 526 -18.67 7.54 10.98
N ALA B 527 -18.27 8.77 11.35
CA ALA B 527 -17.02 9.32 10.86
C ALA B 527 -15.84 8.48 11.32
N TRP B 528 -15.83 8.08 12.59
CA TRP B 528 -14.75 7.24 13.10
C TRP B 528 -14.75 5.90 12.39
N CYS B 529 -15.94 5.31 12.21
CA CYS B 529 -16.03 4.02 11.53
C CYS B 529 -15.55 4.14 10.09
N GLU B 530 -15.92 5.22 9.41
CA GLU B 530 -15.51 5.41 8.03
C GLU B 530 -14.00 5.57 7.93
N GLU B 531 -13.42 6.43 8.76
CA GLU B 531 -11.97 6.63 8.72
C GLU B 531 -11.24 5.40 9.27
N GLN B 532 -11.80 4.73 10.27
CA GLN B 532 -11.15 3.54 10.80
C GLN B 532 -11.04 2.47 9.73
N ASN B 533 -12.09 2.29 8.94
CA ASN B 533 -12.04 1.31 7.86
C ASN B 533 -11.03 1.73 6.80
N HIS B 534 -10.85 3.04 6.62
CA HIS B 534 -9.88 3.53 5.65
C HIS B 534 -8.47 3.10 6.03
N GLU B 535 -8.17 3.14 7.34
CA GLU B 535 -6.85 2.74 7.80
C GLU B 535 -6.74 1.22 7.89
N LEU B 536 -7.81 0.56 8.37
CA LEU B 536 -7.78 -0.90 8.49
C LEU B 536 -7.61 -1.56 7.14
N THR B 537 -8.37 -1.12 6.13
CA THR B 537 -8.23 -1.71 4.81
C THR B 537 -6.86 -1.44 4.20
N LEU B 538 -6.20 -0.35 4.61
CA LEU B 538 -4.86 -0.03 4.12
C LEU B 538 -3.78 -0.69 4.97
N TRP B 539 -4.00 -0.73 6.29
CA TRP B 539 -3.02 -1.36 7.17
C TRP B 539 -2.88 -2.84 6.88
N ASN B 540 -4.00 -3.52 6.61
CA ASN B 540 -3.94 -4.95 6.32
C ASN B 540 -3.12 -5.20 5.06
N GLU B 541 -3.32 -4.40 4.02
CA GLU B 541 -2.54 -4.58 2.80
C GLU B 541 -1.06 -4.33 3.05
N ALA B 542 -0.75 -3.30 3.85
CA ALA B 542 0.65 -3.02 4.15
C ALA B 542 1.27 -4.18 4.92
N ARG B 543 0.52 -4.78 5.85
CA ARG B 543 1.03 -5.91 6.60
C ARG B 543 1.36 -7.06 5.67
N LYS B 544 0.48 -7.33 4.70
CA LYS B 544 0.73 -8.39 3.74
C LYS B 544 1.91 -8.04 2.84
N LEU B 545 2.02 -6.76 2.46
CA LEU B 545 3.11 -6.35 1.58
C LEU B 545 4.46 -6.51 2.27
N ASN B 546 4.62 -5.91 3.46
CA ASN B 546 5.87 -5.97 4.23
C ASN B 546 5.54 -6.13 5.70
N PRO B 547 5.28 -7.37 6.14
CA PRO B 547 4.93 -7.56 7.57
C PRO B 547 6.03 -7.14 8.53
N ASN B 548 7.30 -7.21 8.14
CA ASN B 548 8.39 -6.82 9.04
C ASN B 548 8.27 -5.36 9.43
N ALA B 549 8.05 -4.47 8.45
CA ALA B 549 7.92 -3.06 8.77
C ALA B 549 6.69 -2.80 9.63
N ILE B 550 5.56 -3.41 9.27
CA ILE B 550 4.34 -3.21 10.06
C ILE B 550 4.50 -3.86 11.43
N ALA B 551 5.22 -4.98 11.51
CA ALA B 551 5.40 -5.64 12.80
C ALA B 551 6.20 -4.76 13.75
N SER B 552 7.25 -4.12 13.25
CA SER B 552 8.09 -3.27 14.09
C SER B 552 7.32 -2.07 14.62
N VAL B 553 6.54 -1.41 13.75
CA VAL B 553 5.79 -0.23 14.18
C VAL B 553 4.57 -0.57 15.03
N THR B 554 4.19 -1.85 15.11
CA THR B 554 3.03 -2.25 15.90
C THR B 554 3.39 -2.75 17.29
N VAL B 555 4.65 -3.15 17.52
CA VAL B 555 5.09 -3.64 18.82
C VAL B 555 6.16 -2.74 19.44
N GLY B 556 6.28 -1.51 18.95
CA GLY B 556 7.24 -0.55 19.48
C GLY B 556 8.71 -0.90 19.37
N ARG B 557 9.07 -2.01 18.74
CA ARG B 557 10.47 -2.38 18.60
C ARG B 557 10.61 -3.28 17.37
N ARG B 558 11.84 -3.35 16.86
CA ARG B 558 12.10 -4.19 15.69
C ARG B 558 11.76 -5.63 16.03
N VAL B 559 10.84 -6.22 15.27
CA VAL B 559 10.38 -7.58 15.51
C VAL B 559 10.10 -8.24 14.17
N SER B 560 10.42 -9.53 14.08
CA SER B 560 10.21 -10.30 12.87
C SER B 560 8.74 -10.72 12.76
N ALA B 561 8.35 -11.09 11.55
CA ALA B 561 6.98 -11.51 11.32
C ALA B 561 6.85 -12.05 9.90
N ARG B 562 5.96 -13.03 9.75
CA ARG B 562 5.69 -13.63 8.45
C ARG B 562 4.22 -14.02 8.43
N MET B 563 3.62 -13.95 7.25
CA MET B 563 2.20 -14.24 7.09
C MET B 563 1.97 -15.74 7.03
N LEU B 564 1.32 -16.28 8.06
CA LEU B 564 0.98 -17.70 8.12
C LEU B 564 -0.44 -17.91 7.61
N GLY B 565 -0.67 -17.46 6.39
CA GLY B 565 -1.98 -17.56 5.77
C GLY B 565 -2.80 -16.32 6.10
N ASP B 566 -3.67 -16.43 7.10
CA ASP B 566 -4.51 -15.33 7.54
C ASP B 566 -4.25 -14.93 8.99
N VAL B 567 -3.10 -15.33 9.54
CA VAL B 567 -2.72 -15.02 10.91
C VAL B 567 -1.26 -14.59 10.91
N MET B 568 -0.95 -13.58 11.71
CA MET B 568 0.39 -13.01 11.79
C MET B 568 1.24 -13.73 12.84
N ALA B 569 2.49 -14.02 12.47
CA ALA B 569 3.45 -14.67 13.35
C ALA B 569 4.41 -13.61 13.89
N VAL B 570 5.04 -13.90 15.02
CA VAL B 570 5.94 -12.95 15.65
C VAL B 570 7.10 -13.69 16.33
N SER B 571 8.29 -13.09 16.27
CA SER B 571 9.49 -13.62 16.90
C SER B 571 10.44 -12.46 17.16
N THR B 572 11.28 -12.61 18.18
CA THR B 572 12.22 -11.57 18.55
C THR B 572 13.42 -11.51 17.60
N CYS B 573 13.94 -10.30 17.43
CA CYS B 573 15.10 -10.02 16.60
C CYS B 573 16.28 -9.71 17.51
N VAL B 574 17.44 -10.27 17.21
CA VAL B 574 18.64 -10.09 18.02
C VAL B 574 19.36 -8.80 17.66
N PRO B 575 19.55 -7.84 18.58
CA PRO B 575 20.28 -6.62 18.22
C PRO B 575 21.79 -6.81 18.38
N VAL B 576 22.53 -6.31 17.40
CA VAL B 576 23.98 -6.40 17.39
C VAL B 576 24.56 -5.02 17.05
N ALA B 577 25.60 -4.63 17.76
CA ALA B 577 26.23 -3.34 17.53
C ALA B 577 26.86 -3.29 16.14
N ALA B 578 26.92 -2.07 15.58
CA ALA B 578 27.49 -1.88 14.26
C ALA B 578 28.99 -2.16 14.21
N ASP B 579 29.67 -2.20 15.35
CA ASP B 579 31.10 -2.47 15.37
C ASP B 579 31.44 -3.94 15.17
N ASN B 580 30.45 -4.83 15.14
CA ASN B 580 30.66 -6.26 14.96
C ASN B 580 30.18 -6.76 13.60
N VAL B 581 30.19 -5.89 12.60
CA VAL B 581 29.75 -6.25 11.25
C VAL B 581 30.74 -5.69 10.23
N ILE B 582 31.03 -6.49 9.21
CA ILE B 582 31.95 -6.12 8.13
C ILE B 582 31.22 -6.39 6.81
N VAL B 583 31.28 -5.42 5.90
CA VAL B 583 30.64 -5.54 4.59
C VAL B 583 31.67 -5.90 3.55
N GLN B 584 31.35 -6.87 2.70
CA GLN B 584 32.27 -7.30 1.65
C GLN B 584 32.43 -6.19 0.62
N ASN B 585 33.67 -5.97 0.19
CA ASN B 585 33.94 -4.93 -0.80
C ASN B 585 33.30 -5.25 -2.14
N SER B 586 33.53 -6.47 -2.65
CA SER B 586 33.00 -6.88 -3.95
C SER B 586 31.81 -7.81 -3.72
N MET B 587 30.60 -7.28 -3.95
CA MET B 587 29.41 -8.10 -3.81
C MET B 587 29.27 -9.08 -4.96
N ARG B 588 29.94 -8.82 -6.08
CA ARG B 588 29.85 -9.71 -7.23
C ARG B 588 30.41 -11.08 -6.89
N ILE B 589 29.79 -12.12 -7.45
CA ILE B 589 30.18 -13.51 -7.23
C ILE B 589 30.83 -14.01 -8.50
N SER B 590 31.99 -14.66 -8.36
CA SER B 590 32.74 -15.19 -9.49
C SER B 590 32.32 -16.59 -9.90
N SER B 591 31.43 -17.23 -9.14
CA SER B 591 30.99 -18.58 -9.49
C SER B 591 30.06 -18.62 -10.69
N ARG B 592 29.47 -17.48 -11.07
CA ARG B 592 28.55 -17.43 -12.20
C ARG B 592 28.53 -16.03 -12.83
N PRO B 593 29.11 -15.85 -14.02
CA PRO B 593 29.08 -14.51 -14.62
C PRO B 593 27.67 -14.08 -14.99
N GLY B 594 27.46 -12.77 -14.98
CA GLY B 594 26.15 -12.22 -15.31
C GLY B 594 25.09 -12.47 -14.28
N ALA B 595 25.48 -12.85 -13.06
CA ALA B 595 24.52 -13.12 -11.99
C ALA B 595 25.27 -13.07 -10.67
N CYS B 596 24.79 -12.25 -9.75
CA CYS B 596 25.43 -12.10 -8.44
C CYS B 596 24.39 -11.60 -7.45
N TYR B 597 24.83 -11.41 -6.21
CA TYR B 597 23.94 -10.95 -5.15
C TYR B 597 23.46 -9.53 -5.43
N SER B 598 22.16 -9.31 -5.24
CA SER B 598 21.55 -8.01 -5.46
C SER B 598 21.79 -7.05 -4.29
N ARG B 599 22.25 -7.53 -3.15
CA ARG B 599 22.51 -6.74 -1.97
C ARG B 599 23.91 -7.06 -1.47
N PRO B 600 24.55 -6.14 -0.74
CA PRO B 600 25.92 -6.41 -0.26
C PRO B 600 25.96 -7.56 0.73
N LEU B 601 27.07 -8.28 0.70
CA LEU B 601 27.31 -9.39 1.62
C LEU B 601 27.97 -8.84 2.88
N VAL B 602 27.65 -9.47 4.01
CA VAL B 602 28.19 -9.03 5.29
C VAL B 602 28.63 -10.22 6.13
N SER B 603 29.57 -9.95 7.04
CA SER B 603 30.11 -10.91 7.99
C SER B 603 29.99 -10.26 9.35
N PHE B 604 29.61 -11.04 10.36
CA PHE B 604 29.42 -10.45 11.68
C PHE B 604 29.55 -11.51 12.77
N ARG B 605 29.57 -11.04 14.00
CA ARG B 605 29.66 -11.86 15.20
C ARG B 605 28.57 -11.37 16.15
N TYR B 606 27.87 -12.32 16.78
CA TYR B 606 26.78 -11.95 17.69
C TYR B 606 27.26 -11.10 18.86
N GLU B 607 28.53 -11.20 19.24
CA GLU B 607 29.05 -10.41 20.35
C GLU B 607 30.53 -10.16 20.14
N ASP B 608 31.07 -9.26 20.95
CA ASP B 608 32.48 -8.91 20.85
C ASP B 608 33.35 -10.15 21.06
N GLN B 609 34.32 -10.34 20.17
CA GLN B 609 35.25 -11.46 20.19
C GLN B 609 34.57 -12.79 19.91
N GLY B 610 33.32 -12.79 19.46
CA GLY B 610 32.62 -14.02 19.18
C GLY B 610 32.98 -14.57 17.82
N PRO B 611 32.47 -15.77 17.53
CA PRO B 611 32.77 -16.40 16.24
C PRO B 611 32.18 -15.60 15.09
N LEU B 612 32.89 -15.64 13.96
CA LEU B 612 32.47 -14.94 12.76
C LEU B 612 31.55 -15.83 11.92
N VAL B 613 30.47 -15.24 11.41
CA VAL B 613 29.50 -15.95 10.59
C VAL B 613 29.25 -15.14 9.32
N GLU B 614 28.79 -15.84 8.30
CA GLU B 614 28.50 -15.23 7.00
C GLU B 614 27.01 -14.91 6.90
N GLY B 615 26.71 -13.85 6.15
CA GLY B 615 25.33 -13.45 5.99
C GLY B 615 25.21 -12.41 4.88
N GLN B 616 23.98 -11.91 4.72
CA GLN B 616 23.67 -10.91 3.72
C GLN B 616 22.99 -9.72 4.38
N LEU B 617 23.21 -8.54 3.81
CA LEU B 617 22.63 -7.31 4.32
C LEU B 617 21.23 -7.13 3.74
N GLY B 618 20.23 -7.00 4.61
CA GLY B 618 18.86 -6.83 4.21
C GLY B 618 18.39 -5.39 4.38
N GLU B 619 17.17 -5.15 3.94
CA GLU B 619 16.57 -3.83 4.02
C GLU B 619 16.37 -3.39 5.47
N ASN B 620 16.53 -2.08 5.68
CA ASN B 620 16.36 -1.46 6.99
C ASN B 620 17.28 -2.08 8.06
N ASN B 621 18.58 -2.12 7.72
CA ASN B 621 19.60 -2.65 8.63
C ASN B 621 19.28 -4.05 9.12
N GLU B 622 18.60 -4.85 8.29
CA GLU B 622 18.25 -6.22 8.67
C GLU B 622 19.31 -7.17 8.16
N LEU B 623 19.72 -8.11 9.00
CA LEU B 623 20.73 -9.10 8.66
C LEU B 623 20.08 -10.45 8.45
N ARG B 624 20.38 -11.08 7.32
CA ARG B 624 19.84 -12.38 6.95
C ARG B 624 20.94 -13.42 7.05
N LEU B 625 20.64 -14.54 7.73
CA LEU B 625 21.63 -15.59 7.91
C LEU B 625 22.02 -16.20 6.57
N THR B 626 21.05 -16.50 5.72
CA THR B 626 21.30 -17.13 4.43
C THR B 626 21.46 -16.07 3.33
N ARG B 627 22.41 -16.31 2.43
CA ARG B 627 22.69 -15.43 1.30
C ARG B 627 21.97 -16.00 0.09
N ASP B 628 20.81 -15.43 -0.23
CA ASP B 628 20.01 -15.88 -1.36
C ASP B 628 19.48 -14.76 -2.24
N ALA B 629 19.61 -13.50 -1.83
CA ALA B 629 19.11 -12.38 -2.65
C ALA B 629 20.03 -12.17 -3.84
N ILE B 630 19.71 -12.82 -4.96
CA ILE B 630 20.49 -12.72 -6.19
C ILE B 630 19.56 -12.34 -7.34
N GLU B 631 20.17 -11.85 -8.41
CA GLU B 631 19.42 -11.45 -9.60
C GLU B 631 20.40 -11.38 -10.77
N PRO B 632 19.89 -11.26 -12.00
CA PRO B 632 20.79 -11.19 -13.15
C PRO B 632 21.48 -9.83 -13.21
N CYS B 633 22.61 -9.73 -12.50
CA CYS B 633 23.38 -8.50 -12.42
C CYS B 633 23.61 -7.88 -13.80
N THR B 634 23.13 -6.66 -13.98
CA THR B 634 23.24 -5.91 -15.22
C THR B 634 24.50 -5.06 -15.21
N VAL B 635 24.59 -4.13 -16.16
CA VAL B 635 25.73 -3.23 -16.29
C VAL B 635 25.26 -1.83 -15.93
N GLY B 636 26.21 -0.99 -15.52
CA GLY B 636 25.88 0.37 -15.13
C GLY B 636 24.96 0.39 -13.93
N HIS B 637 25.21 -0.47 -12.95
CA HIS B 637 24.38 -0.56 -11.76
C HIS B 637 24.84 0.43 -10.70
N ARG B 638 23.90 1.19 -10.17
CA ARG B 638 24.15 2.18 -9.13
C ARG B 638 23.07 2.01 -8.08
N ARG B 639 23.46 1.75 -6.84
CA ARG B 639 22.49 1.56 -5.78
C ARG B 639 23.11 1.92 -4.43
N TYR B 640 22.23 2.16 -3.47
CA TYR B 640 22.59 2.50 -2.10
C TYR B 640 21.88 1.52 -1.17
N PHE B 641 22.54 1.20 -0.06
CA PHE B 641 22.00 0.27 0.92
C PHE B 641 22.21 0.84 2.32
N THR B 642 21.21 0.65 3.17
CA THR B 642 21.32 1.14 4.55
C THR B 642 22.37 0.36 5.29
N PHE B 643 23.27 1.06 5.97
CA PHE B 643 24.36 0.44 6.73
C PHE B 643 24.58 1.28 7.98
N GLY B 644 24.05 0.81 9.11
CA GLY B 644 24.22 1.54 10.35
C GLY B 644 23.50 2.88 10.29
N GLY B 645 24.16 3.91 10.81
CA GLY B 645 23.57 5.24 10.81
C GLY B 645 23.58 5.92 9.45
N GLY B 646 24.31 5.38 8.48
CA GLY B 646 24.38 5.96 7.15
C GLY B 646 24.14 4.94 6.07
N TYR B 647 24.50 5.28 4.84
CA TYR B 647 24.35 4.41 3.68
C TYR B 647 25.71 4.02 3.13
N VAL B 648 25.69 3.01 2.28
CA VAL B 648 26.90 2.50 1.63
C VAL B 648 26.66 2.61 0.12
N TYR B 649 27.57 3.26 -0.58
CA TYR B 649 27.44 3.46 -2.02
C TYR B 649 28.13 2.33 -2.77
N PHE B 650 27.40 1.76 -3.73
CA PHE B 650 27.91 0.67 -4.55
C PHE B 650 27.61 0.99 -6.01
N GLU B 651 28.64 0.93 -6.84
CA GLU B 651 28.54 1.21 -8.27
C GLU B 651 29.16 0.06 -9.03
N GLU B 652 28.45 -0.45 -10.04
CA GLU B 652 28.93 -1.57 -10.85
C GLU B 652 29.22 -2.79 -9.99
N TYR B 653 28.49 -2.95 -8.89
CA TYR B 653 28.67 -4.07 -7.97
C TYR B 653 30.09 -4.09 -7.40
N ALA B 654 30.47 -2.96 -6.80
CA ALA B 654 31.78 -2.80 -6.20
C ALA B 654 31.69 -1.70 -5.14
N TYR B 655 32.22 -1.97 -3.96
CA TYR B 655 32.17 -1.00 -2.87
C TYR B 655 32.98 0.24 -3.25
N SER B 656 32.29 1.38 -3.30
CA SER B 656 32.92 2.65 -3.65
C SER B 656 33.35 3.41 -2.38
N HIS B 657 32.39 3.73 -1.52
CA HIS B 657 32.68 4.45 -0.28
C HIS B 657 31.40 4.52 0.53
N GLN B 658 31.56 4.79 1.82
CA GLN B 658 30.45 4.89 2.76
C GLN B 658 30.18 6.37 3.02
N LEU B 659 28.94 6.79 2.80
CA LEU B 659 28.53 8.18 3.00
C LEU B 659 27.54 8.27 4.14
N SER B 660 27.67 9.32 4.95
CA SER B 660 26.80 9.52 6.09
C SER B 660 25.38 9.85 5.63
N ARG B 661 24.47 9.96 6.61
CA ARG B 661 23.08 10.27 6.31
C ARG B 661 22.91 11.68 5.77
N ALA B 662 23.78 12.61 6.18
CA ALA B 662 23.67 13.99 5.73
C ALA B 662 24.18 14.20 4.31
N ASP B 663 24.80 13.19 3.69
CA ASP B 663 25.31 13.31 2.33
C ASP B 663 24.25 13.09 1.26
N ILE B 664 23.01 12.80 1.64
CA ILE B 664 21.93 12.56 0.70
C ILE B 664 20.77 13.48 1.06
N THR B 665 20.18 14.11 0.06
CA THR B 665 19.05 15.01 0.30
C THR B 665 17.90 14.22 0.92
N THR B 666 17.19 14.87 1.84
CA THR B 666 16.07 14.24 2.54
C THR B 666 14.80 15.05 2.35
N VAL B 667 13.73 14.36 1.96
CA VAL B 667 12.42 14.99 1.77
C VAL B 667 11.59 14.54 2.97
N SER B 668 11.70 15.29 4.06
CA SER B 668 10.98 14.97 5.29
C SER B 668 9.51 15.37 5.19
N THR B 669 9.25 16.61 4.78
CA THR B 669 7.87 17.06 4.66
C THR B 669 7.15 16.29 3.56
N PHE B 670 5.82 16.32 3.61
CA PHE B 670 5.03 15.60 2.61
C PHE B 670 5.28 16.14 1.22
N ILE B 671 5.36 17.46 1.06
CA ILE B 671 5.59 18.11 -0.23
C ILE B 671 6.86 18.96 -0.09
N ASP B 672 7.80 18.77 -1.00
CA ASP B 672 9.07 19.49 -1.01
C ASP B 672 9.41 19.83 -2.45
N LEU B 673 9.13 21.08 -2.85
CA LEU B 673 9.39 21.55 -4.20
C LEU B 673 10.75 22.24 -4.36
N ASN B 674 11.53 22.35 -3.29
CA ASN B 674 12.83 23.00 -3.37
C ASN B 674 13.97 22.08 -3.78
N ILE B 675 13.67 20.89 -4.31
CA ILE B 675 14.73 19.98 -4.73
C ILE B 675 15.44 20.59 -5.93
N THR B 676 16.75 20.35 -6.02
CA THR B 676 17.57 20.87 -7.11
C THR B 676 17.65 19.89 -8.29
N MET B 677 16.59 19.12 -8.51
CA MET B 677 16.52 18.14 -9.57
C MET B 677 16.73 18.77 -10.95
N LEU B 678 17.36 18.00 -11.84
CA LEU B 678 17.65 18.42 -13.21
C LEU B 678 17.21 17.35 -14.18
N GLU B 679 17.26 17.70 -15.47
CA GLU B 679 16.88 16.77 -16.55
C GLU B 679 17.98 15.74 -16.73
N ASP B 680 17.71 14.49 -16.36
CA ASP B 680 18.69 13.42 -16.48
C ASP B 680 18.76 12.93 -17.92
N HIS B 681 19.98 12.64 -18.37
CA HIS B 681 20.25 12.13 -19.71
C HIS B 681 20.71 10.67 -19.55
N GLU B 682 19.96 9.75 -20.17
CA GLU B 682 20.30 8.34 -20.07
C GLU B 682 21.62 8.03 -20.74
N PHE B 683 22.64 7.70 -19.94
CA PHE B 683 23.96 7.35 -20.45
C PHE B 683 24.07 5.83 -20.54
N VAL B 684 23.38 5.28 -21.53
CA VAL B 684 23.35 3.84 -21.76
C VAL B 684 24.75 3.37 -22.15
N PRO B 685 25.36 2.41 -21.45
CA PRO B 685 26.69 1.95 -21.86
C PRO B 685 26.64 1.31 -23.24
N LEU B 686 27.68 1.54 -24.02
CA LEU B 686 27.74 0.98 -25.37
C LEU B 686 27.80 -0.54 -25.40
N GLU B 687 28.28 -1.17 -24.32
CA GLU B 687 28.38 -2.63 -24.29
C GLU B 687 27.02 -3.30 -24.43
N VAL B 688 25.95 -2.68 -23.93
CA VAL B 688 24.63 -3.30 -24.03
C VAL B 688 24.16 -3.35 -25.48
N TYR B 689 24.52 -2.36 -26.29
CA TYR B 689 24.09 -2.34 -27.68
C TYR B 689 24.80 -3.39 -28.53
N THR B 690 25.96 -3.89 -28.08
CA THR B 690 26.73 -4.88 -28.82
C THR B 690 26.61 -6.28 -28.22
N ARG B 691 26.74 -6.42 -26.91
CA ARG B 691 26.66 -7.71 -26.24
C ARG B 691 25.22 -8.12 -25.91
N HIS B 692 24.23 -7.38 -26.39
CA HIS B 692 22.80 -7.64 -26.19
C HIS B 692 22.45 -8.07 -24.77
N GLU B 693 23.11 -7.47 -23.78
CA GLU B 693 22.85 -7.79 -22.37
C GLU B 693 21.73 -6.89 -21.86
N ILE B 694 21.51 -6.91 -20.55
CA ILE B 694 20.45 -6.12 -19.91
C ILE B 694 21.08 -4.94 -19.18
N LYS B 695 20.32 -3.86 -19.07
CA LYS B 695 20.73 -2.62 -18.41
C LYS B 695 20.03 -2.52 -17.06
N ASP B 696 20.70 -1.86 -16.11
CA ASP B 696 20.14 -1.70 -14.77
C ASP B 696 18.86 -0.87 -14.80
N SER B 697 17.94 -1.23 -13.89
CA SER B 697 16.67 -0.53 -13.79
C SER B 697 16.23 -0.33 -12.34
N GLY B 698 17.09 -0.60 -11.37
CA GLY B 698 16.70 -0.42 -9.98
C GLY B 698 15.66 -1.46 -9.59
N LEU B 699 15.11 -1.28 -8.38
CA LEU B 699 14.09 -2.19 -7.90
C LEU B 699 12.86 -2.06 -8.80
N LEU B 700 12.21 -3.19 -9.09
CA LEU B 700 11.06 -3.17 -9.97
C LEU B 700 9.86 -2.45 -9.37
N ASP B 701 9.20 -1.66 -10.21
CA ASP B 701 8.00 -0.92 -9.87
C ASP B 701 6.84 -1.91 -9.85
N TYR B 702 5.72 -1.53 -9.23
CA TYR B 702 4.58 -2.44 -9.20
C TYR B 702 4.15 -2.79 -10.61
N THR B 703 4.16 -1.82 -11.52
CA THR B 703 3.81 -2.11 -12.90
C THR B 703 4.91 -2.93 -13.57
N GLU B 704 6.16 -2.69 -13.18
CA GLU B 704 7.27 -3.44 -13.77
C GLU B 704 7.23 -4.90 -13.32
N VAL B 705 7.08 -5.14 -12.01
CA VAL B 705 7.00 -6.50 -11.52
C VAL B 705 5.74 -7.16 -12.07
N GLN B 706 4.65 -6.39 -12.16
CA GLN B 706 3.41 -6.91 -12.74
C GLN B 706 3.55 -7.14 -14.23
N ARG B 707 4.61 -6.60 -14.84
CA ARG B 707 4.91 -6.77 -16.25
C ARG B 707 6.00 -7.81 -16.48
N ARG B 708 6.93 -7.94 -15.53
CA ARG B 708 8.00 -8.93 -15.67
C ARG B 708 7.42 -10.34 -15.74
N ASN B 709 6.42 -10.63 -14.90
CA ASN B 709 5.82 -11.96 -14.94
C ASN B 709 5.12 -12.20 -16.27
N GLN B 710 4.64 -11.13 -16.93
CA GLN B 710 4.00 -11.31 -18.22
C GLN B 710 4.99 -11.88 -19.23
N LEU B 711 6.22 -11.37 -19.22
CA LEU B 711 7.23 -11.92 -20.12
C LEU B 711 7.50 -13.38 -19.79
N HIS B 712 7.50 -13.71 -18.50
CA HIS B 712 7.70 -15.09 -18.08
C HIS B 712 6.59 -15.98 -18.60
N ASP B 713 5.35 -15.50 -18.53
CA ASP B 713 4.21 -16.28 -19.02
C ASP B 713 4.40 -16.64 -20.49
N LEU B 714 4.97 -15.73 -21.27
CA LEU B 714 5.20 -16.01 -22.68
C LEU B 714 6.33 -17.01 -22.86
N ARG B 715 7.30 -17.03 -21.94
CA ARG B 715 8.41 -17.96 -22.06
C ARG B 715 7.94 -19.40 -21.90
N PHE B 716 7.03 -19.66 -20.95
CA PHE B 716 6.55 -21.03 -20.78
C PHE B 716 5.74 -21.46 -21.99
N ALA B 717 4.99 -20.55 -22.60
CA ALA B 717 4.21 -20.90 -23.78
C ALA B 717 5.13 -21.36 -24.90
N ASP B 718 6.24 -20.65 -25.10
CA ASP B 718 7.19 -21.03 -26.14
C ASP B 718 7.80 -22.39 -25.82
N ILE B 719 8.18 -22.60 -24.55
CA ILE B 719 8.75 -23.88 -24.16
C ILE B 719 7.74 -25.00 -24.32
N ASP B 720 6.49 -24.76 -23.89
CA ASP B 720 5.46 -25.77 -24.01
C ASP B 720 5.16 -26.07 -25.47
N THR B 721 5.10 -25.03 -26.31
CA THR B 721 4.82 -25.20 -27.73
C THR B 721 5.98 -25.92 -28.42
N THR C 109 -21.44 -17.77 17.04
CA THR C 109 -22.05 -17.32 15.76
C THR C 109 -21.00 -17.16 14.67
N ASP C 110 -21.39 -17.40 13.42
CA ASP C 110 -20.50 -17.29 12.27
C ASP C 110 -21.11 -16.36 11.24
N ALA C 111 -20.25 -15.61 10.57
CA ALA C 111 -20.70 -14.67 9.55
C ALA C 111 -21.01 -15.41 8.25
N ASN C 112 -21.77 -14.74 7.39
CA ASN C 112 -22.16 -15.32 6.11
C ASN C 112 -21.01 -15.25 5.11
N PHE C 113 -20.84 -16.30 4.33
CA PHE C 113 -19.80 -16.36 3.33
C PHE C 113 -20.20 -15.53 2.11
N TYR C 114 -19.28 -15.43 1.14
CA TYR C 114 -19.54 -14.67 -0.07
C TYR C 114 -18.77 -15.31 -1.22
N VAL C 115 -19.47 -15.54 -2.33
CA VAL C 115 -18.87 -16.11 -3.54
C VAL C 115 -18.95 -15.01 -4.60
N CYS C 116 -17.88 -14.25 -4.71
CA CYS C 116 -17.81 -13.13 -5.65
C CYS C 116 -17.50 -13.63 -7.06
N PRO C 117 -18.33 -13.33 -8.07
CA PRO C 117 -18.02 -13.79 -9.42
C PRO C 117 -17.18 -12.75 -10.15
N PRO C 118 -16.48 -13.13 -11.23
CA PRO C 118 -15.66 -12.15 -11.95
C PRO C 118 -16.55 -11.15 -12.68
N PRO C 119 -16.39 -9.84 -12.43
CA PRO C 119 -17.23 -8.87 -13.15
C PRO C 119 -16.92 -8.89 -14.65
N THR C 120 -17.97 -8.70 -15.45
CA THR C 120 -17.84 -8.69 -16.91
C THR C 120 -17.74 -7.28 -17.49
N GLY C 121 -17.70 -6.25 -16.64
CA GLY C 121 -17.60 -4.89 -17.13
C GLY C 121 -18.93 -4.20 -17.37
N ALA C 122 -20.04 -4.76 -16.89
CA ALA C 122 -21.34 -4.12 -17.10
C ALA C 122 -21.36 -2.76 -16.43
N THR C 123 -20.81 -2.66 -15.23
CA THR C 123 -20.73 -1.42 -14.46
C THR C 123 -19.27 -1.01 -14.40
N VAL C 124 -18.98 0.21 -14.86
CA VAL C 124 -17.63 0.74 -14.88
C VAL C 124 -17.55 1.92 -13.93
N VAL C 125 -16.49 2.02 -13.13
CA VAL C 125 -16.38 3.10 -12.11
C VAL C 125 -14.94 3.65 -12.08
N GLN C 126 -14.70 4.79 -12.71
CA GLN C 126 -13.37 5.44 -12.63
C GLN C 126 -13.19 5.89 -11.18
N PHE C 127 -11.95 6.08 -10.72
CA PHE C 127 -11.67 6.49 -9.32
C PHE C 127 -10.85 7.79 -9.39
N GLU C 128 -11.21 8.80 -8.58
CA GLU C 128 -10.57 10.15 -8.62
C GLU C 128 -9.03 10.04 -8.60
N GLN C 129 -8.34 10.97 -9.25
CA GLN C 129 -6.84 11.00 -9.28
C GLN C 129 -6.34 12.28 -8.59
N PRO C 130 -5.11 12.28 -8.01
CA PRO C 130 -4.63 13.45 -7.28
C PRO C 130 -4.74 14.70 -8.13
N ARG C 131 -5.14 15.82 -7.52
CA ARG C 131 -5.29 17.09 -8.25
C ARG C 131 -3.96 17.84 -8.18
N ARG C 132 -3.92 19.11 -8.56
CA ARG C 132 -2.67 19.93 -8.44
C ARG C 132 -2.98 21.07 -7.46
N CYS C 133 -2.44 21.02 -6.25
CA CYS C 133 -2.71 22.03 -5.20
C CYS C 133 -1.79 23.24 -5.42
N PRO C 134 -2.19 24.47 -5.03
CA PRO C 134 -1.34 25.63 -5.18
C PRO C 134 -0.26 25.63 -4.12
N THR C 135 1.00 25.82 -4.50
CA THR C 135 2.09 25.89 -3.53
C THR C 135 1.88 27.03 -2.54
N ARG C 136 1.29 28.14 -2.98
CA ARG C 136 1.02 29.30 -2.16
C ARG C 136 -0.42 29.75 -2.43
N PRO C 137 -1.17 30.21 -1.41
CA PRO C 137 -2.54 30.64 -1.67
C PRO C 137 -2.62 31.91 -2.50
N GLU C 138 -3.09 31.77 -3.74
CA GLU C 138 -3.23 32.90 -4.66
C GLU C 138 -4.68 33.21 -4.98
N GLY C 139 -5.64 32.50 -4.39
CA GLY C 139 -7.03 32.77 -4.67
C GLY C 139 -7.47 34.10 -4.07
N GLN C 140 -8.66 34.53 -4.47
CA GLN C 140 -9.25 35.79 -4.02
C GLN C 140 -10.70 35.56 -3.64
N ASN C 141 -11.19 36.42 -2.75
CA ASN C 141 -12.56 36.38 -2.27
C ASN C 141 -12.91 35.02 -1.67
N TYR C 142 -12.12 34.64 -0.66
CA TYR C 142 -12.34 33.38 0.05
C TYR C 142 -13.57 33.48 0.93
N THR C 143 -14.28 32.36 1.08
CA THR C 143 -15.48 32.33 1.90
C THR C 143 -15.91 30.89 2.12
N GLU C 144 -16.34 30.61 3.36
CA GLU C 144 -16.81 29.28 3.72
C GLU C 144 -18.32 29.22 3.54
N GLY C 145 -18.91 28.06 3.79
CA GLY C 145 -20.34 27.91 3.65
C GLY C 145 -20.73 26.45 3.49
N ILE C 146 -22.03 26.24 3.40
CA ILE C 146 -22.62 24.91 3.24
C ILE C 146 -22.90 24.70 1.76
N ALA C 147 -22.52 23.53 1.26
CA ALA C 147 -22.71 23.19 -0.15
C ALA C 147 -23.35 21.81 -0.27
N VAL C 148 -24.12 21.64 -1.33
CA VAL C 148 -24.81 20.38 -1.61
C VAL C 148 -24.63 20.07 -3.09
N VAL C 149 -23.71 19.18 -3.41
CA VAL C 149 -23.45 18.81 -4.80
C VAL C 149 -24.53 17.85 -5.29
N PHE C 150 -24.86 17.96 -6.57
CA PHE C 150 -25.87 17.12 -7.21
C PHE C 150 -25.28 16.45 -8.45
N LYS C 151 -25.61 15.17 -8.62
CA LYS C 151 -25.17 14.39 -9.77
C LYS C 151 -26.34 14.20 -10.72
N GLU C 152 -26.05 14.26 -12.02
CA GLU C 152 -27.10 14.10 -13.03
C GLU C 152 -27.84 12.80 -12.83
N ASN C 153 -29.17 12.87 -12.84
CA ASN C 153 -30.02 11.70 -12.66
C ASN C 153 -29.86 10.80 -13.86
N ILE C 154 -29.13 9.70 -13.68
CA ILE C 154 -28.91 8.76 -14.78
C ILE C 154 -30.18 7.97 -15.07
N ALA C 155 -31.11 7.88 -14.12
CA ALA C 155 -32.37 7.15 -14.29
C ALA C 155 -32.07 5.70 -14.65
N PRO C 156 -31.52 4.91 -13.74
CA PRO C 156 -31.21 3.51 -14.04
C PRO C 156 -32.46 2.66 -14.11
N TYR C 157 -32.73 2.11 -15.29
CA TYR C 157 -33.88 1.24 -15.54
C TYR C 157 -33.36 -0.18 -15.71
N LYS C 158 -33.85 -1.09 -14.86
CA LYS C 158 -33.42 -2.48 -14.87
C LYS C 158 -34.58 -3.39 -15.29
N PHE C 159 -34.23 -4.44 -16.02
CA PHE C 159 -35.21 -5.42 -16.50
C PHE C 159 -34.47 -6.71 -16.81
N LYS C 160 -35.07 -7.84 -16.44
CA LYS C 160 -34.48 -9.15 -16.69
C LYS C 160 -34.65 -9.49 -18.16
N ALA C 161 -33.63 -9.20 -18.95
CA ALA C 161 -33.65 -9.47 -20.37
C ALA C 161 -33.16 -10.89 -20.63
N THR C 162 -33.98 -11.69 -21.30
CA THR C 162 -33.64 -13.07 -21.59
C THR C 162 -32.82 -13.15 -22.87
N MET C 163 -31.68 -13.83 -22.80
CA MET C 163 -30.77 -14.00 -23.93
C MET C 163 -30.90 -15.43 -24.44
N TYR C 164 -30.87 -15.58 -25.76
CA TYR C 164 -30.98 -16.86 -26.42
C TYR C 164 -29.88 -16.97 -27.48
N TYR C 165 -29.17 -18.09 -27.48
CA TYR C 165 -28.10 -18.31 -28.44
C TYR C 165 -27.84 -19.80 -28.56
N LYS C 166 -27.15 -20.17 -29.63
CA LYS C 166 -26.79 -21.56 -29.91
C LYS C 166 -25.30 -21.67 -30.13
N ASP C 167 -24.65 -22.56 -29.38
CA ASP C 167 -23.22 -22.78 -29.47
C ASP C 167 -22.98 -23.98 -30.37
N VAL C 168 -22.25 -23.77 -31.47
CA VAL C 168 -21.94 -24.81 -32.44
C VAL C 168 -20.46 -25.17 -32.30
N THR C 169 -20.19 -26.47 -32.26
CA THR C 169 -18.82 -26.99 -32.15
C THR C 169 -18.71 -28.25 -32.99
N VAL C 170 -17.47 -28.58 -33.35
CA VAL C 170 -17.17 -29.74 -34.16
C VAL C 170 -16.17 -30.61 -33.41
N SER C 171 -16.40 -31.92 -33.41
CA SER C 171 -15.55 -32.88 -32.75
C SER C 171 -14.42 -33.40 -33.63
N GLN C 172 -14.20 -32.78 -34.79
CA GLN C 172 -13.14 -33.21 -35.68
C GLN C 172 -11.77 -33.02 -35.03
N VAL C 173 -10.87 -33.96 -35.31
CA VAL C 173 -9.52 -33.92 -34.76
C VAL C 173 -8.56 -34.64 -35.69
N ILE C 185 -13.60 -27.65 -34.50
CA ILE C 185 -12.90 -26.65 -35.29
C ILE C 185 -13.90 -25.64 -35.86
N PHE C 186 -13.51 -24.37 -35.88
CA PHE C 186 -14.36 -23.29 -36.39
C PHE C 186 -15.66 -23.20 -35.59
N GLU C 187 -15.50 -22.99 -34.28
CA GLU C 187 -16.61 -22.87 -33.36
C GLU C 187 -16.96 -21.41 -33.15
N ASP C 188 -18.27 -21.11 -33.12
CA ASP C 188 -18.72 -19.74 -32.94
C ASP C 188 -20.13 -19.78 -32.36
N ARG C 189 -20.57 -18.61 -31.89
CA ARG C 189 -21.89 -18.44 -31.30
C ARG C 189 -22.79 -17.72 -32.30
N ALA C 190 -23.94 -18.32 -32.58
CA ALA C 190 -24.91 -17.80 -33.52
C ALA C 190 -26.23 -17.49 -32.82
N PRO C 191 -27.03 -16.56 -33.37
CA PRO C 191 -28.31 -16.22 -32.74
C PRO C 191 -29.44 -17.13 -33.20
N VAL C 192 -30.36 -17.42 -32.28
CA VAL C 192 -31.50 -18.27 -32.59
C VAL C 192 -32.56 -17.42 -33.29
N PRO C 193 -33.25 -17.92 -34.33
CA PRO C 193 -34.27 -17.10 -34.97
C PRO C 193 -35.44 -16.81 -34.05
N PHE C 194 -36.35 -15.95 -34.54
CA PHE C 194 -37.53 -15.57 -33.76
C PHE C 194 -38.58 -16.67 -33.72
N GLU C 195 -38.83 -17.34 -34.85
CA GLU C 195 -39.85 -18.38 -34.85
C GLU C 195 -39.50 -19.53 -33.92
N GLU C 196 -38.21 -19.88 -33.84
CA GLU C 196 -37.81 -20.96 -32.95
C GLU C 196 -38.07 -20.61 -31.49
N VAL C 197 -37.82 -19.36 -31.11
CA VAL C 197 -38.04 -18.94 -29.73
C VAL C 197 -39.52 -18.93 -29.39
N ILE C 198 -40.35 -18.40 -30.28
CA ILE C 198 -41.78 -18.31 -30.00
C ILE C 198 -42.51 -19.64 -30.25
N ASP C 199 -41.96 -20.52 -31.08
CA ASP C 199 -42.60 -21.80 -31.38
C ASP C 199 -42.03 -22.98 -30.61
N LYS C 200 -40.71 -23.15 -30.61
CA LYS C 200 -40.11 -24.29 -29.91
C LYS C 200 -39.86 -23.99 -28.43
N ILE C 201 -39.09 -22.94 -28.14
CA ILE C 201 -38.76 -22.63 -26.76
C ILE C 201 -39.97 -22.13 -25.99
N ASN C 202 -40.80 -21.28 -26.61
CA ASN C 202 -41.95 -20.75 -25.89
C ASN C 202 -43.15 -21.69 -25.91
N ALA C 203 -43.70 -21.98 -27.09
CA ALA C 203 -44.88 -22.84 -27.17
C ALA C 203 -44.58 -24.32 -26.93
N LYS C 204 -43.31 -24.72 -26.84
CA LYS C 204 -42.97 -26.12 -26.61
C LYS C 204 -41.88 -26.35 -25.56
N GLY C 205 -41.17 -25.33 -25.11
CA GLY C 205 -40.12 -25.53 -24.12
C GLY C 205 -39.00 -26.41 -24.60
N VAL C 206 -38.67 -26.36 -25.90
CA VAL C 206 -37.60 -27.16 -26.49
C VAL C 206 -36.82 -26.28 -27.44
N CYS C 207 -35.63 -26.76 -27.80
CA CYS C 207 -34.74 -26.06 -28.73
C CYS C 207 -34.51 -26.93 -29.96
N ARG C 208 -34.49 -26.29 -31.12
CA ARG C 208 -34.27 -27.01 -32.37
C ARG C 208 -32.85 -27.59 -32.39
N SER C 209 -32.75 -28.88 -32.72
CA SER C 209 -31.44 -29.52 -32.76
C SER C 209 -30.55 -28.87 -33.82
N THR C 210 -31.10 -28.59 -35.00
CA THR C 210 -30.33 -27.97 -36.07
C THR C 210 -30.15 -26.48 -35.80
N ALA C 211 -29.05 -25.95 -36.33
CA ALA C 211 -28.74 -24.53 -36.18
C ALA C 211 -28.03 -24.06 -37.43
N LYS C 212 -28.11 -22.76 -37.68
CA LYS C 212 -27.50 -22.12 -38.84
C LYS C 212 -26.40 -21.18 -38.39
N TYR C 213 -25.21 -21.34 -38.97
CA TYR C 213 -24.06 -20.50 -38.66
C TYR C 213 -23.37 -20.11 -39.95
N VAL C 214 -22.70 -18.96 -39.92
CA VAL C 214 -22.00 -18.43 -41.08
C VAL C 214 -20.58 -18.97 -41.11
N ARG C 215 -20.12 -19.36 -42.31
CA ARG C 215 -18.78 -19.88 -42.51
C ARG C 215 -18.36 -19.55 -43.92
N ASN C 216 -17.21 -18.87 -44.06
CA ASN C 216 -16.69 -18.48 -45.36
C ASN C 216 -17.68 -17.58 -46.10
N ASN C 217 -18.36 -16.72 -45.34
CA ASN C 217 -19.36 -15.79 -45.89
C ASN C 217 -20.51 -16.55 -46.57
N LEU C 218 -20.85 -17.72 -46.04
CA LEU C 218 -21.92 -18.54 -46.57
C LEU C 218 -22.62 -19.26 -45.43
N GLU C 219 -23.95 -19.28 -45.47
CA GLU C 219 -24.72 -19.94 -44.42
C GLU C 219 -24.42 -21.43 -44.40
N THR C 220 -24.25 -21.97 -43.19
CA THR C 220 -23.96 -23.39 -43.00
C THR C 220 -24.84 -23.94 -41.90
N THR C 221 -25.21 -25.20 -42.03
CA THR C 221 -26.06 -25.89 -41.07
C THR C 221 -25.24 -26.80 -40.18
N ALA C 222 -25.72 -27.02 -38.96
CA ALA C 222 -25.07 -27.86 -37.97
C ALA C 222 -26.10 -28.81 -37.36
N PHE C 223 -25.61 -29.82 -36.65
CA PHE C 223 -26.46 -30.82 -36.01
C PHE C 223 -25.96 -31.09 -34.60
N HIS C 224 -26.75 -31.87 -33.86
CA HIS C 224 -26.45 -32.24 -32.48
C HIS C 224 -25.80 -33.62 -32.47
N ARG C 225 -24.49 -33.65 -32.21
CA ARG C 225 -23.71 -34.89 -32.13
C ARG C 225 -23.88 -35.72 -33.41
N ASP C 226 -23.85 -35.03 -34.55
CA ASP C 226 -23.98 -35.68 -35.86
C ASP C 226 -25.28 -36.46 -35.99
N ASP C 227 -26.34 -35.99 -35.35
CA ASP C 227 -27.65 -36.61 -35.37
C ASP C 227 -28.58 -35.81 -36.28
N HIS C 228 -29.85 -36.19 -36.31
CA HIS C 228 -30.86 -35.53 -37.13
C HIS C 228 -31.68 -34.58 -36.26
N GLU C 229 -32.59 -33.85 -36.90
CA GLU C 229 -33.42 -32.90 -36.18
C GLU C 229 -34.35 -33.62 -35.22
N THR C 230 -34.29 -33.25 -33.94
CA THR C 230 -35.12 -33.84 -32.91
C THR C 230 -35.34 -32.81 -31.82
N ASP C 231 -36.54 -32.81 -31.25
CA ASP C 231 -36.86 -31.86 -30.20
C ASP C 231 -36.09 -32.20 -28.93
N MET C 232 -35.44 -31.20 -28.34
CA MET C 232 -34.65 -31.36 -27.12
C MET C 232 -35.10 -30.29 -26.13
N GLU C 233 -35.41 -30.72 -24.91
CA GLU C 233 -35.86 -29.79 -23.88
C GLU C 233 -34.69 -29.00 -23.31
N LEU C 234 -35.03 -27.91 -22.64
CA LEU C 234 -34.06 -27.02 -22.01
C LEU C 234 -34.04 -27.32 -20.52
N LYS C 235 -32.89 -27.77 -20.01
CA LYS C 235 -32.73 -28.10 -18.60
C LYS C 235 -32.07 -26.93 -17.85
N PRO C 236 -32.40 -26.69 -16.57
CA PRO C 236 -31.78 -25.57 -15.86
C PRO C 236 -30.28 -25.72 -15.71
N ALA C 237 -29.62 -24.59 -15.41
CA ALA C 237 -28.18 -24.59 -15.24
C ALA C 237 -27.76 -25.32 -13.97
N ASN C 238 -26.55 -25.89 -14.02
CA ASN C 238 -26.00 -26.59 -12.87
C ASN C 238 -25.30 -25.65 -11.91
N ALA C 239 -25.03 -24.40 -12.31
CA ALA C 239 -24.37 -23.45 -11.44
C ALA C 239 -25.28 -23.04 -10.29
N ALA C 240 -26.58 -22.95 -10.54
CA ALA C 240 -27.57 -22.58 -9.53
C ALA C 240 -27.29 -21.18 -8.98
N THR C 241 -26.87 -20.27 -9.85
CA THR C 241 -26.58 -18.90 -9.46
C THR C 241 -27.85 -18.05 -9.54
N ARG C 242 -27.80 -16.89 -8.88
CA ARG C 242 -28.93 -15.97 -8.86
C ARG C 242 -29.02 -15.12 -10.13
N THR C 243 -28.01 -15.17 -11.01
CA THR C 243 -28.05 -14.35 -12.22
C THR C 243 -29.27 -14.71 -13.07
N SER C 244 -29.49 -16.00 -13.27
CA SER C 244 -30.61 -16.49 -14.07
C SER C 244 -30.60 -18.02 -14.00
N ARG C 245 -31.65 -18.62 -14.56
CA ARG C 245 -31.72 -20.07 -14.58
C ARG C 245 -30.67 -20.64 -15.52
N GLY C 246 -30.33 -19.89 -16.57
CA GLY C 246 -29.31 -20.32 -17.52
C GLY C 246 -29.58 -21.68 -18.15
N TRP C 247 -30.81 -21.89 -18.61
CA TRP C 247 -31.18 -23.17 -19.21
C TRP C 247 -30.25 -23.56 -20.35
N HIS C 248 -29.74 -24.79 -20.28
CA HIS C 248 -28.85 -25.36 -21.28
C HIS C 248 -29.31 -26.78 -21.57
N THR C 249 -29.25 -27.19 -22.84
CA THR C 249 -29.69 -28.52 -23.20
C THR C 249 -28.63 -29.58 -22.89
N THR C 250 -27.38 -29.34 -23.30
CA THR C 250 -26.29 -30.27 -23.08
C THR C 250 -25.30 -29.69 -22.09
N ASP C 251 -24.96 -30.46 -21.07
CA ASP C 251 -24.03 -30.02 -20.04
C ASP C 251 -22.59 -30.16 -20.51
N THR C 267 -20.55 -32.42 -35.87
CA THR C 267 -20.96 -31.18 -35.24
C THR C 267 -21.64 -31.45 -33.90
N THR C 268 -21.62 -30.45 -33.02
CA THR C 268 -22.24 -30.56 -31.69
C THR C 268 -22.82 -29.19 -31.34
N VAL C 269 -24.12 -29.02 -31.60
CA VAL C 269 -24.83 -27.78 -31.33
C VAL C 269 -25.39 -27.85 -29.92
N ASN C 270 -25.46 -26.70 -29.26
CA ASN C 270 -25.98 -26.61 -27.90
C ASN C 270 -26.79 -25.33 -27.77
N CYS C 271 -28.06 -25.48 -27.39
CA CYS C 271 -28.97 -24.36 -27.22
C CYS C 271 -28.98 -23.96 -25.75
N ILE C 272 -28.71 -22.68 -25.48
CA ILE C 272 -28.66 -22.15 -24.11
C ILE C 272 -29.53 -20.91 -24.02
N VAL C 273 -30.30 -20.83 -22.95
CA VAL C 273 -31.20 -19.71 -22.66
C VAL C 273 -30.89 -19.21 -21.27
N GLU C 274 -30.69 -17.91 -21.12
CA GLU C 274 -30.37 -17.29 -19.84
C GLU C 274 -31.19 -16.03 -19.64
N GLU C 275 -31.84 -15.93 -18.47
CA GLU C 275 -32.65 -14.77 -18.11
C GLU C 275 -31.81 -13.74 -17.33
N VAL C 276 -30.69 -13.35 -17.93
CA VAL C 276 -29.76 -12.40 -17.31
C VAL C 276 -30.42 -11.05 -17.11
N ASP C 277 -29.79 -10.21 -16.28
CA ASP C 277 -30.28 -8.87 -15.99
C ASP C 277 -29.69 -7.86 -16.97
N ALA C 278 -30.36 -6.71 -17.06
CA ALA C 278 -29.93 -5.65 -17.96
C ALA C 278 -30.17 -4.30 -17.27
N ARG C 279 -29.48 -3.28 -17.78
CA ARG C 279 -29.59 -1.93 -17.24
C ARG C 279 -29.53 -0.92 -18.37
N SER C 280 -30.26 0.19 -18.18
CA SER C 280 -30.32 1.28 -19.14
C SER C 280 -29.96 2.56 -18.41
N VAL C 281 -29.69 3.61 -19.21
CA VAL C 281 -29.32 4.93 -18.68
C VAL C 281 -30.39 5.93 -19.07
N TYR C 282 -30.22 7.18 -18.62
CA TYR C 282 -31.19 8.23 -18.92
C TYR C 282 -31.53 8.39 -20.40
N PRO C 283 -30.57 8.37 -21.34
CA PRO C 283 -30.95 8.51 -22.75
C PRO C 283 -31.94 7.45 -23.22
N TYR C 284 -31.83 6.23 -22.70
CA TYR C 284 -32.69 5.08 -23.02
C TYR C 284 -32.52 4.59 -24.46
N ASP C 285 -31.62 5.18 -25.25
CA ASP C 285 -31.43 4.71 -26.62
C ASP C 285 -30.66 3.40 -26.67
N GLU C 286 -29.80 3.16 -25.68
CA GLU C 286 -28.99 1.95 -25.61
C GLU C 286 -28.96 1.45 -24.17
N PHE C 287 -29.01 0.13 -24.01
CA PHE C 287 -28.96 -0.50 -22.70
C PHE C 287 -27.89 -1.56 -22.72
N VAL C 288 -27.34 -1.88 -21.55
CA VAL C 288 -26.28 -2.86 -21.40
C VAL C 288 -26.80 -4.04 -20.59
N LEU C 289 -26.47 -5.24 -21.04
CA LEU C 289 -26.87 -6.48 -20.39
C LEU C 289 -25.84 -6.83 -19.31
N ALA C 290 -26.19 -7.85 -18.50
CA ALA C 290 -25.26 -8.29 -17.46
C ALA C 290 -23.96 -8.80 -18.05
N THR C 291 -24.03 -9.35 -19.27
CA THR C 291 -22.82 -9.85 -19.93
C THR C 291 -21.84 -8.72 -20.21
N GLY C 292 -22.34 -7.49 -20.38
CA GLY C 292 -21.52 -6.34 -20.66
C GLY C 292 -21.56 -5.89 -22.11
N ASP C 293 -22.11 -6.71 -23.01
CA ASP C 293 -22.20 -6.34 -24.42
C ASP C 293 -23.28 -5.28 -24.58
N PHE C 294 -22.88 -4.09 -25.02
CA PHE C 294 -23.83 -3.01 -25.22
C PHE C 294 -24.84 -3.35 -26.31
N VAL C 295 -26.09 -2.99 -26.08
CA VAL C 295 -27.18 -3.22 -27.02
C VAL C 295 -27.56 -1.85 -27.58
N TYR C 296 -27.52 -1.73 -28.91
CA TYR C 296 -27.83 -0.48 -29.59
C TYR C 296 -29.30 -0.32 -29.94
N MET C 297 -30.19 -0.94 -29.15
CA MET C 297 -31.63 -0.87 -29.37
C MET C 297 -32.27 -0.42 -28.07
N SER C 298 -33.14 0.58 -28.14
CA SER C 298 -33.81 1.08 -26.95
C SER C 298 -34.75 0.01 -26.40
N PRO C 299 -34.82 -0.17 -25.08
CA PRO C 299 -35.74 -1.18 -24.54
C PRO C 299 -37.20 -0.89 -24.82
N PHE C 300 -37.56 0.37 -25.04
CA PHE C 300 -38.93 0.77 -25.32
C PHE C 300 -39.25 0.78 -26.80
N TYR C 301 -38.31 0.39 -27.67
CA TYR C 301 -38.55 0.39 -29.10
C TYR C 301 -39.65 -0.61 -29.45
N GLY C 302 -40.43 -0.25 -30.46
CA GLY C 302 -41.52 -1.09 -30.92
C GLY C 302 -42.49 -0.31 -31.76
N TYR C 303 -43.51 -1.02 -32.25
CA TYR C 303 -44.55 -0.43 -33.07
C TYR C 303 -45.94 -0.64 -32.50
N ARG C 304 -46.06 -1.27 -31.32
CA ARG C 304 -47.37 -1.49 -30.72
C ARG C 304 -48.02 -0.16 -30.35
N GLU C 305 -47.22 0.80 -29.87
CA GLU C 305 -47.71 2.12 -29.48
C GLU C 305 -46.65 3.15 -29.85
N GLY C 306 -46.92 4.41 -29.51
CA GLY C 306 -45.99 5.48 -29.78
C GLY C 306 -44.87 5.55 -28.78
N SER C 307 -44.10 4.48 -28.69
CA SER C 307 -42.98 4.38 -27.76
C SER C 307 -41.72 4.97 -28.42
N HIS C 308 -40.55 4.71 -27.83
CA HIS C 308 -39.30 5.22 -28.36
C HIS C 308 -38.93 4.57 -29.68
N THR C 309 -39.63 4.97 -30.74
CA THR C 309 -39.41 4.47 -32.09
C THR C 309 -38.60 5.44 -32.93
N GLU C 310 -38.03 6.48 -32.31
CA GLU C 310 -37.26 7.49 -33.02
C GLU C 310 -35.80 7.10 -33.27
N HIS C 311 -35.29 6.03 -32.64
CA HIS C 311 -33.91 5.62 -32.83
C HIS C 311 -33.77 4.11 -32.78
N THR C 312 -32.99 3.59 -33.72
CA THR C 312 -32.71 2.15 -33.82
C THR C 312 -31.53 1.94 -34.77
N SER C 313 -30.50 1.24 -34.29
CA SER C 313 -29.32 0.99 -35.11
C SER C 313 -29.46 -0.27 -35.97
N TYR C 314 -30.12 -1.29 -35.46
CA TYR C 314 -30.31 -2.52 -36.22
C TYR C 314 -31.42 -2.37 -37.23
N ALA C 315 -31.41 -3.24 -38.24
CA ALA C 315 -32.41 -3.21 -39.29
C ALA C 315 -33.76 -3.66 -38.74
N ALA C 316 -34.81 -3.38 -39.52
CA ALA C 316 -36.16 -3.78 -39.10
C ALA C 316 -36.28 -5.29 -39.00
N ASP C 317 -35.69 -6.02 -39.94
CA ASP C 317 -35.75 -7.47 -39.91
C ASP C 317 -35.04 -8.06 -38.69
N ARG C 318 -34.07 -7.34 -38.13
CA ARG C 318 -33.35 -7.82 -36.96
C ARG C 318 -34.13 -7.70 -35.67
N PHE C 319 -35.28 -7.01 -35.67
CA PHE C 319 -36.11 -6.82 -34.49
C PHE C 319 -37.55 -7.20 -34.80
N LYS C 320 -38.21 -7.79 -33.81
CA LYS C 320 -39.60 -8.20 -33.96
C LYS C 320 -40.29 -8.09 -32.61
N GLN C 321 -41.53 -7.59 -32.63
CA GLN C 321 -42.35 -7.43 -31.43
C GLN C 321 -43.62 -8.24 -31.61
N VAL C 322 -43.98 -9.00 -30.58
CA VAL C 322 -45.17 -9.85 -30.58
C VAL C 322 -46.17 -9.27 -29.59
N ASP C 323 -47.38 -9.00 -30.08
CA ASP C 323 -48.44 -8.45 -29.25
C ASP C 323 -49.22 -9.59 -28.59
N GLY C 324 -49.58 -9.38 -27.32
CA GLY C 324 -50.31 -10.40 -26.60
C GLY C 324 -49.52 -11.67 -26.36
N PHE C 325 -48.19 -11.58 -26.38
CA PHE C 325 -47.35 -12.74 -26.17
C PHE C 325 -47.48 -13.26 -24.75
N TYR C 326 -47.25 -14.56 -24.57
CA TYR C 326 -47.33 -15.22 -23.28
C TYR C 326 -46.01 -15.91 -22.99
N ALA C 327 -45.43 -15.62 -21.83
CA ALA C 327 -44.18 -16.20 -21.40
C ALA C 327 -44.47 -17.42 -20.52
N ARG C 328 -43.41 -18.10 -20.10
CA ARG C 328 -43.56 -19.29 -19.26
C ARG C 328 -42.19 -19.66 -18.71
N ASP C 329 -42.21 -20.56 -17.73
CA ASP C 329 -41.01 -21.07 -17.09
C ASP C 329 -40.70 -22.42 -17.72
N LEU C 330 -39.50 -22.58 -18.26
CA LEU C 330 -39.14 -23.83 -18.89
C LEU C 330 -39.06 -24.98 -17.90
N THR C 331 -38.94 -24.70 -16.60
CA THR C 331 -38.87 -25.76 -15.60
C THR C 331 -40.26 -26.32 -15.32
N THR C 332 -41.26 -25.45 -15.17
CA THR C 332 -42.62 -25.86 -14.89
C THR C 332 -43.50 -25.87 -16.12
N LYS C 333 -43.29 -24.93 -17.05
CA LYS C 333 -44.08 -24.85 -18.28
C LYS C 333 -45.57 -24.64 -17.97
N ALA C 334 -45.84 -23.78 -16.99
CA ALA C 334 -47.20 -23.49 -16.58
C ALA C 334 -47.82 -22.31 -17.31
N ARG C 335 -47.11 -21.70 -18.26
CA ARG C 335 -47.61 -20.56 -19.04
C ARG C 335 -47.80 -19.32 -18.16
N ALA C 336 -47.68 -18.15 -18.76
CA ALA C 336 -47.85 -16.91 -18.02
C ALA C 336 -49.28 -16.76 -17.53
N THR C 337 -49.42 -16.11 -16.37
CA THR C 337 -50.75 -15.90 -15.79
C THR C 337 -51.55 -14.84 -16.53
N ALA C 338 -50.88 -13.81 -17.06
CA ALA C 338 -51.51 -12.72 -17.78
C ALA C 338 -50.71 -12.43 -19.03
N PRO C 339 -51.32 -11.74 -20.02
CA PRO C 339 -50.58 -11.43 -21.25
C PRO C 339 -49.35 -10.57 -20.95
N THR C 340 -48.27 -10.83 -21.68
CA THR C 340 -47.02 -10.10 -21.52
C THR C 340 -46.36 -9.97 -22.89
N THR C 341 -46.54 -8.82 -23.53
CA THR C 341 -45.94 -8.58 -24.83
C THR C 341 -44.42 -8.72 -24.71
N ARG C 342 -43.82 -9.45 -25.63
CA ARG C 342 -42.38 -9.71 -25.63
C ARG C 342 -41.72 -9.14 -26.88
N ASN C 343 -40.54 -8.55 -26.68
CA ASN C 343 -39.74 -7.98 -27.75
C ASN C 343 -38.64 -8.98 -28.09
N LEU C 344 -38.13 -8.91 -29.31
CA LEU C 344 -37.09 -9.82 -29.75
C LEU C 344 -36.11 -9.09 -30.66
N LEU C 345 -34.81 -9.27 -30.39
CA LEU C 345 -33.74 -8.68 -31.16
C LEU C 345 -32.70 -9.74 -31.46
N THR C 346 -32.27 -9.82 -32.71
CA THR C 346 -31.28 -10.79 -33.16
C THR C 346 -29.97 -10.06 -33.43
N THR C 347 -28.97 -10.32 -32.59
CA THR C 347 -27.65 -9.71 -32.73
C THR C 347 -26.75 -10.62 -33.55
N PRO C 348 -25.60 -10.14 -34.00
CA PRO C 348 -24.71 -11.01 -34.77
C PRO C 348 -24.20 -12.22 -34.02
N LYS C 349 -24.24 -12.20 -32.68
CA LYS C 349 -23.76 -13.31 -31.87
C LYS C 349 -24.82 -13.94 -30.98
N PHE C 350 -25.96 -13.29 -30.76
CA PHE C 350 -26.99 -13.87 -29.91
C PHE C 350 -28.31 -13.14 -30.10
N THR C 351 -29.36 -13.70 -29.51
CA THR C 351 -30.71 -13.15 -29.56
C THR C 351 -31.12 -12.78 -28.14
N VAL C 352 -31.85 -11.66 -28.00
CA VAL C 352 -32.29 -11.19 -26.70
C VAL C 352 -33.77 -10.86 -26.75
N ALA C 353 -34.46 -11.13 -25.63
CA ALA C 353 -35.88 -10.86 -25.49
C ALA C 353 -36.14 -10.35 -24.09
N TRP C 354 -37.19 -9.54 -23.94
CA TRP C 354 -37.53 -8.97 -22.65
C TRP C 354 -38.96 -8.44 -22.68
N ASP C 355 -39.49 -8.18 -21.48
CA ASP C 355 -40.84 -7.65 -21.38
C ASP C 355 -40.86 -6.21 -21.90
N TRP C 356 -41.78 -5.93 -22.81
CA TRP C 356 -41.89 -4.61 -23.42
C TRP C 356 -42.85 -3.73 -22.63
N VAL C 357 -42.31 -2.76 -21.91
CA VAL C 357 -43.10 -1.81 -21.13
C VAL C 357 -43.43 -0.66 -22.07
N PRO C 358 -44.64 -0.08 -22.05
CA PRO C 358 -44.93 1.03 -22.98
C PRO C 358 -43.97 2.20 -22.86
N LYS C 359 -43.90 2.83 -21.69
CA LYS C 359 -42.99 3.96 -21.50
C LYS C 359 -42.90 4.33 -20.03
N ARG C 360 -41.67 4.40 -19.50
CA ARG C 360 -41.49 4.75 -18.11
C ARG C 360 -41.85 6.23 -17.92
N PRO C 361 -42.49 6.61 -16.81
CA PRO C 361 -42.84 8.02 -16.62
C PRO C 361 -41.61 8.87 -16.40
N SER C 362 -41.80 10.19 -16.54
CA SER C 362 -40.71 11.12 -16.35
C SER C 362 -40.24 11.12 -14.90
N VAL C 363 -39.10 11.78 -14.63
CA VAL C 363 -38.51 11.84 -13.25
C VAL C 363 -37.76 13.18 -13.11
N CYS C 364 -37.21 13.50 -11.93
CA CYS C 364 -36.40 14.73 -11.74
C CYS C 364 -35.20 14.54 -12.69
N THR C 365 -34.60 15.58 -13.24
CA THR C 365 -33.46 15.48 -14.19
C THR C 365 -32.20 15.68 -13.37
N MET C 366 -32.35 16.01 -12.10
CA MET C 366 -31.26 16.32 -11.19
C MET C 366 -31.50 15.55 -9.89
N THR C 367 -30.41 15.11 -9.25
CA THR C 367 -30.53 14.34 -8.00
C THR C 367 -29.36 14.66 -7.07
N LYS C 368 -29.62 14.51 -5.77
CA LYS C 368 -28.59 14.76 -4.75
C LYS C 368 -27.50 13.71 -4.82
N TRP C 369 -26.29 14.12 -4.42
CA TRP C 369 -25.12 13.25 -4.40
C TRP C 369 -24.39 13.26 -3.07
N GLN C 370 -24.32 14.42 -2.40
CA GLN C 370 -23.64 14.50 -1.12
C GLN C 370 -23.97 15.83 -0.46
N GLU C 371 -24.18 15.80 0.85
CA GLU C 371 -24.49 16.98 1.64
C GLU C 371 -23.21 17.37 2.36
N VAL C 372 -22.36 18.14 1.67
CA VAL C 372 -21.09 18.56 2.26
C VAL C 372 -21.32 19.40 3.50
N ASP C 373 -20.56 19.10 4.55
CA ASP C 373 -20.67 19.83 5.81
C ASP C 373 -20.05 21.22 5.71
N GLU C 374 -18.96 21.35 4.95
CA GLU C 374 -18.28 22.62 4.80
C GLU C 374 -17.57 22.65 3.45
N MET C 375 -17.75 23.74 2.70
CA MET C 375 -17.13 23.91 1.41
C MET C 375 -16.59 25.33 1.30
N LEU C 376 -15.39 25.46 0.75
CA LEU C 376 -14.72 26.75 0.59
C LEU C 376 -14.68 27.12 -0.88
N ARG C 377 -15.12 28.33 -1.21
CA ARG C 377 -15.15 28.85 -2.57
C ARG C 377 -13.95 29.76 -2.76
N SER C 378 -13.25 29.58 -3.88
CA SER C 378 -12.07 30.38 -4.22
C SER C 378 -12.18 30.90 -5.64
N GLU C 379 -12.09 32.22 -5.78
CA GLU C 379 -12.17 32.88 -7.08
C GLU C 379 -10.75 33.10 -7.60
N TYR C 380 -10.45 32.54 -8.77
CA TYR C 380 -9.12 32.68 -9.34
C TYR C 380 -9.19 32.42 -10.84
N GLY C 381 -8.52 33.27 -11.61
CA GLY C 381 -8.51 33.11 -13.06
C GLY C 381 -9.87 33.21 -13.70
N GLY C 382 -10.73 34.09 -13.19
CA GLY C 382 -12.05 34.25 -13.75
C GLY C 382 -12.96 33.05 -13.58
N SER C 383 -12.69 32.20 -12.60
CA SER C 383 -13.51 31.02 -12.37
C SER C 383 -13.37 30.61 -10.90
N PHE C 384 -14.50 30.21 -10.31
CA PHE C 384 -14.48 29.79 -8.91
C PHE C 384 -13.81 28.43 -8.77
N ARG C 385 -13.37 28.14 -7.54
CA ARG C 385 -12.71 26.89 -7.20
C ARG C 385 -13.32 26.40 -5.89
N PHE C 386 -14.14 25.36 -5.97
CA PHE C 386 -14.80 24.79 -4.81
C PHE C 386 -13.99 23.61 -4.29
N SER C 387 -13.77 23.57 -2.97
CA SER C 387 -13.01 22.50 -2.33
C SER C 387 -13.67 22.14 -1.02
N SER C 388 -13.58 20.85 -0.67
CA SER C 388 -14.15 20.34 0.58
C SER C 388 -13.31 19.18 1.07
N ASP C 389 -13.46 18.88 2.37
CA ASP C 389 -12.69 17.80 2.97
C ASP C 389 -13.23 16.42 2.61
N ALA C 390 -14.56 16.28 2.53
CA ALA C 390 -15.19 15.00 2.23
C ALA C 390 -15.60 14.85 0.77
N ILE C 391 -14.84 15.44 -0.15
CA ILE C 391 -15.14 15.34 -1.58
C ILE C 391 -13.93 14.83 -2.33
N SER C 392 -12.75 15.37 -2.02
CA SER C 392 -11.49 14.98 -2.66
C SER C 392 -11.47 15.34 -4.14
N THR C 393 -12.27 16.32 -4.55
CA THR C 393 -12.33 16.75 -5.94
C THR C 393 -12.71 18.23 -5.97
N THR C 394 -12.04 18.98 -6.83
CA THR C 394 -12.29 20.42 -6.97
C THR C 394 -13.14 20.69 -8.20
N PHE C 395 -14.05 21.64 -8.07
CA PHE C 395 -14.96 22.03 -9.13
C PHE C 395 -14.62 23.42 -9.65
N THR C 396 -15.03 23.69 -10.89
CA THR C 396 -14.81 24.96 -11.56
C THR C 396 -16.12 25.43 -12.17
N THR C 397 -16.40 26.73 -12.02
CA THR C 397 -17.62 27.34 -12.53
C THR C 397 -17.26 28.53 -13.43
N ASN C 398 -18.29 29.28 -13.81
CA ASN C 398 -18.16 30.45 -14.68
C ASN C 398 -18.37 31.77 -13.96
N LEU C 399 -18.45 31.76 -12.62
CA LEU C 399 -18.65 32.92 -11.76
C LEU C 399 -20.05 33.51 -11.86
N THR C 400 -20.95 32.95 -12.65
CA THR C 400 -22.31 33.44 -12.80
C THR C 400 -23.30 32.41 -12.29
N GLU C 401 -24.27 32.88 -11.53
CA GLU C 401 -25.28 31.98 -10.97
C GLU C 401 -26.14 31.42 -12.10
N TYR C 402 -26.28 30.10 -12.13
CA TYR C 402 -27.08 29.47 -13.18
C TYR C 402 -28.56 29.75 -12.92
N PRO C 403 -29.32 30.25 -13.91
CA PRO C 403 -30.74 30.51 -13.65
C PRO C 403 -31.53 29.21 -13.56
N LEU C 404 -31.48 28.58 -12.39
CA LEU C 404 -32.19 27.32 -12.20
C LEU C 404 -33.70 27.50 -12.30
N SER C 405 -34.21 28.71 -12.03
CA SER C 405 -35.64 28.96 -12.11
C SER C 405 -36.18 28.90 -13.53
N ARG C 406 -35.32 28.92 -14.55
CA ARG C 406 -35.81 28.87 -15.93
C ARG C 406 -36.44 27.53 -16.27
N VAL C 407 -36.15 26.47 -15.52
CA VAL C 407 -36.69 25.15 -15.78
C VAL C 407 -37.66 24.80 -14.65
N ASP C 408 -38.65 23.97 -14.99
CA ASP C 408 -39.65 23.54 -14.01
C ASP C 408 -39.03 22.69 -12.91
N LEU C 409 -37.85 22.13 -13.13
CA LEU C 409 -37.19 21.30 -12.13
C LEU C 409 -36.67 22.12 -10.95
N GLY C 410 -36.74 23.44 -11.01
CA GLY C 410 -36.26 24.25 -9.90
C GLY C 410 -36.97 23.95 -8.59
N ASP C 411 -38.26 23.59 -8.66
CA ASP C 411 -38.99 23.26 -7.44
C ASP C 411 -38.54 21.90 -6.91
N CYS C 412 -38.29 20.94 -7.79
CA CYS C 412 -37.84 19.62 -7.35
C CYS C 412 -36.47 19.70 -6.70
N ILE C 413 -35.57 20.50 -7.26
CA ILE C 413 -34.23 20.63 -6.72
C ILE C 413 -34.15 21.78 -5.71
N GLY C 414 -34.91 22.85 -5.90
CA GLY C 414 -34.86 23.97 -4.97
C GLY C 414 -35.27 23.56 -3.58
N LYS C 415 -36.41 22.86 -3.46
CA LYS C 415 -36.86 22.41 -2.15
C LYS C 415 -35.89 21.40 -1.57
N ASP C 416 -35.42 20.46 -2.39
CA ASP C 416 -34.48 19.46 -1.91
C ASP C 416 -33.16 20.11 -1.49
N ALA C 417 -32.69 21.09 -2.25
CA ALA C 417 -31.44 21.77 -1.91
C ALA C 417 -31.63 22.68 -0.71
N ARG C 418 -32.73 23.45 -0.67
CA ARG C 418 -32.97 24.35 0.44
C ARG C 418 -33.13 23.58 1.75
N ASP C 419 -33.82 22.45 1.72
CA ASP C 419 -34.00 21.66 2.93
C ASP C 419 -32.67 21.16 3.47
N ALA C 420 -31.72 20.87 2.57
CA ALA C 420 -30.42 20.39 3.01
C ALA C 420 -29.63 21.49 3.72
N MET C 421 -29.78 22.74 3.29
CA MET C 421 -29.05 23.84 3.92
C MET C 421 -29.48 23.99 5.38
N ASP C 422 -30.79 23.95 5.62
CA ASP C 422 -31.28 24.09 6.99
C ASP C 422 -30.84 22.92 7.86
N ARG C 423 -30.84 21.71 7.31
CA ARG C 423 -30.43 20.53 8.07
C ARG C 423 -28.98 20.66 8.52
N ILE C 424 -28.08 20.99 7.58
CA ILE C 424 -26.67 21.13 7.93
C ILE C 424 -26.46 22.38 8.77
N PHE C 425 -27.10 23.49 8.39
CA PHE C 425 -26.94 24.73 9.15
C PHE C 425 -27.44 24.58 10.57
N ALA C 426 -28.61 23.94 10.75
CA ALA C 426 -29.15 23.73 12.08
C ALA C 426 -28.39 22.70 12.89
N ARG C 427 -27.46 21.96 12.27
CA ARG C 427 -26.70 20.95 12.98
C ARG C 427 -25.59 21.58 13.83
N ARG C 428 -24.72 22.36 13.21
CA ARG C 428 -23.61 22.99 13.91
C ARG C 428 -23.36 24.45 13.58
N TYR C 429 -23.80 24.96 12.43
CA TYR C 429 -23.55 26.35 12.06
C TYR C 429 -24.59 27.33 12.56
N ASN C 430 -25.65 26.87 13.24
CA ASN C 430 -26.67 27.79 13.72
C ASN C 430 -26.19 28.62 14.91
N ALA C 431 -25.20 28.15 15.65
CA ALA C 431 -24.69 28.85 16.83
C ALA C 431 -23.32 29.48 16.62
N THR C 432 -22.73 29.40 15.43
CA THR C 432 -21.42 29.98 15.18
C THR C 432 -21.27 30.68 13.83
N HIS C 433 -22.30 30.69 12.98
CA HIS C 433 -22.21 31.33 11.68
C HIS C 433 -23.52 32.01 11.35
N ILE C 434 -23.45 32.96 10.41
CA ILE C 434 -24.59 33.73 9.96
C ILE C 434 -24.72 33.54 8.45
N LYS C 435 -25.96 33.39 7.98
CA LYS C 435 -26.20 33.19 6.55
C LYS C 435 -25.94 34.48 5.78
N VAL C 436 -25.19 34.36 4.69
CA VAL C 436 -24.83 35.49 3.84
C VAL C 436 -25.77 35.44 2.63
N GLY C 437 -26.90 36.13 2.74
CA GLY C 437 -27.85 36.17 1.65
C GLY C 437 -28.51 34.83 1.40
N GLN C 438 -29.16 34.74 0.24
CA GLN C 438 -29.85 33.54 -0.18
C GLN C 438 -28.88 32.57 -0.87
N PRO C 439 -29.28 31.31 -1.05
CA PRO C 439 -28.39 30.35 -1.71
C PRO C 439 -28.10 30.76 -3.14
N GLN C 440 -27.09 30.11 -3.71
CA GLN C 440 -26.65 30.37 -5.07
C GLN C 440 -26.33 29.04 -5.76
N TYR C 441 -26.74 28.91 -7.02
CA TYR C 441 -26.53 27.71 -7.81
C TYR C 441 -25.58 28.00 -8.96
N TYR C 442 -24.61 27.10 -9.16
CA TYR C 442 -23.63 27.24 -10.22
C TYR C 442 -23.35 25.88 -10.84
N LEU C 443 -23.17 25.86 -12.17
CA LEU C 443 -22.84 24.63 -12.86
C LEU C 443 -21.35 24.37 -12.70
N ALA C 444 -20.97 23.11 -12.82
CA ALA C 444 -19.57 22.71 -12.68
C ALA C 444 -19.16 21.78 -13.81
N ASN C 445 -17.86 21.78 -14.09
CA ASN C 445 -17.33 20.93 -15.14
C ASN C 445 -17.59 19.47 -14.82
N GLY C 446 -18.04 18.73 -15.83
CA GLY C 446 -18.36 17.33 -15.69
C GLY C 446 -19.83 17.03 -15.52
N GLY C 447 -20.67 18.05 -15.42
CA GLY C 447 -22.10 17.87 -15.27
C GLY C 447 -22.63 17.95 -13.86
N PHE C 448 -21.82 18.39 -12.90
CA PHE C 448 -22.25 18.48 -11.51
C PHE C 448 -22.85 19.84 -11.23
N LEU C 449 -23.99 19.84 -10.53
CA LEU C 449 -24.69 21.06 -10.13
C LEU C 449 -24.42 21.26 -8.64
N ILE C 450 -23.95 22.44 -8.28
CA ILE C 450 -23.61 22.77 -6.90
C ILE C 450 -24.46 23.94 -6.42
N ALA C 451 -25.04 23.80 -5.24
CA ALA C 451 -25.85 24.83 -4.60
C ALA C 451 -25.05 25.30 -3.38
N TYR C 452 -24.63 26.56 -3.38
CA TYR C 452 -23.83 27.12 -2.32
C TYR C 452 -24.65 28.03 -1.41
N GLN C 453 -24.11 28.23 -0.20
CA GLN C 453 -24.71 29.07 0.82
C GLN C 453 -23.54 29.69 1.57
N PRO C 454 -23.06 30.86 1.15
CA PRO C 454 -21.91 31.46 1.84
C PRO C 454 -22.19 31.75 3.31
N LEU C 455 -21.17 31.51 4.14
CA LEU C 455 -21.26 31.71 5.58
C LEU C 455 -19.98 32.39 6.06
N LEU C 456 -20.08 33.06 7.20
CA LEU C 456 -18.96 33.75 7.82
C LEU C 456 -19.04 33.54 9.32
N SER C 457 -17.90 33.34 9.95
CA SER C 457 -17.86 33.11 11.38
C SER C 457 -18.37 34.34 12.14
N ASN C 458 -18.90 34.08 13.34
CA ASN C 458 -19.42 35.18 14.16
C ASN C 458 -18.32 36.17 14.50
N THR C 459 -17.12 35.67 14.81
CA THR C 459 -16.01 36.57 15.12
C THR C 459 -15.66 37.44 13.93
N LEU C 460 -15.74 36.89 12.72
CA LEU C 460 -15.44 37.67 11.53
C LEU C 460 -16.48 38.76 11.30
N ALA C 461 -17.71 38.54 11.77
CA ALA C 461 -18.76 39.54 11.60
C ALA C 461 -18.44 40.82 12.36
N GLU C 462 -17.73 40.71 13.48
CA GLU C 462 -17.37 41.90 14.25
C GLU C 462 -16.52 42.85 13.44
N LEU C 463 -15.67 42.31 12.55
CA LEU C 463 -14.83 43.17 11.72
C LEU C 463 -15.65 43.84 10.62
N TYR C 464 -16.58 43.10 10.03
CA TYR C 464 -17.41 43.67 8.97
C TYR C 464 -18.32 44.76 9.50
N VAL C 465 -19.00 44.50 10.62
CA VAL C 465 -19.90 45.51 11.19
C VAL C 465 -19.11 46.72 11.67
N ARG C 466 -17.91 46.51 12.22
CA ARG C 466 -17.11 47.62 12.68
C ARG C 466 -16.73 48.54 11.52
N GLU C 467 -16.31 47.95 10.40
CA GLU C 467 -15.95 48.76 9.24
C GLU C 467 -17.19 49.40 8.62
N HIS C 468 -18.33 48.69 8.66
CA HIS C 468 -19.55 49.24 8.11
C HIS C 468 -19.98 50.49 8.86
N LEU C 469 -19.87 50.46 10.20
CA LEU C 469 -20.23 51.63 10.98
C LEU C 469 -19.26 52.79 10.74
N ARG C 470 -18.00 52.46 10.45
CA ARG C 470 -17.01 53.51 10.19
C ARG C 470 -17.40 54.32 8.95
N GLU C 471 -17.83 53.63 7.89
CA GLU C 471 -18.23 54.32 6.67
C GLU C 471 -19.56 55.02 6.85
N GLN C 472 -20.42 54.52 7.75
CA GLN C 472 -21.71 55.15 7.98
C GLN C 472 -21.56 56.54 8.57
N SER C 473 -20.51 56.77 9.36
CA SER C 473 -20.28 58.07 9.97
C SER C 473 -19.99 59.13 8.91
N ILE C 501 -25.63 44.85 9.76
CA ILE C 501 -26.10 43.47 9.72
C ILE C 501 -26.36 43.01 8.28
N GLU C 502 -26.47 43.97 7.36
CA GLU C 502 -26.73 43.66 5.95
C GLU C 502 -25.44 43.12 5.31
N PHE C 503 -25.12 41.88 5.67
CA PHE C 503 -23.91 41.26 5.14
C PHE C 503 -24.02 41.00 3.64
N ALA C 504 -25.24 40.90 3.12
CA ALA C 504 -25.42 40.67 1.69
C ALA C 504 -24.88 41.86 0.90
N ARG C 505 -24.14 41.56 -0.17
CA ARG C 505 -23.53 42.56 -1.05
C ARG C 505 -22.45 43.37 -0.33
N LEU C 506 -22.05 42.97 0.88
CA LEU C 506 -21.03 43.66 1.65
C LEU C 506 -19.75 42.84 1.76
N GLN C 507 -19.81 41.55 1.45
CA GLN C 507 -18.63 40.70 1.52
C GLN C 507 -17.59 41.14 0.50
N PHE C 508 -16.32 41.02 0.87
CA PHE C 508 -15.17 41.39 0.04
C PHE C 508 -15.07 42.89 -0.22
N THR C 509 -15.86 43.70 0.48
CA THR C 509 -15.79 45.14 0.26
C THR C 509 -14.53 45.74 0.86
N TYR C 510 -14.13 45.27 2.04
CA TYR C 510 -12.93 45.76 2.72
C TYR C 510 -11.76 44.88 2.35
N ASN C 511 -10.84 45.41 1.54
CA ASN C 511 -9.68 44.63 1.11
C ASN C 511 -8.77 44.30 2.28
N HIS C 512 -8.53 45.24 3.19
CA HIS C 512 -7.65 44.97 4.32
C HIS C 512 -8.23 43.87 5.21
N ILE C 513 -9.54 43.88 5.43
CA ILE C 513 -10.14 42.83 6.26
C ILE C 513 -10.13 41.51 5.50
N GLN C 514 -10.24 41.56 4.18
CA GLN C 514 -10.24 40.35 3.36
C GLN C 514 -8.83 39.81 3.12
N ARG C 515 -7.79 40.61 3.37
CA ARG C 515 -6.43 40.13 3.15
C ARG C 515 -6.05 38.98 4.07
N PRO C 516 -6.26 39.03 5.39
CA PRO C 516 -5.86 37.88 6.22
C PRO C 516 -6.72 36.64 6.00
N VAL C 517 -8.04 36.81 5.86
CA VAL C 517 -8.90 35.64 5.67
C VAL C 517 -8.55 34.93 4.36
N ASN C 518 -8.17 35.69 3.34
CA ASN C 518 -7.80 35.07 2.07
C ASN C 518 -6.60 34.14 2.25
N ASP C 519 -5.68 34.49 3.15
CA ASP C 519 -4.51 33.68 3.42
C ASP C 519 -4.80 32.60 4.46
N MET C 520 -5.58 32.92 5.48
CA MET C 520 -5.90 31.93 6.51
C MET C 520 -6.68 30.76 5.90
N LEU C 521 -7.76 31.05 5.19
CA LEU C 521 -8.53 30.00 4.56
C LEU C 521 -7.73 29.30 3.46
N GLY C 522 -6.76 30.00 2.87
CA GLY C 522 -5.95 29.39 1.84
C GLY C 522 -5.19 28.18 2.35
N ARG C 523 -4.65 28.28 3.56
CA ARG C 523 -3.93 27.15 4.13
C ARG C 523 -4.87 25.97 4.36
N VAL C 524 -6.11 26.26 4.77
CA VAL C 524 -7.08 25.19 4.99
C VAL C 524 -7.36 24.47 3.68
N ALA C 525 -7.57 25.23 2.60
CA ALA C 525 -7.81 24.61 1.31
C ALA C 525 -6.58 23.85 0.85
N ILE C 526 -5.38 24.42 1.05
CA ILE C 526 -4.16 23.74 0.68
C ILE C 526 -3.95 22.52 1.56
N ALA C 527 -4.29 22.64 2.84
CA ALA C 527 -4.14 21.51 3.76
C ALA C 527 -5.02 20.36 3.33
N TRP C 528 -6.28 20.65 2.97
CA TRP C 528 -7.16 19.59 2.51
C TRP C 528 -6.64 18.98 1.22
N CYS C 529 -6.18 19.82 0.30
CA CYS C 529 -5.66 19.30 -0.97
C CYS C 529 -4.42 18.46 -0.73
N GLU C 530 -3.55 18.88 0.19
CA GLU C 530 -2.34 18.11 0.47
C GLU C 530 -2.68 16.77 1.09
N GLU C 531 -3.56 16.76 2.10
CA GLU C 531 -3.92 15.50 2.72
C GLU C 531 -4.81 14.66 1.80
N GLN C 532 -5.66 15.30 0.99
CA GLN C 532 -6.49 14.54 0.08
C GLN C 532 -5.63 13.78 -0.92
N ASN C 533 -4.57 14.43 -1.43
CA ASN C 533 -3.68 13.75 -2.36
C ASN C 533 -2.94 12.62 -1.66
N HIS C 534 -2.67 12.78 -0.36
CA HIS C 534 -1.99 11.74 0.38
C HIS C 534 -2.84 10.47 0.42
N GLU C 535 -4.15 10.62 0.58
CA GLU C 535 -5.03 9.46 0.60
C GLU C 535 -5.32 8.96 -0.81
N LEU C 536 -5.52 9.88 -1.77
CA LEU C 536 -5.80 9.48 -3.14
C LEU C 536 -4.65 8.69 -3.74
N THR C 537 -3.42 9.18 -3.56
CA THR C 537 -2.26 8.47 -4.09
C THR C 537 -2.07 7.12 -3.43
N LEU C 538 -2.55 6.96 -2.18
CA LEU C 538 -2.45 5.70 -1.46
C LEU C 538 -3.65 4.81 -1.75
N TRP C 539 -4.84 5.40 -1.84
CA TRP C 539 -6.04 4.62 -2.12
C TRP C 539 -5.97 3.98 -3.50
N ASN C 540 -5.46 4.70 -4.49
CA ASN C 540 -5.35 4.15 -5.83
C ASN C 540 -4.44 2.93 -5.85
N GLU C 541 -3.30 3.00 -5.15
CA GLU C 541 -2.40 1.86 -5.10
C GLU C 541 -3.05 0.69 -4.40
N ALA C 542 -3.80 0.95 -3.32
CA ALA C 542 -4.47 -0.13 -2.61
C ALA C 542 -5.51 -0.78 -3.51
N ARG C 543 -6.23 0.02 -4.30
CA ARG C 543 -7.22 -0.53 -5.21
C ARG C 543 -6.57 -1.45 -6.22
N LYS C 544 -5.42 -1.04 -6.75
CA LYS C 544 -4.70 -1.89 -7.70
C LYS C 544 -4.15 -3.14 -7.01
N LEU C 545 -3.70 -2.99 -5.77
CA LEU C 545 -3.15 -4.13 -5.05
C LEU C 545 -4.22 -5.18 -4.78
N ASN C 546 -5.32 -4.77 -4.14
CA ASN C 546 -6.44 -5.67 -3.80
C ASN C 546 -7.75 -4.94 -4.05
N PRO C 547 -8.23 -4.93 -5.29
CA PRO C 547 -9.50 -4.21 -5.56
C PRO C 547 -10.69 -4.77 -4.81
N ASN C 548 -10.71 -6.07 -4.50
CA ASN C 548 -11.85 -6.64 -3.78
C ASN C 548 -12.02 -5.99 -2.42
N ALA C 549 -10.93 -5.85 -1.66
CA ALA C 549 -11.04 -5.22 -0.34
C ALA C 549 -11.45 -3.76 -0.46
N ILE C 550 -10.84 -3.03 -1.40
CA ILE C 550 -11.20 -1.63 -1.59
C ILE C 550 -12.61 -1.51 -2.13
N ALA C 551 -13.03 -2.45 -2.98
CA ALA C 551 -14.38 -2.40 -3.53
C ALA C 551 -15.42 -2.56 -2.44
N SER C 552 -15.19 -3.49 -1.50
CA SER C 552 -16.15 -3.73 -0.43
C SER C 552 -16.29 -2.51 0.49
N VAL C 553 -15.17 -1.90 0.87
CA VAL C 553 -15.21 -0.75 1.75
C VAL C 553 -15.68 0.53 1.06
N THR C 554 -15.79 0.53 -0.26
CA THR C 554 -16.24 1.70 -1.00
C THR C 554 -17.71 1.69 -1.34
N VAL C 555 -18.36 0.51 -1.33
CA VAL C 555 -19.77 0.38 -1.65
C VAL C 555 -20.58 -0.12 -0.45
N GLY C 556 -20.02 -0.04 0.75
CA GLY C 556 -20.70 -0.45 1.97
C GLY C 556 -21.07 -1.91 2.08
N ARG C 557 -20.71 -2.75 1.13
CA ARG C 557 -21.04 -4.17 1.21
C ARG C 557 -20.02 -4.95 0.38
N ARG C 558 -19.91 -6.24 0.68
CA ARG C 558 -18.98 -7.10 -0.05
C ARG C 558 -19.36 -7.10 -1.51
N VAL C 559 -18.42 -6.68 -2.37
CA VAL C 559 -18.66 -6.58 -3.80
C VAL C 559 -17.38 -6.96 -4.53
N SER C 560 -17.54 -7.65 -5.66
CA SER C 560 -16.41 -8.06 -6.47
C SER C 560 -15.92 -6.90 -7.32
N ALA C 561 -14.69 -7.03 -7.81
CA ALA C 561 -14.10 -5.99 -8.64
C ALA C 561 -12.79 -6.48 -9.21
N ARG C 562 -12.48 -6.03 -10.42
CA ARG C 562 -11.23 -6.36 -11.09
C ARG C 562 -10.81 -5.16 -11.91
N MET C 563 -9.50 -4.98 -12.04
CA MET C 563 -8.95 -3.82 -12.77
C MET C 563 -9.00 -4.07 -14.27
N LEU C 564 -9.83 -3.31 -14.97
CA LEU C 564 -9.95 -3.39 -16.42
C LEU C 564 -9.07 -2.33 -17.07
N GLY C 565 -7.78 -2.39 -16.73
CA GLY C 565 -6.82 -1.43 -17.23
C GLY C 565 -6.74 -0.23 -16.31
N ASP C 566 -7.45 0.84 -16.66
CA ASP C 566 -7.48 2.07 -15.87
C ASP C 566 -8.89 2.40 -15.39
N VAL C 567 -9.80 1.42 -15.41
CA VAL C 567 -11.18 1.61 -14.98
C VAL C 567 -11.57 0.41 -14.11
N MET C 568 -12.31 0.69 -13.05
CA MET C 568 -12.73 -0.33 -12.10
C MET C 568 -14.06 -0.97 -12.51
N ALA C 569 -14.11 -2.30 -12.40
CA ALA C 569 -15.31 -3.07 -12.71
C ALA C 569 -15.99 -3.45 -11.40
N VAL C 570 -17.28 -3.75 -11.47
CA VAL C 570 -18.05 -4.09 -10.27
C VAL C 570 -19.13 -5.12 -10.61
N SER C 571 -19.36 -6.05 -9.67
CA SER C 571 -20.38 -7.08 -9.80
C SER C 571 -20.78 -7.52 -8.40
N THR C 572 -22.01 -7.99 -8.27
CA THR C 572 -22.53 -8.43 -6.98
C THR C 572 -21.99 -9.80 -6.57
N CYS C 573 -21.86 -9.97 -5.27
CA CYS C 573 -21.38 -11.20 -4.66
C CYS C 573 -22.57 -11.88 -3.97
N VAL C 574 -22.69 -13.19 -4.15
CA VAL C 574 -23.80 -13.95 -3.60
C VAL C 574 -23.53 -14.35 -2.15
N PRO C 575 -24.35 -13.95 -1.18
CA PRO C 575 -24.11 -14.38 0.20
C PRO C 575 -24.73 -15.73 0.49
N VAL C 576 -23.96 -16.57 1.19
CA VAL C 576 -24.40 -17.92 1.55
C VAL C 576 -24.10 -18.14 3.03
N ALA C 577 -25.05 -18.74 3.73
CA ALA C 577 -24.88 -19.02 5.16
C ALA C 577 -23.75 -20.01 5.38
N ALA C 578 -23.11 -19.90 6.54
CA ALA C 578 -22.00 -20.78 6.89
C ALA C 578 -22.44 -22.23 7.08
N ASP C 579 -23.73 -22.49 7.26
CA ASP C 579 -24.21 -23.85 7.45
C ASP C 579 -24.29 -24.65 6.16
N ASN C 580 -24.05 -24.02 5.01
CA ASN C 580 -24.11 -24.68 3.71
C ASN C 580 -22.73 -24.83 3.07
N VAL C 581 -21.68 -24.90 3.89
CA VAL C 581 -20.31 -25.04 3.39
C VAL C 581 -19.59 -26.10 4.21
N ILE C 582 -18.79 -26.92 3.54
CA ILE C 582 -18.00 -27.98 4.14
C ILE C 582 -16.57 -27.83 3.66
N VAL C 583 -15.62 -27.90 4.58
CA VAL C 583 -14.20 -27.77 4.25
C VAL C 583 -13.57 -29.15 4.22
N GLN C 584 -12.77 -29.40 3.18
CA GLN C 584 -12.10 -30.69 3.05
C GLN C 584 -11.05 -30.85 4.13
N ASN C 585 -10.99 -32.04 4.72
CA ASN C 585 -10.02 -32.30 5.78
C ASN C 585 -8.59 -32.25 5.26
N SER C 586 -8.31 -32.97 4.17
CA SER C 586 -6.97 -33.03 3.59
C SER C 586 -6.92 -32.15 2.35
N MET C 587 -6.28 -30.98 2.47
CA MET C 587 -6.15 -30.09 1.33
C MET C 587 -5.12 -30.62 0.33
N ARG C 588 -4.24 -31.51 0.78
CA ARG C 588 -3.22 -32.05 -0.11
C ARG C 588 -3.86 -32.84 -1.24
N ILE C 589 -3.26 -32.76 -2.42
CA ILE C 589 -3.74 -33.45 -3.61
C ILE C 589 -2.79 -34.59 -3.92
N SER C 590 -3.35 -35.77 -4.17
CA SER C 590 -2.56 -36.97 -4.45
C SER C 590 -2.20 -37.12 -5.93
N SER C 591 -2.72 -36.27 -6.80
CA SER C 591 -2.41 -36.37 -8.22
C SER C 591 -1.00 -35.93 -8.56
N ARG C 592 -0.34 -35.18 -7.66
CA ARG C 592 1.02 -34.71 -7.91
C ARG C 592 1.77 -34.49 -6.60
N PRO C 593 2.75 -35.33 -6.25
CA PRO C 593 3.47 -35.11 -5.00
C PRO C 593 4.30 -33.84 -5.03
N GLY C 594 4.50 -33.26 -3.85
CA GLY C 594 5.26 -32.03 -3.74
C GLY C 594 4.58 -30.81 -4.30
N ALA C 595 3.27 -30.89 -4.51
CA ALA C 595 2.52 -29.76 -5.05
C ALA C 595 1.05 -29.99 -4.76
N CYS C 596 0.40 -29.02 -4.11
CA CYS C 596 -1.01 -29.14 -3.76
C CYS C 596 -1.58 -27.74 -3.60
N TYR C 597 -2.87 -27.68 -3.26
CA TYR C 597 -3.55 -26.41 -3.08
C TYR C 597 -2.98 -25.66 -1.88
N SER C 598 -2.75 -24.36 -2.08
CA SER C 598 -2.23 -23.50 -1.03
C SER C 598 -3.29 -23.06 -0.02
N ARG C 599 -4.56 -23.26 -0.34
CA ARG C 599 -5.67 -22.88 0.52
C ARG C 599 -6.60 -24.08 0.66
N PRO C 600 -7.38 -24.16 1.74
CA PRO C 600 -8.27 -25.31 1.90
C PRO C 600 -9.36 -25.37 0.85
N LEU C 601 -9.75 -26.59 0.50
CA LEU C 601 -10.80 -26.83 -0.47
C LEU C 601 -12.13 -26.87 0.27
N VAL C 602 -13.18 -26.40 -0.41
CA VAL C 602 -14.51 -26.35 0.19
C VAL C 602 -15.57 -26.81 -0.80
N SER C 603 -16.67 -27.29 -0.24
CA SER C 603 -17.85 -27.76 -0.97
C SER C 603 -19.03 -27.02 -0.37
N PHE C 604 -19.96 -26.57 -1.21
CA PHE C 604 -21.09 -25.81 -0.70
C PHE C 604 -22.27 -25.90 -1.66
N ARG C 605 -23.40 -25.38 -1.19
CA ARG C 605 -24.65 -25.31 -1.92
C ARG C 605 -25.16 -23.88 -1.78
N TYR C 606 -25.66 -23.33 -2.89
CA TYR C 606 -26.15 -21.94 -2.87
C TYR C 606 -27.31 -21.75 -1.90
N GLU C 607 -28.06 -22.80 -1.60
CA GLU C 607 -29.19 -22.69 -0.67
C GLU C 607 -29.40 -24.02 0.02
N ASP C 608 -30.24 -24.00 1.06
CA ASP C 608 -30.53 -25.20 1.82
C ASP C 608 -31.12 -26.27 0.92
N GLN C 609 -30.59 -27.48 1.03
CA GLN C 609 -31.01 -28.64 0.25
C GLN C 609 -30.69 -28.51 -1.24
N GLY C 610 -29.89 -27.52 -1.62
CA GLY C 610 -29.54 -27.33 -3.01
C GLY C 610 -28.43 -28.25 -3.44
N PRO C 611 -28.13 -28.23 -4.74
CA PRO C 611 -27.07 -29.09 -5.27
C PRO C 611 -25.72 -28.70 -4.70
N LEU C 612 -24.86 -29.72 -4.54
CA LEU C 612 -23.52 -29.52 -4.02
C LEU C 612 -22.56 -29.22 -5.16
N VAL C 613 -21.68 -28.24 -4.94
CA VAL C 613 -20.68 -27.83 -5.92
C VAL C 613 -19.32 -27.77 -5.24
N GLU C 614 -18.28 -27.90 -6.06
CA GLU C 614 -16.90 -27.87 -5.59
C GLU C 614 -16.32 -26.47 -5.75
N GLY C 615 -15.41 -26.12 -4.84
CA GLY C 615 -14.79 -24.82 -4.89
C GLY C 615 -13.60 -24.77 -3.96
N GLN C 616 -13.02 -23.57 -3.85
CA GLN C 616 -11.87 -23.32 -3.02
C GLN C 616 -12.15 -22.14 -2.09
N LEU C 617 -11.55 -22.19 -0.90
CA LEU C 617 -11.72 -21.15 0.09
C LEU C 617 -10.72 -20.02 -0.17
N GLY C 618 -11.24 -18.80 -0.35
CA GLY C 618 -10.43 -17.64 -0.61
C GLY C 618 -10.29 -16.75 0.61
N GLU C 619 -9.48 -15.72 0.45
CA GLU C 619 -9.23 -14.78 1.53
C GLU C 619 -10.49 -14.01 1.91
N ASN C 620 -10.60 -13.70 3.20
CA ASN C 620 -11.72 -12.94 3.76
C ASN C 620 -13.07 -13.61 3.47
N ASN C 621 -13.15 -14.90 3.82
CA ASN C 621 -14.38 -15.69 3.65
C ASN C 621 -14.90 -15.64 2.22
N GLU C 622 -14.00 -15.54 1.24
CA GLU C 622 -14.39 -15.48 -0.16
C GLU C 622 -14.34 -16.88 -0.75
N LEU C 623 -15.37 -17.25 -1.51
CA LEU C 623 -15.46 -18.56 -2.14
C LEU C 623 -15.21 -18.42 -3.63
N ARG C 624 -14.30 -19.24 -4.15
CA ARG C 624 -13.93 -19.24 -5.56
C ARG C 624 -14.48 -20.51 -6.21
N LEU C 625 -15.15 -20.34 -7.35
CA LEU C 625 -15.74 -21.48 -8.04
C LEU C 625 -14.66 -22.44 -8.53
N THR C 626 -13.59 -21.92 -9.12
CA THR C 626 -12.51 -22.74 -9.64
C THR C 626 -11.41 -22.93 -8.61
N ARG C 627 -10.87 -24.15 -8.56
CA ARG C 627 -9.79 -24.51 -7.65
C ARG C 627 -8.48 -24.42 -8.43
N ASP C 628 -7.76 -23.30 -8.25
CA ASP C 628 -6.50 -23.08 -8.94
C ASP C 628 -5.38 -22.55 -8.05
N ALA C 629 -5.67 -22.18 -6.80
CA ALA C 629 -4.63 -21.67 -5.91
C ALA C 629 -3.74 -22.82 -5.44
N ILE C 630 -2.66 -23.08 -6.16
CA ILE C 630 -1.73 -24.14 -5.84
C ILE C 630 -0.32 -23.57 -5.79
N GLU C 631 0.57 -24.32 -5.15
CA GLU C 631 1.96 -23.91 -5.00
C GLU C 631 2.78 -25.14 -4.66
N PRO C 632 4.13 -25.04 -4.72
CA PRO C 632 4.95 -26.21 -4.39
C PRO C 632 4.94 -26.46 -2.89
N CYS C 633 3.94 -27.21 -2.43
CA CYS C 633 3.78 -27.53 -1.02
C CYS C 633 5.08 -28.01 -0.38
N THR C 634 5.52 -27.27 0.63
CA THR C 634 6.75 -27.55 1.36
C THR C 634 6.46 -28.45 2.56
N VAL C 635 7.43 -28.57 3.47
CA VAL C 635 7.31 -29.37 4.67
C VAL C 635 7.26 -28.42 5.86
N GLY C 636 6.69 -28.92 6.96
CA GLY C 636 6.57 -28.09 8.16
C GLY C 636 5.72 -26.87 7.91
N HIS C 637 4.61 -27.04 7.18
CA HIS C 637 3.72 -25.94 6.84
C HIS C 637 2.69 -25.73 7.95
N ARG C 638 2.55 -24.48 8.39
CA ARG C 638 1.61 -24.09 9.43
C ARG C 638 0.91 -22.82 8.94
N ARG C 639 -0.41 -22.86 8.82
CA ARG C 639 -1.15 -21.70 8.36
C ARG C 639 -2.55 -21.72 8.90
N TYR C 640 -3.18 -20.54 8.87
CA TYR C 640 -4.55 -20.34 9.33
C TYR C 640 -5.32 -19.69 8.19
N PHE C 641 -6.60 -20.02 8.11
CA PHE C 641 -7.48 -19.48 7.06
C PHE C 641 -8.81 -19.06 7.69
N THR C 642 -9.34 -17.93 7.22
CA THR C 642 -10.61 -17.45 7.73
C THR C 642 -11.72 -18.39 7.32
N PHE C 643 -12.56 -18.78 8.27
CA PHE C 643 -13.67 -19.70 8.03
C PHE C 643 -14.83 -19.25 8.91
N GLY C 644 -15.79 -18.55 8.32
CA GLY C 644 -16.94 -18.08 9.08
C GLY C 644 -16.52 -17.08 10.13
N GLY C 645 -17.09 -17.21 11.31
CA GLY C 645 -16.76 -16.30 12.41
C GLY C 645 -15.42 -16.54 13.04
N GLY C 646 -14.77 -17.66 12.74
CA GLY C 646 -13.47 -17.99 13.29
C GLY C 646 -12.48 -18.42 12.23
N TYR C 647 -11.39 -19.04 12.65
CA TYR C 647 -10.33 -19.52 11.77
C TYR C 647 -10.28 -21.04 11.81
N VAL C 648 -9.57 -21.59 10.83
CA VAL C 648 -9.37 -23.04 10.71
C VAL C 648 -7.86 -23.27 10.72
N TYR C 649 -7.40 -24.12 11.62
CA TYR C 649 -5.98 -24.42 11.74
C TYR C 649 -5.60 -25.59 10.87
N PHE C 650 -4.54 -25.42 10.08
CA PHE C 650 -4.03 -26.45 9.19
C PHE C 650 -2.53 -26.56 9.39
N GLU C 651 -2.05 -27.78 9.65
CA GLU C 651 -0.64 -28.05 9.86
C GLU C 651 -0.24 -29.20 8.94
N GLU C 652 0.88 -29.02 8.24
CA GLU C 652 1.38 -30.03 7.30
C GLU C 652 0.34 -30.38 6.24
N TYR C 653 -0.50 -29.41 5.89
CA TYR C 653 -1.55 -29.60 4.89
C TYR C 653 -2.52 -30.70 5.32
N ALA C 654 -3.07 -30.54 6.52
CA ALA C 654 -4.02 -31.48 7.08
C ALA C 654 -4.87 -30.74 8.12
N TYR C 655 -6.18 -30.91 8.02
CA TYR C 655 -7.09 -30.24 8.95
C TYR C 655 -6.82 -30.73 10.37
N SER C 656 -6.46 -29.79 11.25
CA SER C 656 -6.19 -30.11 12.65
C SER C 656 -7.43 -29.88 13.51
N HIS C 657 -7.91 -28.65 13.54
CA HIS C 657 -9.08 -28.29 14.32
C HIS C 657 -9.47 -26.86 14.00
N GLN C 658 -10.72 -26.51 14.32
CA GLN C 658 -11.26 -25.18 14.09
C GLN C 658 -11.26 -24.43 15.42
N LEU C 659 -10.63 -23.26 15.44
CA LEU C 659 -10.53 -22.42 16.63
C LEU C 659 -11.32 -21.14 16.43
N SER C 660 -11.99 -20.70 17.48
CA SER C 660 -12.80 -19.49 17.41
C SER C 660 -11.90 -18.26 17.28
N ARG C 661 -12.54 -17.10 17.12
CA ARG C 661 -11.80 -15.85 16.98
C ARG C 661 -11.08 -15.46 18.26
N ALA C 662 -11.63 -15.84 19.42
CA ALA C 662 -11.02 -15.50 20.70
C ALA C 662 -9.81 -16.35 21.03
N ASP C 663 -9.52 -17.39 20.25
CA ASP C 663 -8.37 -18.26 20.51
C ASP C 663 -7.06 -17.71 19.96
N ILE C 664 -7.08 -16.55 19.30
CA ILE C 664 -5.88 -15.95 18.73
C ILE C 664 -5.79 -14.52 19.25
N THR C 665 -4.59 -14.12 19.66
CA THR C 665 -4.37 -12.77 20.16
C THR C 665 -4.70 -11.77 19.07
N THR C 666 -5.28 -10.63 19.47
CA THR C 666 -5.69 -9.59 18.54
C THR C 666 -5.04 -8.26 18.91
N VAL C 667 -4.41 -7.62 17.93
CA VAL C 667 -3.77 -6.32 18.13
C VAL C 667 -4.70 -5.31 17.45
N SER C 668 -5.70 -4.85 18.21
CA SER C 668 -6.67 -3.89 17.70
C SER C 668 -6.09 -2.49 17.63
N THR C 669 -5.50 -2.02 18.72
CA THR C 669 -4.90 -0.69 18.74
C THR C 669 -3.74 -0.62 17.75
N PHE C 670 -3.37 0.61 17.37
CA PHE C 670 -2.28 0.80 16.43
C PHE C 670 -0.96 0.27 17.00
N ILE C 671 -0.70 0.54 18.28
CA ILE C 671 0.52 0.09 18.96
C ILE C 671 0.11 -0.75 20.15
N ASP C 672 0.66 -1.96 20.25
CA ASP C 672 0.37 -2.88 21.34
C ASP C 672 1.68 -3.56 21.74
N LEU C 673 2.27 -3.08 22.83
CA LEU C 673 3.53 -3.61 23.35
C LEU C 673 3.34 -4.69 24.41
N ASN C 674 2.11 -5.02 24.78
CA ASN C 674 1.86 -6.02 25.81
C ASN C 674 1.81 -7.46 25.27
N ILE C 675 2.25 -7.69 24.04
CA ILE C 675 2.24 -9.04 23.50
C ILE C 675 3.23 -9.89 24.28
N THR C 676 2.89 -11.18 24.46
CA THR C 676 3.74 -12.12 25.19
C THR C 676 4.72 -12.85 24.27
N MET C 677 5.16 -12.18 23.21
CA MET C 677 6.09 -12.74 22.24
C MET C 677 7.40 -13.19 22.89
N LEU C 678 7.97 -14.27 22.34
CA LEU C 678 9.22 -14.85 22.81
C LEU C 678 10.16 -15.08 21.64
N GLU C 679 11.40 -15.44 21.97
CA GLU C 679 12.42 -15.70 20.96
C GLU C 679 12.16 -17.06 20.31
N ASP C 680 11.75 -17.04 19.05
CA ASP C 680 11.46 -18.28 18.34
C ASP C 680 12.75 -18.95 17.86
N HIS C 681 12.77 -20.28 17.95
CA HIS C 681 13.90 -21.09 17.53
C HIS C 681 13.45 -21.87 16.30
N GLU C 682 14.16 -21.67 15.19
CA GLU C 682 13.81 -22.34 13.94
C GLU C 682 14.01 -23.85 14.04
N PHE C 683 12.91 -24.61 14.06
CA PHE C 683 12.95 -26.06 14.14
C PHE C 683 12.84 -26.63 12.72
N VAL C 684 13.92 -26.48 11.98
CA VAL C 684 13.99 -26.94 10.59
C VAL C 684 13.90 -28.47 10.56
N PRO C 685 12.93 -29.07 9.85
CA PRO C 685 12.87 -30.53 9.82
C PRO C 685 14.13 -31.11 9.18
N LEU C 686 14.58 -32.24 9.70
CA LEU C 686 15.78 -32.89 9.18
C LEU C 686 15.61 -33.38 7.75
N GLU C 687 14.37 -33.65 7.31
CA GLU C 687 14.16 -34.15 5.96
C GLU C 687 14.63 -33.17 4.89
N VAL C 688 14.55 -31.86 5.17
CA VAL C 688 14.96 -30.88 4.16
C VAL C 688 16.48 -30.93 3.95
N TYR C 689 17.24 -31.24 5.00
CA TYR C 689 18.69 -31.29 4.86
C TYR C 689 19.17 -32.51 4.08
N THR C 690 18.34 -33.55 3.97
CA THR C 690 18.69 -34.78 3.24
C THR C 690 18.02 -34.87 1.88
N ARG C 691 16.71 -34.61 1.82
CA ARG C 691 15.96 -34.70 0.57
C ARG C 691 16.04 -33.42 -0.26
N HIS C 692 16.88 -32.45 0.13
CA HIS C 692 17.09 -31.17 -0.55
C HIS C 692 15.80 -30.52 -1.05
N GLU C 693 14.72 -30.63 -0.27
CA GLU C 693 13.44 -30.04 -0.64
C GLU C 693 13.39 -28.61 -0.13
N ILE C 694 12.21 -27.98 -0.19
CA ILE C 694 12.01 -26.61 0.24
C ILE C 694 11.26 -26.60 1.57
N LYS C 695 11.51 -25.56 2.36
CA LYS C 695 10.90 -25.37 3.67
C LYS C 695 9.84 -24.28 3.58
N ASP C 696 8.81 -24.38 4.42
CA ASP C 696 7.73 -23.41 4.42
C ASP C 696 8.23 -22.02 4.81
N SER C 697 7.62 -21.00 4.20
CA SER C 697 7.97 -19.62 4.47
C SER C 697 6.76 -18.70 4.55
N GLY C 698 5.54 -19.24 4.58
CA GLY C 698 4.37 -18.39 4.63
C GLY C 698 4.20 -17.62 3.33
N LEU C 699 3.24 -16.70 3.35
CA LEU C 699 2.99 -15.88 2.16
C LEU C 699 4.23 -15.02 1.91
N LEU C 700 4.57 -14.85 0.64
CA LEU C 700 5.75 -14.09 0.27
C LEU C 700 5.62 -12.61 0.61
N ASP C 701 6.70 -12.06 1.14
CA ASP C 701 6.83 -10.65 1.47
C ASP C 701 7.06 -9.89 0.17
N TYR C 702 6.85 -8.57 0.20
CA TYR C 702 7.05 -7.80 -1.03
C TYR C 702 8.48 -7.96 -1.51
N THR C 703 9.44 -7.98 -0.59
CA THR C 703 10.83 -8.18 -0.99
C THR C 703 11.04 -9.62 -1.43
N GLU C 704 10.32 -10.58 -0.81
CA GLU C 704 10.46 -11.97 -1.20
C GLU C 704 9.89 -12.21 -2.59
N VAL C 705 8.67 -11.72 -2.84
CA VAL C 705 8.07 -11.89 -4.17
C VAL C 705 8.90 -11.11 -5.19
N GLN C 706 9.41 -9.94 -4.80
CA GLN C 706 10.26 -9.17 -5.68
C GLN C 706 11.61 -9.83 -5.87
N ARG C 707 11.93 -10.83 -5.04
CA ARG C 707 13.16 -11.60 -5.13
C ARG C 707 12.93 -12.95 -5.77
N ARG C 708 11.74 -13.53 -5.61
CA ARG C 708 11.44 -14.82 -6.21
C ARG C 708 11.53 -14.73 -7.74
N ASN C 709 11.00 -13.65 -8.32
CA ASN C 709 11.07 -13.50 -9.76
C ASN C 709 12.51 -13.36 -10.23
N GLN C 710 13.40 -12.84 -9.36
CA GLN C 710 14.80 -12.71 -9.74
C GLN C 710 15.39 -14.10 -10.00
N LEU C 711 15.07 -15.07 -9.14
CA LEU C 711 15.56 -16.43 -9.35
C LEU C 711 15.00 -16.97 -10.66
N HIS C 712 13.73 -16.65 -10.96
CA HIS C 712 13.13 -17.11 -12.20
C HIS C 712 13.86 -16.53 -13.40
N ASP C 713 14.22 -15.25 -13.32
CA ASP C 713 14.94 -14.60 -14.42
C ASP C 713 16.23 -15.34 -14.73
N LEU C 714 16.90 -15.84 -13.69
CA LEU C 714 18.14 -16.59 -13.90
C LEU C 714 17.86 -17.95 -14.51
N ARG C 715 16.70 -18.54 -14.21
CA ARG C 715 16.35 -19.84 -14.76
C ARG C 715 16.20 -19.78 -16.27
N PHE C 716 15.54 -18.74 -16.79
CA PHE C 716 15.38 -18.64 -18.24
C PHE C 716 16.72 -18.43 -18.92
N ALA C 717 17.63 -17.67 -18.29
CA ALA C 717 18.94 -17.46 -18.88
C ALA C 717 19.68 -18.78 -19.04
N ASP C 718 19.61 -19.63 -18.02
CA ASP C 718 20.26 -20.94 -18.11
C ASP C 718 19.62 -21.78 -19.20
N ILE C 719 18.29 -21.77 -19.28
CA ILE C 719 17.59 -22.54 -20.31
C ILE C 719 17.93 -21.99 -21.69
N ASP C 720 17.92 -20.66 -21.84
CA ASP C 720 18.24 -20.06 -23.13
C ASP C 720 19.69 -20.34 -23.52
N THR C 721 20.61 -20.27 -22.57
CA THR C 721 22.02 -20.52 -22.83
C THR C 721 22.25 -21.99 -23.16
#